data_3GY9
# 
_entry.id   3GY9 
# 
_audit_conform.dict_name       mmcif_pdbx.dic 
_audit_conform.dict_version    5.397 
_audit_conform.dict_location   http://mmcif.pdb.org/dictionaries/ascii/mmcif_pdbx.dic 
# 
loop_
_database_2.database_id 
_database_2.database_code 
_database_2.pdbx_database_accession 
_database_2.pdbx_DOI 
PDB   3GY9         pdb_00003gy9 10.2210/pdb3gy9/pdb 
RCSB  RCSB052456   ?            ?                   
WWPDB D_1000052456 ?            ?                   
# 
loop_
_pdbx_audit_revision_history.ordinal 
_pdbx_audit_revision_history.data_content_type 
_pdbx_audit_revision_history.major_revision 
_pdbx_audit_revision_history.minor_revision 
_pdbx_audit_revision_history.revision_date 
1 'Structure model' 1 0 2009-04-21 
2 'Structure model' 1 1 2011-07-13 
3 'Structure model' 1 2 2017-11-01 
4 'Structure model' 1 3 2019-07-24 
5 'Structure model' 1 4 2023-02-01 
6 'Structure model' 1 5 2024-10-16 
# 
_pdbx_audit_revision_details.ordinal             1 
_pdbx_audit_revision_details.revision_ordinal    1 
_pdbx_audit_revision_details.data_content_type   'Structure model' 
_pdbx_audit_revision_details.provider            repository 
_pdbx_audit_revision_details.type                'Initial release' 
_pdbx_audit_revision_details.description         ? 
_pdbx_audit_revision_details.details             ? 
# 
loop_
_pdbx_audit_revision_group.ordinal 
_pdbx_audit_revision_group.revision_ordinal 
_pdbx_audit_revision_group.data_content_type 
_pdbx_audit_revision_group.group 
1  2 'Structure model' Advisory                    
2  2 'Structure model' 'Derived calculations'      
3  2 'Structure model' 'Version format compliance' 
4  3 'Structure model' 'Refinement description'    
5  4 'Structure model' 'Data collection'           
6  4 'Structure model' 'Derived calculations'      
7  4 'Structure model' 'Refinement description'    
8  5 'Structure model' 'Database references'       
9  5 'Structure model' 'Derived calculations'      
10 6 'Structure model' 'Data collection'           
11 6 'Structure model' 'Structure summary'         
# 
loop_
_pdbx_audit_revision_category.ordinal 
_pdbx_audit_revision_category.revision_ordinal 
_pdbx_audit_revision_category.data_content_type 
_pdbx_audit_revision_category.category 
1  3 'Structure model' software                  
2  4 'Structure model' software                  
3  4 'Structure model' struct_conn               
4  5 'Structure model' database_2                
5  5 'Structure model' struct_ref_seq_dif        
6  5 'Structure model' struct_site               
7  6 'Structure model' chem_comp_atom            
8  6 'Structure model' chem_comp_bond            
9  6 'Structure model' pdbx_entry_details        
10 6 'Structure model' pdbx_modification_feature 
# 
loop_
_pdbx_audit_revision_item.ordinal 
_pdbx_audit_revision_item.revision_ordinal 
_pdbx_audit_revision_item.data_content_type 
_pdbx_audit_revision_item.item 
1  3 'Structure model' '_software.classification'                     
2  3 'Structure model' '_software.name'                               
3  4 'Structure model' '_software.classification'                     
4  4 'Structure model' '_software.contact_author'                     
5  4 'Structure model' '_software.contact_author_email'               
6  4 'Structure model' '_software.language'                           
7  4 'Structure model' '_software.location'                           
8  4 'Structure model' '_software.name'                               
9  4 'Structure model' '_software.type'                               
10 4 'Structure model' '_software.version'                            
11 4 'Structure model' '_struct_conn.pdbx_leaving_atom_flag'          
12 5 'Structure model' '_database_2.pdbx_DOI'                         
13 5 'Structure model' '_database_2.pdbx_database_accession'          
14 5 'Structure model' '_struct_ref_seq_dif.details'                  
15 5 'Structure model' '_struct_site.pdbx_auth_asym_id'               
16 5 'Structure model' '_struct_site.pdbx_auth_comp_id'               
17 5 'Structure model' '_struct_site.pdbx_auth_seq_id'                
18 6 'Structure model' '_pdbx_entry_details.has_protein_modification' 
# 
_pdbx_database_status.SG_entry                        Y 
_pdbx_database_status.entry_id                        3GY9 
_pdbx_database_status.deposit_site                    RCSB 
_pdbx_database_status.process_site                    RCSB 
_pdbx_database_status.recvd_initial_deposition_date   2009-04-03 
_pdbx_database_status.status_code                     REL 
_pdbx_database_status.status_code_sf                  REL 
_pdbx_database_status.status_code_mr                  ? 
_pdbx_database_status.pdb_format_compatible           Y 
_pdbx_database_status.status_code_cs                  ? 
_pdbx_database_status.methods_development_category    ? 
_pdbx_database_status.status_code_nmr_data            ? 
# 
_pdbx_database_related.db_name        TargetDB 
_pdbx_database_related.db_id          379362 
_pdbx_database_related.details        . 
_pdbx_database_related.content_type   unspecified 
# 
_audit_author.name           'Joint Center for Structural Genomics (JCSG)' 
_audit_author.pdbx_ordinal   1 
# 
_citation.id                        primary 
_citation.title                     
'Crystal structure of putative acetyltransferase (YP_001815201.1) from EXIGUOBACTERIUM SP. 255-15 at 1.52 A resolution' 
_citation.journal_abbrev            'To be published' 
_citation.journal_volume            ? 
_citation.page_first                ? 
_citation.page_last                 ? 
_citation.year                      ? 
_citation.journal_id_ASTM           ? 
_citation.country                   ? 
_citation.journal_id_ISSN           ? 
_citation.journal_id_CSD            0353 
_citation.book_publisher            ? 
_citation.pdbx_database_id_PubMed   ? 
_citation.pdbx_database_id_DOI      ? 
# 
_citation_author.citation_id        primary 
_citation_author.name               'Joint Center for Structural Genomics (JCSG)' 
_citation_author.ordinal            1 
_citation_author.identifier_ORCID   ? 
# 
loop_
_entity.id 
_entity.type 
_entity.src_method 
_entity.pdbx_description 
_entity.formula_weight 
_entity.pdbx_number_of_molecules 
_entity.pdbx_ec 
_entity.pdbx_mutation 
_entity.pdbx_fragment 
_entity.details 
1 polymer     man 'GCN5-related N-acetyltransferase' 17201.553 1   ? ? ? ? 
2 non-polymer syn 'COENZYME A'                       767.534   1   ? ? ? ? 
3 non-polymer syn 'SULFATE ION'                      96.063    4   ? ? ? ? 
4 non-polymer syn GLYCEROL                           92.094    2   ? ? ? ? 
5 water       nat water                              18.015    137 ? ? ? ? 
# 
_entity_poly.entity_id                      1 
_entity_poly.type                           'polypeptide(L)' 
_entity_poly.nstd_linkage                   no 
_entity_poly.nstd_monomer                   yes 
_entity_poly.pdbx_seq_one_letter_code       
;G(MSE)DVTIERVNDFDGYNWLPLLAKSSQEGFQLVER(MSE)LRNRREESFQEDGEA(MSE)FVALSTTNQVLACGGY
(MSE)KQSGQARTGRIRHVYVLPEARSHGIGTALLEKI(MSE)SEAFLTYDRLVLYSEQADPFYQGLGFQLVSGEKITHT
LDKTAFADSNR
;
_entity_poly.pdbx_seq_one_letter_code_can   
;GMDVTIERVNDFDGYNWLPLLAKSSQEGFQLVERMLRNRREESFQEDGEAMFVALSTTNQVLACGGYMKQSGQARTGRIR
HVYVLPEARSHGIGTALLEKIMSEAFLTYDRLVLYSEQADPFYQGLGFQLVSGEKITHTLDKTAFADSNR
;
_entity_poly.pdbx_strand_id                 A 
_entity_poly.pdbx_target_identifier         379362 
# 
loop_
_pdbx_entity_nonpoly.entity_id 
_pdbx_entity_nonpoly.name 
_pdbx_entity_nonpoly.comp_id 
2 'COENZYME A'  COA 
3 'SULFATE ION' SO4 
4 GLYCEROL      GOL 
5 water         HOH 
# 
loop_
_entity_poly_seq.entity_id 
_entity_poly_seq.num 
_entity_poly_seq.mon_id 
_entity_poly_seq.hetero 
1 1   GLY n 
1 2   MSE n 
1 3   ASP n 
1 4   VAL n 
1 5   THR n 
1 6   ILE n 
1 7   GLU n 
1 8   ARG n 
1 9   VAL n 
1 10  ASN n 
1 11  ASP n 
1 12  PHE n 
1 13  ASP n 
1 14  GLY n 
1 15  TYR n 
1 16  ASN n 
1 17  TRP n 
1 18  LEU n 
1 19  PRO n 
1 20  LEU n 
1 21  LEU n 
1 22  ALA n 
1 23  LYS n 
1 24  SER n 
1 25  SER n 
1 26  GLN n 
1 27  GLU n 
1 28  GLY n 
1 29  PHE n 
1 30  GLN n 
1 31  LEU n 
1 32  VAL n 
1 33  GLU n 
1 34  ARG n 
1 35  MSE n 
1 36  LEU n 
1 37  ARG n 
1 38  ASN n 
1 39  ARG n 
1 40  ARG n 
1 41  GLU n 
1 42  GLU n 
1 43  SER n 
1 44  PHE n 
1 45  GLN n 
1 46  GLU n 
1 47  ASP n 
1 48  GLY n 
1 49  GLU n 
1 50  ALA n 
1 51  MSE n 
1 52  PHE n 
1 53  VAL n 
1 54  ALA n 
1 55  LEU n 
1 56  SER n 
1 57  THR n 
1 58  THR n 
1 59  ASN n 
1 60  GLN n 
1 61  VAL n 
1 62  LEU n 
1 63  ALA n 
1 64  CYS n 
1 65  GLY n 
1 66  GLY n 
1 67  TYR n 
1 68  MSE n 
1 69  LYS n 
1 70  GLN n 
1 71  SER n 
1 72  GLY n 
1 73  GLN n 
1 74  ALA n 
1 75  ARG n 
1 76  THR n 
1 77  GLY n 
1 78  ARG n 
1 79  ILE n 
1 80  ARG n 
1 81  HIS n 
1 82  VAL n 
1 83  TYR n 
1 84  VAL n 
1 85  LEU n 
1 86  PRO n 
1 87  GLU n 
1 88  ALA n 
1 89  ARG n 
1 90  SER n 
1 91  HIS n 
1 92  GLY n 
1 93  ILE n 
1 94  GLY n 
1 95  THR n 
1 96  ALA n 
1 97  LEU n 
1 98  LEU n 
1 99  GLU n 
1 100 LYS n 
1 101 ILE n 
1 102 MSE n 
1 103 SER n 
1 104 GLU n 
1 105 ALA n 
1 106 PHE n 
1 107 LEU n 
1 108 THR n 
1 109 TYR n 
1 110 ASP n 
1 111 ARG n 
1 112 LEU n 
1 113 VAL n 
1 114 LEU n 
1 115 TYR n 
1 116 SER n 
1 117 GLU n 
1 118 GLN n 
1 119 ALA n 
1 120 ASP n 
1 121 PRO n 
1 122 PHE n 
1 123 TYR n 
1 124 GLN n 
1 125 GLY n 
1 126 LEU n 
1 127 GLY n 
1 128 PHE n 
1 129 GLN n 
1 130 LEU n 
1 131 VAL n 
1 132 SER n 
1 133 GLY n 
1 134 GLU n 
1 135 LYS n 
1 136 ILE n 
1 137 THR n 
1 138 HIS n 
1 139 THR n 
1 140 LEU n 
1 141 ASP n 
1 142 LYS n 
1 143 THR n 
1 144 ALA n 
1 145 PHE n 
1 146 ALA n 
1 147 ASP n 
1 148 SER n 
1 149 ASN n 
1 150 ARG n 
# 
_entity_src_gen.entity_id                          1 
_entity_src_gen.pdbx_src_id                        1 
_entity_src_gen.pdbx_alt_source_flag               sample 
_entity_src_gen.pdbx_seq_type                      ? 
_entity_src_gen.pdbx_beg_seq_num                   ? 
_entity_src_gen.pdbx_end_seq_num                   ? 
_entity_src_gen.gene_src_common_name               ? 
_entity_src_gen.gene_src_genus                     ? 
_entity_src_gen.pdbx_gene_src_gene                 'Exig_2736, YP_001815201.1' 
_entity_src_gen.gene_src_species                   ? 
_entity_src_gen.gene_src_strain                    ? 
_entity_src_gen.gene_src_tissue                    ? 
_entity_src_gen.gene_src_tissue_fraction           ? 
_entity_src_gen.gene_src_details                   ? 
_entity_src_gen.pdbx_gene_src_fragment             ? 
_entity_src_gen.pdbx_gene_src_scientific_name      'Exiguobacterium sibiricum 255-15' 
_entity_src_gen.pdbx_gene_src_ncbi_taxonomy_id     262543 
_entity_src_gen.pdbx_gene_src_variant              ? 
_entity_src_gen.pdbx_gene_src_cell_line            ? 
_entity_src_gen.pdbx_gene_src_atcc                 ? 
_entity_src_gen.pdbx_gene_src_organ                ? 
_entity_src_gen.pdbx_gene_src_organelle            ? 
_entity_src_gen.pdbx_gene_src_cell                 ? 
_entity_src_gen.pdbx_gene_src_cellular_location    ? 
_entity_src_gen.host_org_common_name               ? 
_entity_src_gen.pdbx_host_org_scientific_name      'Escherichia Coli' 
_entity_src_gen.pdbx_host_org_ncbi_taxonomy_id     562 
_entity_src_gen.host_org_genus                     ? 
_entity_src_gen.pdbx_host_org_gene                 ? 
_entity_src_gen.pdbx_host_org_organ                ? 
_entity_src_gen.host_org_species                   ? 
_entity_src_gen.pdbx_host_org_tissue               ? 
_entity_src_gen.pdbx_host_org_tissue_fraction      ? 
_entity_src_gen.pdbx_host_org_strain               HK100 
_entity_src_gen.pdbx_host_org_variant              ? 
_entity_src_gen.pdbx_host_org_cell_line            ? 
_entity_src_gen.pdbx_host_org_atcc                 ? 
_entity_src_gen.pdbx_host_org_culture_collection   ? 
_entity_src_gen.pdbx_host_org_cell                 ? 
_entity_src_gen.pdbx_host_org_organelle            ? 
_entity_src_gen.pdbx_host_org_cellular_location    ? 
_entity_src_gen.pdbx_host_org_vector_type          Plasmid 
_entity_src_gen.pdbx_host_org_vector               ? 
_entity_src_gen.host_org_details                   ? 
_entity_src_gen.expression_system_id               ? 
_entity_src_gen.plasmid_name                       SpeedET 
_entity_src_gen.plasmid_details                    ? 
_entity_src_gen.pdbx_description                   ? 
# 
loop_
_chem_comp.id 
_chem_comp.type 
_chem_comp.mon_nstd_flag 
_chem_comp.name 
_chem_comp.pdbx_synonyms 
_chem_comp.formula 
_chem_comp.formula_weight 
ALA 'L-peptide linking' y ALANINE          ?                               'C3 H7 N O2'          89.093  
ARG 'L-peptide linking' y ARGININE         ?                               'C6 H15 N4 O2 1'      175.209 
ASN 'L-peptide linking' y ASPARAGINE       ?                               'C4 H8 N2 O3'         132.118 
ASP 'L-peptide linking' y 'ASPARTIC ACID'  ?                               'C4 H7 N O4'          133.103 
COA non-polymer         . 'COENZYME A'     ?                               'C21 H36 N7 O16 P3 S' 767.534 
CYS 'L-peptide linking' y CYSTEINE         ?                               'C3 H7 N O2 S'        121.158 
GLN 'L-peptide linking' y GLUTAMINE        ?                               'C5 H10 N2 O3'        146.144 
GLU 'L-peptide linking' y 'GLUTAMIC ACID'  ?                               'C5 H9 N O4'          147.129 
GLY 'peptide linking'   y GLYCINE          ?                               'C2 H5 N O2'          75.067  
GOL non-polymer         . GLYCEROL         'GLYCERIN; PROPANE-1,2,3-TRIOL' 'C3 H8 O3'            92.094  
HIS 'L-peptide linking' y HISTIDINE        ?                               'C6 H10 N3 O2 1'      156.162 
HOH non-polymer         . WATER            ?                               'H2 O'                18.015  
ILE 'L-peptide linking' y ISOLEUCINE       ?                               'C6 H13 N O2'         131.173 
LEU 'L-peptide linking' y LEUCINE          ?                               'C6 H13 N O2'         131.173 
LYS 'L-peptide linking' y LYSINE           ?                               'C6 H15 N2 O2 1'      147.195 
MSE 'L-peptide linking' n SELENOMETHIONINE ?                               'C5 H11 N O2 Se'      196.106 
PHE 'L-peptide linking' y PHENYLALANINE    ?                               'C9 H11 N O2'         165.189 
PRO 'L-peptide linking' y PROLINE          ?                               'C5 H9 N O2'          115.130 
SER 'L-peptide linking' y SERINE           ?                               'C3 H7 N O3'          105.093 
SO4 non-polymer         . 'SULFATE ION'    ?                               'O4 S -2'             96.063  
THR 'L-peptide linking' y THREONINE        ?                               'C4 H9 N O3'          119.119 
TRP 'L-peptide linking' y TRYPTOPHAN       ?                               'C11 H12 N2 O2'       204.225 
TYR 'L-peptide linking' y TYROSINE         ?                               'C9 H11 N O3'         181.189 
VAL 'L-peptide linking' y VALINE           ?                               'C5 H11 N O2'         117.146 
# 
loop_
_pdbx_poly_seq_scheme.asym_id 
_pdbx_poly_seq_scheme.entity_id 
_pdbx_poly_seq_scheme.seq_id 
_pdbx_poly_seq_scheme.mon_id 
_pdbx_poly_seq_scheme.ndb_seq_num 
_pdbx_poly_seq_scheme.pdb_seq_num 
_pdbx_poly_seq_scheme.auth_seq_num 
_pdbx_poly_seq_scheme.pdb_mon_id 
_pdbx_poly_seq_scheme.auth_mon_id 
_pdbx_poly_seq_scheme.pdb_strand_id 
_pdbx_poly_seq_scheme.pdb_ins_code 
_pdbx_poly_seq_scheme.hetero 
A 1 1   GLY 1   0   ?   ?   ?   A . n 
A 1 2   MSE 2   1   1   MSE MSE A . n 
A 1 3   ASP 3   2   2   ASP ASP A . n 
A 1 4   VAL 4   3   3   VAL VAL A . n 
A 1 5   THR 5   4   4   THR THR A . n 
A 1 6   ILE 6   5   5   ILE ILE A . n 
A 1 7   GLU 7   6   6   GLU GLU A . n 
A 1 8   ARG 8   7   7   ARG ARG A . n 
A 1 9   VAL 9   8   8   VAL VAL A . n 
A 1 10  ASN 10  9   9   ASN ASN A . n 
A 1 11  ASP 11  10  10  ASP ASP A . n 
A 1 12  PHE 12  11  11  PHE PHE A . n 
A 1 13  ASP 13  12  12  ASP ASP A . n 
A 1 14  GLY 14  13  13  GLY GLY A . n 
A 1 15  TYR 15  14  14  TYR TYR A . n 
A 1 16  ASN 16  15  15  ASN ASN A . n 
A 1 17  TRP 17  16  16  TRP TRP A . n 
A 1 18  LEU 18  17  17  LEU LEU A . n 
A 1 19  PRO 19  18  18  PRO PRO A . n 
A 1 20  LEU 20  19  19  LEU LEU A . n 
A 1 21  LEU 21  20  20  LEU LEU A . n 
A 1 22  ALA 22  21  21  ALA ALA A . n 
A 1 23  LYS 23  22  22  LYS LYS A . n 
A 1 24  SER 24  23  23  SER SER A . n 
A 1 25  SER 25  24  24  SER SER A . n 
A 1 26  GLN 26  25  25  GLN GLN A . n 
A 1 27  GLU 27  26  26  GLU GLU A . n 
A 1 28  GLY 28  27  27  GLY GLY A . n 
A 1 29  PHE 29  28  28  PHE PHE A . n 
A 1 30  GLN 30  29  29  GLN GLN A . n 
A 1 31  LEU 31  30  30  LEU LEU A . n 
A 1 32  VAL 32  31  31  VAL VAL A . n 
A 1 33  GLU 33  32  32  GLU GLU A . n 
A 1 34  ARG 34  33  33  ARG ARG A . n 
A 1 35  MSE 35  34  34  MSE MSE A . n 
A 1 36  LEU 36  35  35  LEU LEU A . n 
A 1 37  ARG 37  36  36  ARG ARG A . n 
A 1 38  ASN 38  37  37  ASN ASN A . n 
A 1 39  ARG 39  38  38  ARG ARG A . n 
A 1 40  ARG 40  39  39  ARG ARG A . n 
A 1 41  GLU 41  40  40  GLU GLU A . n 
A 1 42  GLU 42  41  41  GLU GLU A . n 
A 1 43  SER 43  42  42  SER SER A . n 
A 1 44  PHE 44  43  43  PHE PHE A . n 
A 1 45  GLN 45  44  44  GLN GLN A . n 
A 1 46  GLU 46  45  45  GLU GLU A . n 
A 1 47  ASP 47  46  46  ASP ASP A . n 
A 1 48  GLY 48  47  47  GLY GLY A . n 
A 1 49  GLU 49  48  48  GLU GLU A . n 
A 1 50  ALA 50  49  49  ALA ALA A . n 
A 1 51  MSE 51  50  50  MSE MSE A . n 
A 1 52  PHE 52  51  51  PHE PHE A . n 
A 1 53  VAL 53  52  52  VAL VAL A . n 
A 1 54  ALA 54  53  53  ALA ALA A . n 
A 1 55  LEU 55  54  54  LEU LEU A . n 
A 1 56  SER 56  55  55  SER SER A . n 
A 1 57  THR 57  56  56  THR THR A . n 
A 1 58  THR 58  57  57  THR THR A . n 
A 1 59  ASN 59  58  58  ASN ASN A . n 
A 1 60  GLN 60  59  59  GLN GLN A . n 
A 1 61  VAL 61  60  60  VAL VAL A . n 
A 1 62  LEU 62  61  61  LEU LEU A . n 
A 1 63  ALA 63  62  62  ALA ALA A . n 
A 1 64  CYS 64  63  63  CYS CYS A . n 
A 1 65  GLY 65  64  64  GLY GLY A . n 
A 1 66  GLY 66  65  65  GLY GLY A . n 
A 1 67  TYR 67  66  66  TYR TYR A . n 
A 1 68  MSE 68  67  67  MSE MSE A . n 
A 1 69  LYS 69  68  68  LYS LYS A . n 
A 1 70  GLN 70  69  69  GLN GLN A . n 
A 1 71  SER 71  70  70  SER SER A . n 
A 1 72  GLY 72  71  71  GLY GLY A . n 
A 1 73  GLN 73  72  72  GLN GLN A . n 
A 1 74  ALA 74  73  73  ALA ALA A . n 
A 1 75  ARG 75  74  74  ARG ARG A . n 
A 1 76  THR 76  75  75  THR THR A . n 
A 1 77  GLY 77  76  76  GLY GLY A . n 
A 1 78  ARG 78  77  77  ARG ARG A . n 
A 1 79  ILE 79  78  78  ILE ILE A . n 
A 1 80  ARG 80  79  79  ARG ARG A . n 
A 1 81  HIS 81  80  80  HIS HIS A . n 
A 1 82  VAL 82  81  81  VAL VAL A . n 
A 1 83  TYR 83  82  82  TYR TYR A . n 
A 1 84  VAL 84  83  83  VAL VAL A . n 
A 1 85  LEU 85  84  84  LEU LEU A . n 
A 1 86  PRO 86  85  85  PRO PRO A . n 
A 1 87  GLU 87  86  86  GLU GLU A . n 
A 1 88  ALA 88  87  87  ALA ALA A . n 
A 1 89  ARG 89  88  88  ARG ARG A . n 
A 1 90  SER 90  89  89  SER SER A . n 
A 1 91  HIS 91  90  90  HIS HIS A . n 
A 1 92  GLY 92  91  91  GLY GLY A . n 
A 1 93  ILE 93  92  92  ILE ILE A . n 
A 1 94  GLY 94  93  93  GLY GLY A . n 
A 1 95  THR 95  94  94  THR THR A . n 
A 1 96  ALA 96  95  95  ALA ALA A . n 
A 1 97  LEU 97  96  96  LEU LEU A . n 
A 1 98  LEU 98  97  97  LEU LEU A . n 
A 1 99  GLU 99  98  98  GLU GLU A . n 
A 1 100 LYS 100 99  99  LYS LYS A . n 
A 1 101 ILE 101 100 100 ILE ILE A . n 
A 1 102 MSE 102 101 101 MSE MSE A . n 
A 1 103 SER 103 102 102 SER SER A . n 
A 1 104 GLU 104 103 103 GLU GLU A . n 
A 1 105 ALA 105 104 104 ALA ALA A . n 
A 1 106 PHE 106 105 105 PHE PHE A . n 
A 1 107 LEU 107 106 106 LEU LEU A . n 
A 1 108 THR 108 107 107 THR THR A . n 
A 1 109 TYR 109 108 108 TYR TYR A . n 
A 1 110 ASP 110 109 109 ASP ASP A . n 
A 1 111 ARG 111 110 110 ARG ARG A . n 
A 1 112 LEU 112 111 111 LEU LEU A . n 
A 1 113 VAL 113 112 112 VAL VAL A . n 
A 1 114 LEU 114 113 113 LEU LEU A . n 
A 1 115 TYR 115 114 114 TYR TYR A . n 
A 1 116 SER 116 115 115 SER SER A . n 
A 1 117 GLU 117 116 116 GLU GLU A . n 
A 1 118 GLN 118 117 117 GLN GLN A . n 
A 1 119 ALA 119 118 118 ALA ALA A . n 
A 1 120 ASP 120 119 119 ASP ASP A . n 
A 1 121 PRO 121 120 120 PRO PRO A . n 
A 1 122 PHE 122 121 121 PHE PHE A . n 
A 1 123 TYR 123 122 122 TYR TYR A . n 
A 1 124 GLN 124 123 123 GLN GLN A . n 
A 1 125 GLY 125 124 124 GLY GLY A . n 
A 1 126 LEU 126 125 125 LEU LEU A . n 
A 1 127 GLY 127 126 126 GLY GLY A . n 
A 1 128 PHE 128 127 127 PHE PHE A . n 
A 1 129 GLN 129 128 128 GLN GLN A . n 
A 1 130 LEU 130 129 129 LEU LEU A . n 
A 1 131 VAL 131 130 130 VAL VAL A . n 
A 1 132 SER 132 131 131 SER SER A . n 
A 1 133 GLY 133 132 132 GLY GLY A . n 
A 1 134 GLU 134 133 133 GLU GLU A . n 
A 1 135 LYS 135 134 134 LYS LYS A . n 
A 1 136 ILE 136 135 135 ILE ILE A . n 
A 1 137 THR 137 136 136 THR THR A . n 
A 1 138 HIS 138 137 137 HIS HIS A . n 
A 1 139 THR 139 138 138 THR THR A . n 
A 1 140 LEU 140 139 139 LEU LEU A . n 
A 1 141 ASP 141 140 140 ASP ASP A . n 
A 1 142 LYS 142 141 141 LYS LYS A . n 
A 1 143 THR 143 142 142 THR THR A . n 
A 1 144 ALA 144 143 143 ALA ALA A . n 
A 1 145 PHE 145 144 144 PHE PHE A . n 
A 1 146 ALA 146 145 145 ALA ALA A . n 
A 1 147 ASP 147 146 146 ASP ASP A . n 
A 1 148 SER 148 147 147 SER SER A . n 
A 1 149 ASN 149 148 148 ASN ASN A . n 
A 1 150 ARG 150 149 149 ARG ARG A . n 
# 
loop_
_pdbx_nonpoly_scheme.asym_id 
_pdbx_nonpoly_scheme.entity_id 
_pdbx_nonpoly_scheme.mon_id 
_pdbx_nonpoly_scheme.ndb_seq_num 
_pdbx_nonpoly_scheme.pdb_seq_num 
_pdbx_nonpoly_scheme.auth_seq_num 
_pdbx_nonpoly_scheme.pdb_mon_id 
_pdbx_nonpoly_scheme.auth_mon_id 
_pdbx_nonpoly_scheme.pdb_strand_id 
_pdbx_nonpoly_scheme.pdb_ins_code 
B 2 COA 1   201 201 COA COA A . 
C 3 SO4 1   202 202 SO4 SO4 A . 
D 3 SO4 1   203 203 SO4 SO4 A . 
E 3 SO4 1   204 204 SO4 SO4 A . 
F 3 SO4 1   205 205 SO4 SO4 A . 
G 4 GOL 1   206 206 GOL GOL A . 
H 4 GOL 1   207 207 GOL GOL A . 
I 5 HOH 1   208 208 HOH HOH A . 
I 5 HOH 2   209 209 HOH HOH A . 
I 5 HOH 3   210 210 HOH HOH A . 
I 5 HOH 4   211 211 HOH HOH A . 
I 5 HOH 5   212 212 HOH HOH A . 
I 5 HOH 6   213 213 HOH HOH A . 
I 5 HOH 7   214 214 HOH HOH A . 
I 5 HOH 8   215 215 HOH HOH A . 
I 5 HOH 9   216 216 HOH HOH A . 
I 5 HOH 10  217 217 HOH HOH A . 
I 5 HOH 11  218 218 HOH HOH A . 
I 5 HOH 12  219 219 HOH HOH A . 
I 5 HOH 13  220 220 HOH HOH A . 
I 5 HOH 14  221 221 HOH HOH A . 
I 5 HOH 15  222 222 HOH HOH A . 
I 5 HOH 16  223 223 HOH HOH A . 
I 5 HOH 17  224 224 HOH HOH A . 
I 5 HOH 18  225 225 HOH HOH A . 
I 5 HOH 19  226 226 HOH HOH A . 
I 5 HOH 20  227 227 HOH HOH A . 
I 5 HOH 21  228 228 HOH HOH A . 
I 5 HOH 22  229 229 HOH HOH A . 
I 5 HOH 23  230 230 HOH HOH A . 
I 5 HOH 24  231 231 HOH HOH A . 
I 5 HOH 25  232 232 HOH HOH A . 
I 5 HOH 26  233 233 HOH HOH A . 
I 5 HOH 27  234 234 HOH HOH A . 
I 5 HOH 28  235 235 HOH HOH A . 
I 5 HOH 29  236 236 HOH HOH A . 
I 5 HOH 30  237 237 HOH HOH A . 
I 5 HOH 31  238 238 HOH HOH A . 
I 5 HOH 32  239 239 HOH HOH A . 
I 5 HOH 33  240 240 HOH HOH A . 
I 5 HOH 34  241 241 HOH HOH A . 
I 5 HOH 35  242 242 HOH HOH A . 
I 5 HOH 36  243 243 HOH HOH A . 
I 5 HOH 37  244 244 HOH HOH A . 
I 5 HOH 38  245 245 HOH HOH A . 
I 5 HOH 39  246 246 HOH HOH A . 
I 5 HOH 40  247 247 HOH HOH A . 
I 5 HOH 41  248 248 HOH HOH A . 
I 5 HOH 42  249 249 HOH HOH A . 
I 5 HOH 43  250 250 HOH HOH A . 
I 5 HOH 44  251 251 HOH HOH A . 
I 5 HOH 45  252 252 HOH HOH A . 
I 5 HOH 46  253 253 HOH HOH A . 
I 5 HOH 47  254 254 HOH HOH A . 
I 5 HOH 48  255 255 HOH HOH A . 
I 5 HOH 49  256 256 HOH HOH A . 
I 5 HOH 50  257 257 HOH HOH A . 
I 5 HOH 51  258 258 HOH HOH A . 
I 5 HOH 52  259 259 HOH HOH A . 
I 5 HOH 53  260 260 HOH HOH A . 
I 5 HOH 54  261 261 HOH HOH A . 
I 5 HOH 55  262 262 HOH HOH A . 
I 5 HOH 56  263 263 HOH HOH A . 
I 5 HOH 57  264 264 HOH HOH A . 
I 5 HOH 58  265 265 HOH HOH A . 
I 5 HOH 59  266 266 HOH HOH A . 
I 5 HOH 60  267 267 HOH HOH A . 
I 5 HOH 61  268 268 HOH HOH A . 
I 5 HOH 62  269 269 HOH HOH A . 
I 5 HOH 63  270 270 HOH HOH A . 
I 5 HOH 64  271 271 HOH HOH A . 
I 5 HOH 65  272 272 HOH HOH A . 
I 5 HOH 66  273 273 HOH HOH A . 
I 5 HOH 67  274 274 HOH HOH A . 
I 5 HOH 68  275 275 HOH HOH A . 
I 5 HOH 69  276 276 HOH HOH A . 
I 5 HOH 70  277 277 HOH HOH A . 
I 5 HOH 71  278 278 HOH HOH A . 
I 5 HOH 72  279 279 HOH HOH A . 
I 5 HOH 73  280 280 HOH HOH A . 
I 5 HOH 74  281 281 HOH HOH A . 
I 5 HOH 75  282 282 HOH HOH A . 
I 5 HOH 76  283 283 HOH HOH A . 
I 5 HOH 77  284 284 HOH HOH A . 
I 5 HOH 78  285 285 HOH HOH A . 
I 5 HOH 79  286 286 HOH HOH A . 
I 5 HOH 80  287 287 HOH HOH A . 
I 5 HOH 81  288 288 HOH HOH A . 
I 5 HOH 82  289 289 HOH HOH A . 
I 5 HOH 83  290 290 HOH HOH A . 
I 5 HOH 84  291 291 HOH HOH A . 
I 5 HOH 85  292 292 HOH HOH A . 
I 5 HOH 86  293 293 HOH HOH A . 
I 5 HOH 87  294 294 HOH HOH A . 
I 5 HOH 88  295 295 HOH HOH A . 
I 5 HOH 89  296 296 HOH HOH A . 
I 5 HOH 90  297 297 HOH HOH A . 
I 5 HOH 91  298 298 HOH HOH A . 
I 5 HOH 92  299 299 HOH HOH A . 
I 5 HOH 93  300 300 HOH HOH A . 
I 5 HOH 94  301 301 HOH HOH A . 
I 5 HOH 95  302 302 HOH HOH A . 
I 5 HOH 96  303 303 HOH HOH A . 
I 5 HOH 97  304 304 HOH HOH A . 
I 5 HOH 98  305 305 HOH HOH A . 
I 5 HOH 99  306 306 HOH HOH A . 
I 5 HOH 100 307 307 HOH HOH A . 
I 5 HOH 101 308 308 HOH HOH A . 
I 5 HOH 102 309 309 HOH HOH A . 
I 5 HOH 103 310 310 HOH HOH A . 
I 5 HOH 104 311 311 HOH HOH A . 
I 5 HOH 105 312 312 HOH HOH A . 
I 5 HOH 106 313 313 HOH HOH A . 
I 5 HOH 107 314 314 HOH HOH A . 
I 5 HOH 108 315 315 HOH HOH A . 
I 5 HOH 109 316 316 HOH HOH A . 
I 5 HOH 110 317 317 HOH HOH A . 
I 5 HOH 111 318 318 HOH HOH A . 
I 5 HOH 112 319 319 HOH HOH A . 
I 5 HOH 113 320 320 HOH HOH A . 
I 5 HOH 114 321 321 HOH HOH A . 
I 5 HOH 115 322 322 HOH HOH A . 
I 5 HOH 116 323 323 HOH HOH A . 
I 5 HOH 117 324 324 HOH HOH A . 
I 5 HOH 118 325 325 HOH HOH A . 
I 5 HOH 119 326 326 HOH HOH A . 
I 5 HOH 120 327 327 HOH HOH A . 
I 5 HOH 121 328 328 HOH HOH A . 
I 5 HOH 122 329 329 HOH HOH A . 
I 5 HOH 123 330 330 HOH HOH A . 
I 5 HOH 124 331 331 HOH HOH A . 
I 5 HOH 125 332 332 HOH HOH A . 
I 5 HOH 126 333 333 HOH HOH A . 
I 5 HOH 127 334 334 HOH HOH A . 
I 5 HOH 128 335 335 HOH HOH A . 
I 5 HOH 129 336 336 HOH HOH A . 
I 5 HOH 130 337 337 HOH HOH A . 
I 5 HOH 131 338 338 HOH HOH A . 
I 5 HOH 132 339 339 HOH HOH A . 
I 5 HOH 133 340 340 HOH HOH A . 
I 5 HOH 134 341 341 HOH HOH A . 
I 5 HOH 135 342 342 HOH HOH A . 
I 5 HOH 136 343 343 HOH HOH A . 
I 5 HOH 137 344 344 HOH HOH A . 
# 
loop_
_pdbx_unobs_or_zero_occ_atoms.id 
_pdbx_unobs_or_zero_occ_atoms.PDB_model_num 
_pdbx_unobs_or_zero_occ_atoms.polymer_flag 
_pdbx_unobs_or_zero_occ_atoms.occupancy_flag 
_pdbx_unobs_or_zero_occ_atoms.auth_asym_id 
_pdbx_unobs_or_zero_occ_atoms.auth_comp_id 
_pdbx_unobs_or_zero_occ_atoms.auth_seq_id 
_pdbx_unobs_or_zero_occ_atoms.PDB_ins_code 
_pdbx_unobs_or_zero_occ_atoms.auth_atom_id 
_pdbx_unobs_or_zero_occ_atoms.label_alt_id 
_pdbx_unobs_or_zero_occ_atoms.label_asym_id 
_pdbx_unobs_or_zero_occ_atoms.label_comp_id 
_pdbx_unobs_or_zero_occ_atoms.label_seq_id 
_pdbx_unobs_or_zero_occ_atoms.label_atom_id 
1  1 Y 1 A LYS 22  ? NZ  ? A LYS 23  NZ  
2  1 Y 1 A GLU 40  ? CD  ? A GLU 41  CD  
3  1 Y 1 A GLU 40  ? OE1 ? A GLU 41  OE1 
4  1 Y 1 A GLU 40  ? OE2 ? A GLU 41  OE2 
5  1 Y 1 A GLN 117 ? CD  ? A GLN 118 CD  
6  1 Y 1 A GLN 117 ? OE1 ? A GLN 118 OE1 
7  1 Y 1 A GLN 117 ? NE2 ? A GLN 118 NE2 
8  1 Y 1 A LYS 134 ? CG  ? A LYS 135 CG  
9  1 Y 1 A LYS 134 ? CD  ? A LYS 135 CD  
10 1 Y 1 A LYS 134 ? CE  ? A LYS 135 CE  
11 1 Y 1 A LYS 134 ? NZ  ? A LYS 135 NZ  
12 1 Y 1 A ASP 146 ? CG  ? A ASP 147 CG  
13 1 Y 1 A ASP 146 ? OD1 ? A ASP 147 OD1 
14 1 Y 1 A ASP 146 ? OD2 ? A ASP 147 OD2 
# 
loop_
_software.name 
_software.version 
_software.date 
_software.type 
_software.contact_author 
_software.contact_author_email 
_software.classification 
_software.location 
_software.language 
_software.citation_id 
_software.pdbx_ordinal 
REFMAC      5.2.0005 ?               program 'Garib N. Murshudov'         garib@ysbl.york.ac.uk                refinement        
http://www.ccp4.ac.uk/dist/html/refmac5.html                                Fortran_77 ? 1 
PHENIX      .        ?               package 'P.D. Adams'                 PDAdams@lbl.gov                      refinement        
http://www.phenix-online.org/                                               C++        ? 2 
SOLVE       .        ?               program 'Tom Terwilliger'            terwilliger@LANL.gov                 phasing           
http://www.solve.lanl.gov/                                                  ?          ? 3 
MolProbity  3beta29  ?               package 'D.C. & J.S. Richardson lab' molprobity@kinemage.biochem.duke.edu 'model building'  
http://kinemage.biochem.duke.edu/molprobity/                                ?          ? 4 
XSCALE      .        ?               package 'Wolfgang Kabsch'            ?                                    'data scaling'    
http://www.mpimf-heidelberg.mpg.de/~kabsch/xds/html_doc/xscale_program.html ?          ? 5 
PDB_EXTRACT 3.006    'June 11, 2008' package PDB                          help@deposit.rcsb.org                'data extraction' 
http://sw-tools.pdb.org/apps/PDB_EXTRACT/                                   C++        ? 6 
XDS         .        ?               ?       ?                            ?                                    'data reduction'  ? 
?          ? 7 
# 
_cell.entry_id           3GY9 
_cell.length_a           55.850 
_cell.length_b           66.430 
_cell.length_c           87.730 
_cell.angle_alpha        90.000 
_cell.angle_beta         90.000 
_cell.angle_gamma        90.000 
_cell.pdbx_unique_axis   ? 
_cell.Z_PDB              8 
_cell.length_a_esd       ? 
_cell.length_b_esd       ? 
_cell.length_c_esd       ? 
_cell.angle_alpha_esd    ? 
_cell.angle_beta_esd     ? 
_cell.angle_gamma_esd    ? 
# 
_symmetry.entry_id                         3GY9 
_symmetry.Int_Tables_number                23 
_symmetry.space_group_name_H-M             'I 2 2 2' 
_symmetry.pdbx_full_space_group_name_H-M   ? 
_symmetry.cell_setting                     ? 
_symmetry.space_group_name_Hall            ? 
# 
_exptl.crystals_number   1 
_exptl.method            'X-RAY DIFFRACTION' 
_exptl.entry_id          3GY9 
# 
_exptl_crystal.id                    1 
_exptl_crystal.density_Matthews      2.37 
_exptl_crystal.density_meas          ? 
_exptl_crystal.density_percent_sol   48.00 
_exptl_crystal.description           
'THE RMERGE AND <I/SIGMA(I)> STATISTICS REPORTED HERE BY XSCALE ARE BASED ON TREATING FRIEDEL PAIRS AS SEPARATE REFLECTIONS.' 
_exptl_crystal.F_000                 ? 
_exptl_crystal.preparation           ? 
# 
_exptl_crystal_grow.crystal_id      1 
_exptl_crystal_grow.method          'VAPOR DIFFUSION, SITTING DROP' 
_exptl_crystal_grow.pH              9.0 
_exptl_crystal_grow.temp            277 
_exptl_crystal_grow.pdbx_details    
;3.2M ammonium sulfate, 0.1M Bicine pH 9.0, Additive: 0.001 M acetyl Co-enzyme A, NANODROP, VAPOR DIFFUSION, SITTING DROP, temperature 277K
;
_exptl_crystal_grow.temp_details    ? 
_exptl_crystal_grow.pdbx_pH_range   ? 
# 
_diffrn.id                     1 
_diffrn.ambient_temp           100 
_diffrn.ambient_temp_details   ? 
_diffrn.crystal_id             1 
# 
_diffrn_detector.diffrn_id              1 
_diffrn_detector.detector               CCD 
_diffrn_detector.type                   'ADSC QUANTUM 315' 
_diffrn_detector.details                'Vertical focusing mirror' 
_diffrn_detector.pdbx_collection_date   2008-07-22 
# 
_diffrn_radiation.diffrn_id                        1 
_diffrn_radiation.pdbx_monochromatic_or_laue_m_l   M 
_diffrn_radiation.monochromator                    'Single crystal Si(311) bent monochromator (horizontal focusing)' 
_diffrn_radiation.pdbx_diffrn_protocol             'SINGLE WAVELENGTH' 
_diffrn_radiation.wavelength_id                    1 
_diffrn_radiation.pdbx_scattering_type             x-ray 
# 
_diffrn_radiation_wavelength.id           1 
_diffrn_radiation_wavelength.wavelength   0.979032 
_diffrn_radiation_wavelength.wt           1.0 
# 
_diffrn_source.diffrn_id                   1 
_diffrn_source.source                      SYNCHROTRON 
_diffrn_source.pdbx_synchrotron_beamline   BL9-1 
_diffrn_source.type                        'SSRL BEAMLINE BL9-1' 
_diffrn_source.pdbx_wavelength             0.979032 
_diffrn_source.pdbx_wavelength_list        ? 
_diffrn_source.pdbx_synchrotron_site       SSRL 
# 
_reflns.entry_id                     3GY9 
_reflns.d_resolution_high            1.52 
_reflns.d_resolution_low             27.146 
_reflns.number_obs                   25437 
_reflns.pdbx_Rmerge_I_obs            0.044 
_reflns.percent_possible_obs         98.800 
_reflns.B_iso_Wilson_estimate        15.026 
_reflns.observed_criterion_sigma_I   -3.00 
_reflns.observed_criterion_sigma_F   ? 
_reflns.number_all                   ? 
_reflns.pdbx_Rsym_value              ? 
_reflns.pdbx_netI_over_sigmaI        12.440 
_reflns.pdbx_redundancy              3.97 
_reflns.R_free_details               ? 
_reflns.limit_h_max                  ? 
_reflns.limit_h_min                  ? 
_reflns.limit_k_max                  ? 
_reflns.limit_k_min                  ? 
_reflns.limit_l_max                  ? 
_reflns.limit_l_min                  ? 
_reflns.observed_criterion_F_max     ? 
_reflns.observed_criterion_F_min     ? 
_reflns.pdbx_chi_squared             ? 
_reflns.pdbx_scaling_rejects         ? 
_reflns.pdbx_ordinal                 1 
_reflns.pdbx_diffrn_id               1 
# 
loop_
_reflns_shell.d_res_high 
_reflns_shell.d_res_low 
_reflns_shell.number_measured_obs 
_reflns_shell.number_measured_all 
_reflns_shell.number_unique_obs 
_reflns_shell.Rmerge_I_obs 
_reflns_shell.meanI_over_sigI_obs 
_reflns_shell.pdbx_Rsym_value 
_reflns_shell.pdbx_chi_squared 
_reflns_shell.pdbx_redundancy 
_reflns_shell.percent_possible_obs 
_reflns_shell.number_unique_all 
_reflns_shell.percent_possible_all 
_reflns_shell.pdbx_ordinal 
_reflns_shell.pdbx_diffrn_id 
1.52 1.57   9028  ? 4403 0.443 2.1  ? ? ? ? ? 98.30 1  1 
1.57 1.64   11114 ? 5366 0.341 2.7  ? ? ? ? ? 99.10 2  1 
1.64 1.71   9422  ? 4517 0.250 3.7  ? ? ? ? ? 99.30 3  1 
1.71 1.80   10104 ? 4838 0.185 4.9  ? ? ? ? ? 99.10 4  1 
1.80 1.91   9838  ? 4705 0.128 7.1  ? ? ? ? ? 99.00 5  1 
1.91 2.06   10367 ? 4924 0.080 10.4 ? ? ? ? ? 98.80 6  1 
2.06 2.27   10262 ? 4862 0.052 15.3 ? ? ? ? ? 99.20 7  1 
2.27 2.60   10227 ? 4828 0.039 19.2 ? ? ? ? ? 98.80 8  1 
2.60 3.27   10046 ? 4739 0.030 24.5 ? ? ? ? ? 98.00 9  1 
3.27 27.146 10227 ? 4791 0.019 34.4 ? ? ? ? ? 98.00 10 1 
# 
_refine.entry_id                                 3GY9 
_refine.ls_d_res_high                            1.520 
_refine.ls_d_res_low                             27.146 
_refine.pdbx_ls_sigma_F                          0.00 
_refine.pdbx_data_cutoff_high_absF               ? 
_refine.pdbx_data_cutoff_low_absF                ? 
_refine.ls_percent_reflns_obs                    99.740 
_refine.ls_number_reflns_obs                     25434 
_refine.ls_number_reflns_all                     ? 
_refine.pdbx_ls_cross_valid_method               THROUGHOUT 
_refine.pdbx_R_Free_selection_details            RANDOM 
_refine.details                                  
;1. HYDROGENS HAVE BEEN ADDED IN THE RIDING POSITIONS. 2. ATOM RECORD CONTAINS RESIDUAL B FACTORS ONLY. 3. A MET-INHIBITION PROTOCOL WAS USED FOR SELENOMETHIONINE INCORPORATION DURING PROTEIN EXPRESSION. THE OCCUPANCY OF THE SE ATOMS IN THE MSE RESIDUES WAS REDUCED TO 0.75 TO ACCOUNT FOR THE REDUCED SCATTERING POWER DUE TO PARTIAL S-MET INCORPORATION. 4. TLS GROUPS WERE ASSIGNED WITH THE AID OF THE TLSMD SERVER. 5. ACETYL COENZYME A WAS INCLUDED AS AN ADDITIVE FOR CRYSTALLIZATION. WE SEE NO DENSITY FOR THE ACETYL GROUP AND HAVE MODELED IT IN THE STRUCTURE AS COENZYME A.  THE PANTHOTHENATE AND BETA-MERCAPTOETHYLAMINE MOIETIES OF THE CO-A ARE DISORDERED AND HAVE BEEN MODELED IN TWO CONFORMATIONS.  THE PEPTIDE LINKING THE PANTHOTHENATE AND BETA-MERCAPTOETHYLAMINE IN CONFORMER A HAS BEEN BUILT IN A DIFFERENT ORIENTATION THAT IN THE MODEL FOR THE RELATED PH 6 STRUCTURE. WHILE THIS APPEARS PLAUSIBLE, GIVEN THE AMBIGUITY IN THE DENSITY FOR THIS REGION, NO CONCLUSIONS SHOULD BE DRAWN WITH HIGH CONFIDENCE. 6. FOUR SULFATE IONS AND TWO GLYCEROL MOLECULES FROM THE CRYSTALLIZATION AND CRYOPROTECTION CONDITIONS HAVE BEEN MODELED IN THE STRUCTURE.  ONE OF THE SULFATE MOLECULES, A204, WAS MODELED WITH PARTIAL OCCUPANCY IN TWO ALTERNATE POSITIONS AT THE PUTATIVE ACTIVE SITE. ASSIGNMENT OF THIS ELECTRON DENSITY TO A DISORDERED SULFATE IS TENTATIVE. 7. LOOPS 131-134 and 70-73 ARE DISORDERED.
;
_refine.ls_R_factor_all                          ? 
_refine.ls_R_factor_obs                          0.161 
_refine.ls_R_factor_R_work                       0.160 
_refine.ls_wR_factor_R_work                      ? 
_refine.ls_R_factor_R_free                       0.178 
_refine.ls_wR_factor_R_free                      ? 
_refine.ls_percent_reflns_R_free                 5.100 
_refine.ls_number_reflns_R_free                  1301 
_refine.ls_R_factor_R_free_error                 ? 
_refine.B_iso_mean                               25.342 
_refine.solvent_model_param_bsol                 ? 
_refine.solvent_model_param_ksol                 ? 
_refine.pdbx_isotropic_thermal_model             ? 
_refine.aniso_B[1][1]                            -0.190 
_refine.aniso_B[2][2]                            0.170 
_refine.aniso_B[3][3]                            0.020 
_refine.aniso_B[1][2]                            0.000 
_refine.aniso_B[1][3]                            0.000 
_refine.aniso_B[2][3]                            0.000 
_refine.correlation_coeff_Fo_to_Fc               0.968 
_refine.correlation_coeff_Fo_to_Fc_free          0.962 
_refine.overall_SU_R_Cruickshank_DPI             ? 
_refine.overall_SU_R_free                        ? 
_refine.pdbx_overall_ESU_R                       0.070 
_refine.pdbx_overall_ESU_R_Free                  0.067 
_refine.overall_SU_ML                            0.044 
_refine.overall_SU_B                             2.247 
_refine.solvent_model_details                    MASK 
_refine.pdbx_solvent_vdw_probe_radii             1.200 
_refine.pdbx_solvent_ion_probe_radii             0.800 
_refine.pdbx_solvent_shrinkage_radii             0.800 
_refine.ls_number_parameters                     ? 
_refine.ls_number_restraints                     ? 
_refine.pdbx_method_to_determine_struct          SAD 
_refine.pdbx_stereochemistry_target_values       'MAXIMUM LIKELIHOOD WITH PHASES' 
_refine.pdbx_stereochem_target_val_spec_case     ? 
_refine.overall_FOM_work_R_set                   ? 
_refine.B_iso_max                                68.36 
_refine.B_iso_min                                8.64 
_refine.occupancy_max                            1.00 
_refine.occupancy_min                            0.30 
_refine.pdbx_ls_sigma_I                          ? 
_refine.ls_redundancy_reflns_obs                 ? 
_refine.ls_R_factor_R_free_error_details         ? 
_refine.pdbx_starting_model                      ? 
_refine.pdbx_data_cutoff_high_rms_absF           ? 
_refine.overall_FOM_free_R_set                   ? 
_refine.pdbx_overall_phase_error                 ? 
_refine.pdbx_refine_id                           'X-RAY DIFFRACTION' 
_refine.pdbx_TLS_residual_ADP_flag               'LIKELY RESIDUAL' 
_refine.pdbx_diffrn_id                           1 
_refine.pdbx_overall_SU_R_free_Cruickshank_DPI   ? 
_refine.pdbx_overall_SU_R_Blow_DPI               ? 
_refine.pdbx_overall_SU_R_free_Blow_DPI          ? 
# 
_refine_hist.pdbx_refine_id                   'X-RAY DIFFRACTION' 
_refine_hist.cycle_id                         LAST 
_refine_hist.pdbx_number_atoms_protein        1174 
_refine_hist.pdbx_number_atoms_nucleic_acid   0 
_refine_hist.pdbx_number_atoms_ligand         80 
_refine_hist.number_atoms_solvent             137 
_refine_hist.number_atoms_total               1391 
_refine_hist.d_res_high                       1.520 
_refine_hist.d_res_low                        27.146 
# 
loop_
_refine_ls_restr.type 
_refine_ls_restr.pdbx_refine_id 
_refine_ls_restr.number 
_refine_ls_restr.dev_ideal 
_refine_ls_restr.dev_ideal_target 
_refine_ls_restr.weight 
_refine_ls_restr.pdbx_restraint_function 
r_bond_refined_d         'X-RAY DIFFRACTION' 1343 0.011  0.022  ? ? 
r_bond_other_d           'X-RAY DIFFRACTION' 1184 0.002  0.020  ? ? 
r_angle_refined_deg      'X-RAY DIFFRACTION' 1832 1.339  2.027  ? ? 
r_angle_other_deg        'X-RAY DIFFRACTION' 2750 0.801  3.000  ? ? 
r_dihedral_angle_1_deg   'X-RAY DIFFRACTION' 166  5.050  5.000  ? ? 
r_dihedral_angle_2_deg   'X-RAY DIFFRACTION' 64   32.478 23.750 ? ? 
r_dihedral_angle_3_deg   'X-RAY DIFFRACTION' 219  11.677 15.000 ? ? 
r_dihedral_angle_4_deg   'X-RAY DIFFRACTION' 11   18.213 15.000 ? ? 
r_chiral_restr           'X-RAY DIFFRACTION' 192  0.077  0.200  ? ? 
r_gen_planes_refined     'X-RAY DIFFRACTION' 1465 0.005  0.020  ? ? 
r_gen_planes_other       'X-RAY DIFFRACTION' 274  0.001  0.020  ? ? 
r_nbd_refined            'X-RAY DIFFRACTION' 223  0.211  0.200  ? ? 
r_nbd_other              'X-RAY DIFFRACTION' 1268 0.186  0.200  ? ? 
r_nbtor_refined          'X-RAY DIFFRACTION' 646  0.177  0.200  ? ? 
r_nbtor_other            'X-RAY DIFFRACTION' 792  0.081  0.200  ? ? 
r_xyhbond_nbd_refined    'X-RAY DIFFRACTION' 117  0.137  0.200  ? ? 
r_symmetry_vdw_refined   'X-RAY DIFFRACTION' 11   0.193  0.200  ? ? 
r_symmetry_vdw_other     'X-RAY DIFFRACTION' 45   0.277  0.200  ? ? 
r_symmetry_hbond_refined 'X-RAY DIFFRACTION' 14   0.177  0.200  ? ? 
r_mcbond_it              'X-RAY DIFFRACTION' 820  1.844  3.000  ? ? 
r_mcbond_other           'X-RAY DIFFRACTION' 319  0.363  3.000  ? ? 
r_mcangle_it             'X-RAY DIFFRACTION' 1235 2.432  5.000  ? ? 
r_scbond_it              'X-RAY DIFFRACTION' 619  3.669  8.000  ? ? 
r_scangle_it             'X-RAY DIFFRACTION' 588  5.012  11.000 ? ? 
# 
_refine_ls_shell.d_res_high                       1.520 
_refine_ls_shell.d_res_low                        1.559 
_refine_ls_shell.pdbx_total_number_of_bins_used   20 
_refine_ls_shell.percent_reflns_obs               99.300 
_refine_ls_shell.number_reflns_R_work             1735 
_refine_ls_shell.R_factor_all                     ? 
_refine_ls_shell.R_factor_R_work                  0.219 
_refine_ls_shell.R_factor_R_free                  0.240 
_refine_ls_shell.percent_reflns_R_free            ? 
_refine_ls_shell.number_reflns_R_free             102 
_refine_ls_shell.R_factor_R_free_error            ? 
_refine_ls_shell.number_reflns_all                1837 
_refine_ls_shell.number_reflns_obs                ? 
_refine_ls_shell.redundancy_reflns_obs            ? 
_refine_ls_shell.pdbx_refine_id                   'X-RAY DIFFRACTION' 
# 
_struct.entry_id                  3GY9 
_struct.title                     
'Crystal structure of putative acetyltransferase (YP_001815201.1) from EXIGUOBACTERIUM SP. 255-15 at 1.52 A resolution' 
_struct.pdbx_model_details        ? 
_struct.pdbx_CASP_flag            ? 
_struct.pdbx_model_type_details   ? 
# 
_struct_keywords.text            
;YP_001815201.1, putative acetyltransferase, Structural Genomics, Joint Center for Structural Genomics, JCSG, Protein Structure Initiative, PSI-2, Transferase, Unknown function
;
_struct_keywords.pdbx_keywords   TRANSFERASE 
_struct_keywords.entry_id        3GY9 
# 
loop_
_struct_asym.id 
_struct_asym.pdbx_blank_PDB_chainid_flag 
_struct_asym.pdbx_modified 
_struct_asym.entity_id 
_struct_asym.details 
A N N 1 ? 
B N N 2 ? 
C N N 3 ? 
D N N 3 ? 
E N N 3 ? 
F N N 3 ? 
G N N 4 ? 
H N N 4 ? 
I N N 5 ? 
# 
_struct_ref.id                         1 
_struct_ref.db_name                    UNP 
_struct_ref.db_code                    B1YEL6_EXIS2 
_struct_ref.pdbx_db_accession          B1YEL6 
_struct_ref.entity_id                  1 
_struct_ref.pdbx_seq_one_letter_code   
;MDVTIERVNDFDGYNWLPLLAKSSQEGFQLVERMLRNRREESFQEDGEAMFVALSTTNQVLACGGYMKQSGQARTGRIRH
VYVLPEARSHGIGTALLEKIMSEAFLTYDRLVLYSEQADPFYQGLGFQLVSGEKITHTLDKTAFADSNR
;
_struct_ref.pdbx_align_begin           1 
_struct_ref.pdbx_db_isoform            ? 
# 
_struct_ref_seq.align_id                      1 
_struct_ref_seq.ref_id                        1 
_struct_ref_seq.pdbx_PDB_id_code              3GY9 
_struct_ref_seq.pdbx_strand_id                A 
_struct_ref_seq.seq_align_beg                 2 
_struct_ref_seq.pdbx_seq_align_beg_ins_code   ? 
_struct_ref_seq.seq_align_end                 150 
_struct_ref_seq.pdbx_seq_align_end_ins_code   ? 
_struct_ref_seq.pdbx_db_accession             B1YEL6 
_struct_ref_seq.db_align_beg                  1 
_struct_ref_seq.pdbx_db_align_beg_ins_code    ? 
_struct_ref_seq.db_align_end                  149 
_struct_ref_seq.pdbx_db_align_end_ins_code    ? 
_struct_ref_seq.pdbx_auth_seq_align_beg       1 
_struct_ref_seq.pdbx_auth_seq_align_end       149 
# 
_struct_ref_seq_dif.align_id                     1 
_struct_ref_seq_dif.pdbx_pdb_id_code             3GY9 
_struct_ref_seq_dif.mon_id                       GLY 
_struct_ref_seq_dif.pdbx_pdb_strand_id           A 
_struct_ref_seq_dif.seq_num                      1 
_struct_ref_seq_dif.pdbx_pdb_ins_code            ? 
_struct_ref_seq_dif.pdbx_seq_db_name             UNP 
_struct_ref_seq_dif.pdbx_seq_db_accession_code   B1YEL6 
_struct_ref_seq_dif.db_mon_id                    ? 
_struct_ref_seq_dif.pdbx_seq_db_seq_num          ? 
_struct_ref_seq_dif.details                      'expression tag' 
_struct_ref_seq_dif.pdbx_auth_seq_num            0 
_struct_ref_seq_dif.pdbx_ordinal                 1 
# 
loop_
_pdbx_struct_assembly.id 
_pdbx_struct_assembly.details 
_pdbx_struct_assembly.method_details 
_pdbx_struct_assembly.oligomeric_details 
_pdbx_struct_assembly.oligomeric_count 
1 author_and_software_defined_assembly PQS  monomeric  1 
2 software_defined_assembly            PISA tetrameric 4 
# 
loop_
_pdbx_struct_assembly_prop.biol_id 
_pdbx_struct_assembly_prop.type 
_pdbx_struct_assembly_prop.value 
_pdbx_struct_assembly_prop.details 
2 'ABSA (A^2)' 12280 ? 
2 MORE         -285  ? 
2 'SSA (A^2)'  29580 ? 
# 
loop_
_pdbx_struct_assembly_gen.assembly_id 
_pdbx_struct_assembly_gen.oper_expression 
_pdbx_struct_assembly_gen.asym_id_list 
1 1       A,B,C,D,E,F,G,H,I 
2 1,2,3,4 A,B,C,D,E,F,G,H,I 
# 
loop_
_pdbx_struct_oper_list.id 
_pdbx_struct_oper_list.type 
_pdbx_struct_oper_list.name 
_pdbx_struct_oper_list.symmetry_operation 
_pdbx_struct_oper_list.matrix[1][1] 
_pdbx_struct_oper_list.matrix[1][2] 
_pdbx_struct_oper_list.matrix[1][3] 
_pdbx_struct_oper_list.vector[1] 
_pdbx_struct_oper_list.matrix[2][1] 
_pdbx_struct_oper_list.matrix[2][2] 
_pdbx_struct_oper_list.matrix[2][3] 
_pdbx_struct_oper_list.vector[2] 
_pdbx_struct_oper_list.matrix[3][1] 
_pdbx_struct_oper_list.matrix[3][2] 
_pdbx_struct_oper_list.matrix[3][3] 
_pdbx_struct_oper_list.vector[3] 
1 'identity operation'         1_555 x,y,z     1.0000000000  0.0000000000  0.0000000000  0.0000000000   0.0000000000  1.0000000000  0.0000000000  0.0000000000   0.0000000000  0.0000000000  1.0000000000  0.0000000000  
2 'crystal symmetry operation' 2_655 -x+1,-y,z -0.9999582666 -0.0091355001 -0.0000882842 -12.4894992743 -0.0091355001 0.9997715073  0.0193255217  -0.4389773065  -0.0000882842 0.0193255217  -0.9998132408 39.5206142124 
3 'crystal symmetry operation' 3_655 -x+1,y,-z -0.0799288584 0.0138351534  -0.9967045531 13.0787242330  0.0138351534  -0.9997919601 -0.0149874936 -27.2843659205 -0.9967045531 -0.0149874936 0.0797208186  11.6944116614 
4 'crystal symmetry operation' 4_555 x,-y,-z   0.0798871250  -0.0046996533 0.9967928373  -25.3194537918 -0.0046996533 -0.9999795472 -0.0043380281 -27.6105890290 0.9967928373  -0.0043380281 -0.0799075778 27.2999473389 
# 
_struct_biol.id        1 
_struct_biol.details   ? 
# 
loop_
_struct_conf.conf_type_id 
_struct_conf.id 
_struct_conf.pdbx_PDB_helix_id 
_struct_conf.beg_label_comp_id 
_struct_conf.beg_label_asym_id 
_struct_conf.beg_label_seq_id 
_struct_conf.pdbx_beg_PDB_ins_code 
_struct_conf.end_label_comp_id 
_struct_conf.end_label_asym_id 
_struct_conf.end_label_seq_id 
_struct_conf.pdbx_end_PDB_ins_code 
_struct_conf.beg_auth_comp_id 
_struct_conf.beg_auth_asym_id 
_struct_conf.beg_auth_seq_id 
_struct_conf.end_auth_comp_id 
_struct_conf.end_auth_asym_id 
_struct_conf.end_auth_seq_id 
_struct_conf.pdbx_PDB_helix_class 
_struct_conf.details 
_struct_conf.pdbx_PDB_helix_length 
HELX_P HELX_P1 1 ASP A 11  ? TYR A 15  ? ASP A 10  TYR A 14  5 ? 5  
HELX_P HELX_P2 2 TRP A 17  ? GLU A 27  ? TRP A 16  GLU A 26  1 ? 11 
HELX_P HELX_P3 3 GLN A 30  ? ASN A 38  ? GLN A 29  ASN A 37  1 ? 9  
HELX_P HELX_P4 4 PRO A 86  ? ARG A 89  ? PRO A 85  ARG A 88  5 ? 4  
HELX_P HELX_P5 5 GLY A 92  ? PHE A 106 ? GLY A 91  PHE A 105 1 ? 15 
HELX_P HELX_P6 6 ALA A 119 ? LEU A 126 ? ALA A 118 LEU A 125 1 ? 8  
HELX_P HELX_P7 7 LYS A 142 ? SER A 148 ? LYS A 141 SER A 147 1 ? 7  
# 
_struct_conf_type.id          HELX_P 
_struct_conf_type.criteria    ? 
_struct_conf_type.reference   ? 
# 
loop_
_struct_conn.id 
_struct_conn.conn_type_id 
_struct_conn.pdbx_leaving_atom_flag 
_struct_conn.pdbx_PDB_id 
_struct_conn.ptnr1_label_asym_id 
_struct_conn.ptnr1_label_comp_id 
_struct_conn.ptnr1_label_seq_id 
_struct_conn.ptnr1_label_atom_id 
_struct_conn.pdbx_ptnr1_label_alt_id 
_struct_conn.pdbx_ptnr1_PDB_ins_code 
_struct_conn.pdbx_ptnr1_standard_comp_id 
_struct_conn.ptnr1_symmetry 
_struct_conn.ptnr2_label_asym_id 
_struct_conn.ptnr2_label_comp_id 
_struct_conn.ptnr2_label_seq_id 
_struct_conn.ptnr2_label_atom_id 
_struct_conn.pdbx_ptnr2_label_alt_id 
_struct_conn.pdbx_ptnr2_PDB_ins_code 
_struct_conn.ptnr1_auth_asym_id 
_struct_conn.ptnr1_auth_comp_id 
_struct_conn.ptnr1_auth_seq_id 
_struct_conn.ptnr2_auth_asym_id 
_struct_conn.ptnr2_auth_comp_id 
_struct_conn.ptnr2_auth_seq_id 
_struct_conn.ptnr2_symmetry 
_struct_conn.pdbx_ptnr3_label_atom_id 
_struct_conn.pdbx_ptnr3_label_seq_id 
_struct_conn.pdbx_ptnr3_label_comp_id 
_struct_conn.pdbx_ptnr3_label_asym_id 
_struct_conn.pdbx_ptnr3_label_alt_id 
_struct_conn.pdbx_ptnr3_PDB_ins_code 
_struct_conn.details 
_struct_conn.pdbx_dist_value 
_struct_conn.pdbx_value_order 
_struct_conn.pdbx_role 
covale1  covale both ? A MSE 2   C   ? ? ? 1_555 A ASP 3   N   ? ? A MSE 1   A ASP 2   1_555 ? ? ? ? ? ? ? 1.332 ? ? 
covale2  covale both ? A ARG 34  C   ? ? ? 1_555 A MSE 35  N   ? ? A ARG 33  A MSE 34  1_555 ? ? ? ? ? ? ? 1.325 ? ? 
covale3  covale both ? A MSE 35  C   ? ? ? 1_555 A LEU 36  N   ? ? A MSE 34  A LEU 35  1_555 ? ? ? ? ? ? ? 1.319 ? ? 
covale4  covale both ? A ALA 50  C   ? ? ? 1_555 A MSE 51  N   ? ? A ALA 49  A MSE 50  1_555 ? ? ? ? ? ? ? 1.337 ? ? 
covale5  covale both ? A MSE 51  C   ? ? ? 1_555 A PHE 52  N   ? ? A MSE 50  A PHE 51  1_555 ? ? ? ? ? ? ? 1.333 ? ? 
covale6  covale both ? A TYR 67  C   ? ? ? 1_555 A MSE 68  N   ? ? A TYR 66  A MSE 67  1_555 ? ? ? ? ? ? ? 1.324 ? ? 
covale7  covale both ? A MSE 68  C   ? ? ? 1_555 A LYS 69  N   ? ? A MSE 67  A LYS 68  1_555 ? ? ? ? ? ? ? 1.325 ? ? 
covale8  covale both ? A ILE 101 C   ? ? ? 1_555 A MSE 102 N   ? ? A ILE 100 A MSE 101 1_555 ? ? ? ? ? ? ? 1.326 ? ? 
covale9  covale both ? A MSE 102 C   ? ? ? 1_555 A SER 103 N   ? ? A MSE 101 A SER 102 1_555 ? ? ? ? ? ? ? 1.318 ? ? 
covale10 covale none ? B COA .   S1P A ? ? 1_555 B COA .   S1P A ? A COA 201 A COA 201 3_655 ? ? ? ? ? ? ? 2.037 ? ? 
# 
_struct_conn_type.id          covale 
_struct_conn_type.criteria    ? 
_struct_conn_type.reference   ? 
# 
loop_
_pdbx_modification_feature.ordinal 
_pdbx_modification_feature.label_comp_id 
_pdbx_modification_feature.label_asym_id 
_pdbx_modification_feature.label_seq_id 
_pdbx_modification_feature.label_alt_id 
_pdbx_modification_feature.modified_residue_label_comp_id 
_pdbx_modification_feature.modified_residue_label_asym_id 
_pdbx_modification_feature.modified_residue_label_seq_id 
_pdbx_modification_feature.modified_residue_label_alt_id 
_pdbx_modification_feature.auth_comp_id 
_pdbx_modification_feature.auth_asym_id 
_pdbx_modification_feature.auth_seq_id 
_pdbx_modification_feature.PDB_ins_code 
_pdbx_modification_feature.symmetry 
_pdbx_modification_feature.modified_residue_auth_comp_id 
_pdbx_modification_feature.modified_residue_auth_asym_id 
_pdbx_modification_feature.modified_residue_auth_seq_id 
_pdbx_modification_feature.modified_residue_PDB_ins_code 
_pdbx_modification_feature.modified_residue_symmetry 
_pdbx_modification_feature.comp_id_linking_atom 
_pdbx_modification_feature.modified_residue_id_linking_atom 
_pdbx_modification_feature.modified_residue_id 
_pdbx_modification_feature.ref_pcm_id 
_pdbx_modification_feature.ref_comp_id 
_pdbx_modification_feature.type 
_pdbx_modification_feature.category 
1 MSE A 2   ? . . . . MSE A 1   ? 1_555 . . . . . . . MET 1 MSE Selenomethionine 'Named protein modification' 
2 MSE A 35  ? . . . . MSE A 34  ? 1_555 . . . . . . . MET 1 MSE Selenomethionine 'Named protein modification' 
3 MSE A 51  ? . . . . MSE A 50  ? 1_555 . . . . . . . MET 1 MSE Selenomethionine 'Named protein modification' 
4 MSE A 68  ? . . . . MSE A 67  ? 1_555 . . . . . . . MET 1 MSE Selenomethionine 'Named protein modification' 
5 MSE A 102 ? . . . . MSE A 101 ? 1_555 . . . . . . . MET 1 MSE Selenomethionine 'Named protein modification' 
# 
_struct_sheet.id               A 
_struct_sheet.type             ? 
_struct_sheet.number_strands   7 
_struct_sheet.details          ? 
# 
loop_
_struct_sheet_order.sheet_id 
_struct_sheet_order.range_id_1 
_struct_sheet_order.range_id_2 
_struct_sheet_order.offset 
_struct_sheet_order.sense 
A 1 2 ? anti-parallel 
A 2 3 ? anti-parallel 
A 3 4 ? anti-parallel 
A 4 5 ? parallel      
A 5 6 ? anti-parallel 
A 6 7 ? anti-parallel 
# 
loop_
_struct_sheet_range.sheet_id 
_struct_sheet_range.id 
_struct_sheet_range.beg_label_comp_id 
_struct_sheet_range.beg_label_asym_id 
_struct_sheet_range.beg_label_seq_id 
_struct_sheet_range.pdbx_beg_PDB_ins_code 
_struct_sheet_range.end_label_comp_id 
_struct_sheet_range.end_label_asym_id 
_struct_sheet_range.end_label_seq_id 
_struct_sheet_range.pdbx_end_PDB_ins_code 
_struct_sheet_range.beg_auth_comp_id 
_struct_sheet_range.beg_auth_asym_id 
_struct_sheet_range.beg_auth_seq_id 
_struct_sheet_range.end_auth_comp_id 
_struct_sheet_range.end_auth_asym_id 
_struct_sheet_range.end_auth_seq_id 
A 1 THR A 5   ? ARG A 8   ? THR A 4   ARG A 7   
A 2 ALA A 50  ? LEU A 55  ? ALA A 49  LEU A 54  
A 3 VAL A 61  ? LYS A 69  ? VAL A 60  LYS A 68  
A 4 THR A 76  ? VAL A 84  ? THR A 75  VAL A 83  
A 5 ARG A 111 ? LEU A 114 ? ARG A 110 LEU A 113 
A 6 HIS A 138 ? ASP A 141 ? HIS A 137 ASP A 140 
A 7 GLN A 129 ? LEU A 130 ? GLN A 128 LEU A 129 
# 
loop_
_pdbx_struct_sheet_hbond.sheet_id 
_pdbx_struct_sheet_hbond.range_id_1 
_pdbx_struct_sheet_hbond.range_id_2 
_pdbx_struct_sheet_hbond.range_1_label_atom_id 
_pdbx_struct_sheet_hbond.range_1_label_comp_id 
_pdbx_struct_sheet_hbond.range_1_label_asym_id 
_pdbx_struct_sheet_hbond.range_1_label_seq_id 
_pdbx_struct_sheet_hbond.range_1_PDB_ins_code 
_pdbx_struct_sheet_hbond.range_1_auth_atom_id 
_pdbx_struct_sheet_hbond.range_1_auth_comp_id 
_pdbx_struct_sheet_hbond.range_1_auth_asym_id 
_pdbx_struct_sheet_hbond.range_1_auth_seq_id 
_pdbx_struct_sheet_hbond.range_2_label_atom_id 
_pdbx_struct_sheet_hbond.range_2_label_comp_id 
_pdbx_struct_sheet_hbond.range_2_label_asym_id 
_pdbx_struct_sheet_hbond.range_2_label_seq_id 
_pdbx_struct_sheet_hbond.range_2_PDB_ins_code 
_pdbx_struct_sheet_hbond.range_2_auth_atom_id 
_pdbx_struct_sheet_hbond.range_2_auth_comp_id 
_pdbx_struct_sheet_hbond.range_2_auth_asym_id 
_pdbx_struct_sheet_hbond.range_2_auth_seq_id 
A 1 2 N GLU A 7   ? N GLU A 6   O VAL A 53  ? O VAL A 52  
A 2 3 N ALA A 54  ? N ALA A 53  O LEU A 62  ? O LEU A 61  
A 3 4 N MSE A 68  ? N MSE A 67  O ARG A 78  ? O ARG A 77  
A 4 5 N GLY A 77  ? N GLY A 76  O ARG A 111 ? O ARG A 110 
A 5 6 N LEU A 112 ? N LEU A 111 O LEU A 140 ? O LEU A 139 
A 6 7 O THR A 139 ? O THR A 138 N GLN A 129 ? N GLN A 128 
# 
loop_
_struct_site.id 
_struct_site.pdbx_evidence_code 
_struct_site.pdbx_auth_asym_id 
_struct_site.pdbx_auth_comp_id 
_struct_site.pdbx_auth_seq_id 
_struct_site.pdbx_auth_ins_code 
_struct_site.pdbx_num_residues 
_struct_site.details 
AC1 Software A COA 201 ? 19 'BINDING SITE FOR RESIDUE COA A 201' 
AC2 Software A SO4 202 ? 8  'BINDING SITE FOR RESIDUE SO4 A 202' 
AC3 Software A SO4 203 ? 5  'BINDING SITE FOR RESIDUE SO4 A 203' 
AC4 Software A SO4 204 ? 9  'BINDING SITE FOR RESIDUE SO4 A 204' 
AC5 Software A SO4 205 ? 5  'BINDING SITE FOR RESIDUE SO4 A 205' 
AC6 Software A GOL 206 ? 5  'BINDING SITE FOR RESIDUE GOL A 206' 
AC7 Software A GOL 207 ? 7  'BINDING SITE FOR RESIDUE GOL A 207' 
# 
loop_
_struct_site_gen.id 
_struct_site_gen.site_id 
_struct_site_gen.pdbx_num_res 
_struct_site_gen.label_comp_id 
_struct_site_gen.label_asym_id 
_struct_site_gen.label_seq_id 
_struct_site_gen.pdbx_auth_ins_code 
_struct_site_gen.auth_comp_id 
_struct_site_gen.auth_asym_id 
_struct_site_gen.auth_seq_id 
_struct_site_gen.label_atom_id 
_struct_site_gen.label_alt_id 
_struct_site_gen.symmetry 
_struct_site_gen.details 
1  AC1 19 GLN A 26  ? GLN A 25  . ? 3_655 ? 
2  AC1 19 GLU A 27  ? GLU A 26  . ? 3_655 ? 
3  AC1 19 VAL A 82  ? VAL A 81  . ? 1_555 ? 
4  AC1 19 VAL A 84  ? VAL A 83  . ? 1_555 ? 
5  AC1 19 ARG A 89  ? ARG A 88  . ? 1_555 ? 
6  AC1 19 SER A 90  ? SER A 89  . ? 1_555 ? 
7  AC1 19 HIS A 91  ? HIS A 90  . ? 1_555 ? 
8  AC1 19 GLY A 92  ? GLY A 91  . ? 1_555 ? 
9  AC1 19 ILE A 93  ? ILE A 92  . ? 1_555 ? 
10 AC1 19 GLY A 94  ? GLY A 93  . ? 1_555 ? 
11 AC1 19 THR A 95  ? THR A 94  . ? 1_555 ? 
12 AC1 19 GLN A 118 ? GLN A 117 . ? 1_555 ? 
13 AC1 19 ALA A 119 ? ALA A 118 . ? 1_555 ? 
14 AC1 19 PHE A 122 ? PHE A 121 . ? 1_555 ? 
15 AC1 19 HOH I .   ? HOH A 313 . ? 1_555 ? 
16 AC1 19 HOH I .   ? HOH A 320 . ? 1_555 ? 
17 AC1 19 HOH I .   ? HOH A 322 . ? 1_555 ? 
18 AC1 19 HOH I .   ? HOH A 323 . ? 1_555 ? 
19 AC1 19 HOH I .   ? HOH A 344 . ? 1_555 ? 
20 AC2 8  ASN A 16  ? ASN A 15  . ? 2_655 ? 
21 AC2 8  ASN A 16  ? ASN A 15  . ? 1_555 ? 
22 AC2 8  GLN A 60  ? GLN A 59  . ? 1_555 ? 
23 AC2 8  GLN A 60  ? GLN A 59  . ? 2_655 ? 
24 AC2 8  HOH I .   ? HOH A 213 . ? 1_555 ? 
25 AC2 8  HOH I .   ? HOH A 213 . ? 2_655 ? 
26 AC2 8  HOH I .   ? HOH A 294 . ? 2_655 ? 
27 AC2 8  HOH I .   ? HOH A 294 . ? 1_555 ? 
28 AC3 5  GLY A 28  ? GLY A 27  . ? 1_555 ? 
29 AC3 5  PHE A 29  ? PHE A 28  . ? 1_555 ? 
30 AC3 5  GLN A 30  ? GLN A 29  . ? 1_555 ? 
31 AC3 5  LEU A 31  ? LEU A 30  . ? 1_555 ? 
32 AC3 5  ARG A 34  ? ARG A 33  . ? 1_555 ? 
33 AC4 9  ARG A 34  ? ARG A 33  . ? 1_555 ? 
34 AC4 9  ARG A 78  ? ARG A 77  . ? 1_555 ? 
35 AC4 9  ARG A 80  ? ARG A 79  . ? 1_555 ? 
36 AC4 9  HIS A 81  ? HIS A 80  . ? 1_555 ? 
37 AC4 9  TYR A 115 ? TYR A 114 . ? 1_555 ? 
38 AC4 9  GLU A 134 ? GLU A 133 . ? 2_665 ? 
39 AC4 9  HOH I .   ? HOH A 231 . ? 1_555 ? 
40 AC4 9  HOH I .   ? HOH A 331 . ? 1_555 ? 
41 AC4 9  HOH I .   ? HOH A 332 . ? 1_555 ? 
42 AC5 5  ARG A 34  ? ARG A 33  . ? 1_555 ? 
43 AC5 5  ASN A 38  ? ASN A 37  . ? 1_555 ? 
44 AC5 5  GLU A 42  ? GLU A 41  . ? 1_555 ? 
45 AC5 5  ARG A 80  ? ARG A 79  . ? 1_555 ? 
46 AC5 5  HOH I .   ? HOH A 221 . ? 1_555 ? 
47 AC6 5  GLU A 7   ? GLU A 6   . ? 1_555 ? 
48 AC6 5  ARG A 8   ? ARG A 7   . ? 1_555 ? 
49 AC6 5  ARG A 37  ? ARG A 36  . ? 8_455 ? 
50 AC6 5  LYS A 100 ? LYS A 99  . ? 1_555 ? 
51 AC6 5  HOH I .   ? HOH A 300 . ? 1_555 ? 
52 AC7 7  GLU A 41  ? GLU A 40  . ? 1_555 ? 
53 AC7 7  SER A 43  ? SER A 42  . ? 1_555 ? 
54 AC7 7  GLU A 49  ? GLU A 48  . ? 1_555 ? 
55 AC7 7  MSE A 68  ? MSE A 67  . ? 1_555 ? 
56 AC7 7  HOH I .   ? HOH A 257 . ? 1_555 ? 
57 AC7 7  HOH I .   ? HOH A 291 . ? 1_555 ? 
58 AC7 7  HOH I .   ? HOH A 299 . ? 1_555 ? 
# 
_pdbx_entry_details.entry_id                   3GY9 
_pdbx_entry_details.compound_details           ? 
_pdbx_entry_details.source_details             ? 
_pdbx_entry_details.nonpolymer_details         ? 
_pdbx_entry_details.sequence_details           
;THE CONSTRUCT WAS EXPRESSED WITH A PURIFICATION TAG MGSDKIHHHHHHENLYFQG. THE TAG WAS REMOVED WITH TEV PROTEASE LEAVING ONLY A GLYCINE (0) FOLLOWED BY THE TARGET SEQUENCE.
;
_pdbx_entry_details.has_ligand_of_interest     ? 
_pdbx_entry_details.has_protein_modification   Y 
# 
_pdbx_SG_project.project_name          'PSI, Protein Structure Initiative' 
_pdbx_SG_project.full_name_of_center   'Joint Center for Structural Genomics' 
_pdbx_SG_project.id                    1 
_pdbx_SG_project.initial_of_center     JCSG 
# 
loop_
_pdbx_struct_mod_residue.id 
_pdbx_struct_mod_residue.label_asym_id 
_pdbx_struct_mod_residue.label_comp_id 
_pdbx_struct_mod_residue.label_seq_id 
_pdbx_struct_mod_residue.auth_asym_id 
_pdbx_struct_mod_residue.auth_comp_id 
_pdbx_struct_mod_residue.auth_seq_id 
_pdbx_struct_mod_residue.PDB_ins_code 
_pdbx_struct_mod_residue.parent_comp_id 
_pdbx_struct_mod_residue.details 
1 A MSE 2   A MSE 1   ? MET SELENOMETHIONINE 
2 A MSE 35  A MSE 34  ? MET SELENOMETHIONINE 
3 A MSE 51  A MSE 50  ? MET SELENOMETHIONINE 
4 A MSE 68  A MSE 67  ? MET SELENOMETHIONINE 
5 A MSE 102 A MSE 101 ? MET SELENOMETHIONINE 
# 
_pdbx_struct_special_symmetry.id              1 
_pdbx_struct_special_symmetry.PDB_model_num   1 
_pdbx_struct_special_symmetry.auth_asym_id    A 
_pdbx_struct_special_symmetry.auth_comp_id    SO4 
_pdbx_struct_special_symmetry.auth_seq_id     202 
_pdbx_struct_special_symmetry.PDB_ins_code    ? 
_pdbx_struct_special_symmetry.label_asym_id   C 
_pdbx_struct_special_symmetry.label_comp_id   SO4 
_pdbx_struct_special_symmetry.label_seq_id    . 
# 
loop_
_pdbx_refine_tls.pdbx_refine_id 
_pdbx_refine_tls.id 
_pdbx_refine_tls.details 
_pdbx_refine_tls.method 
_pdbx_refine_tls.origin_x 
_pdbx_refine_tls.origin_y 
_pdbx_refine_tls.origin_z 
_pdbx_refine_tls.T[1][1] 
_pdbx_refine_tls.T[2][2] 
_pdbx_refine_tls.T[3][3] 
_pdbx_refine_tls.T[1][2] 
_pdbx_refine_tls.T[1][3] 
_pdbx_refine_tls.T[2][3] 
_pdbx_refine_tls.L[1][1] 
_pdbx_refine_tls.L[2][2] 
_pdbx_refine_tls.L[3][3] 
_pdbx_refine_tls.L[1][2] 
_pdbx_refine_tls.L[1][3] 
_pdbx_refine_tls.L[2][3] 
_pdbx_refine_tls.S[1][1] 
_pdbx_refine_tls.S[2][2] 
_pdbx_refine_tls.S[3][3] 
_pdbx_refine_tls.S[1][2] 
_pdbx_refine_tls.S[1][3] 
_pdbx_refine_tls.S[2][3] 
_pdbx_refine_tls.S[2][1] 
_pdbx_refine_tls.S[3][1] 
_pdbx_refine_tls.S[3][2] 
'X-RAY DIFFRACTION' 1 ? refined 1.8529  3.8450  9.4041  -0.1252 -0.1235 -0.1442 -0.0074 -0.0040 -0.0082 2.0562 1.7149 2.1966 0.1793 0.4193  -0.3210 0.0555  -0.0695 0.0140 -0.1405 -0.1523 -0.0046 -0.0800 0.0320 -0.0584 
'X-RAY DIFFRACTION' 2 ? refined -0.6123 -1.2190 -4.1048 -0.1622 -0.1381 -0.1332 0.0191  0.0099  -0.0279 1.5180 0.9465 2.5519 0.3876 -0.1443 -0.3750 -0.0354 -0.0084 0.0439 0.1890  -0.1686 -0.0671 -0.0995 0.1007 0.0431 
# 
loop_
_pdbx_refine_tls_group.pdbx_refine_id 
_pdbx_refine_tls_group.beg_auth_seq_id 
_pdbx_refine_tls_group.selection_details 
_pdbx_refine_tls_group.id 
_pdbx_refine_tls_group.refine_tls_id 
_pdbx_refine_tls_group.beg_auth_asym_id 
_pdbx_refine_tls_group.end_auth_asym_id 
_pdbx_refine_tls_group.end_auth_seq_id 
_pdbx_refine_tls_group.beg_label_asym_id 
_pdbx_refine_tls_group.beg_label_seq_id 
_pdbx_refine_tls_group.end_label_asym_id 
_pdbx_refine_tls_group.end_label_seq_id 
_pdbx_refine_tls_group.selection 
'X-RAY DIFFRACTION' 1  ? 1 1 A A 43  . . . . ? 
'X-RAY DIFFRACTION' 44 ? 2 2 A A 149 . . . . ? 
# 
_phasing.method   SAD 
# 
_pdbx_unobs_or_zero_occ_residues.id               1 
_pdbx_unobs_or_zero_occ_residues.PDB_model_num    1 
_pdbx_unobs_or_zero_occ_residues.polymer_flag     Y 
_pdbx_unobs_or_zero_occ_residues.occupancy_flag   1 
_pdbx_unobs_or_zero_occ_residues.auth_asym_id     A 
_pdbx_unobs_or_zero_occ_residues.auth_comp_id     GLY 
_pdbx_unobs_or_zero_occ_residues.auth_seq_id      0 
_pdbx_unobs_or_zero_occ_residues.PDB_ins_code     ? 
_pdbx_unobs_or_zero_occ_residues.label_asym_id    A 
_pdbx_unobs_or_zero_occ_residues.label_comp_id    GLY 
_pdbx_unobs_or_zero_occ_residues.label_seq_id     1 
# 
loop_
_chem_comp_atom.comp_id 
_chem_comp_atom.atom_id 
_chem_comp_atom.type_symbol 
_chem_comp_atom.pdbx_aromatic_flag 
_chem_comp_atom.pdbx_stereo_config 
_chem_comp_atom.pdbx_ordinal 
ALA N    N  N N 1   
ALA CA   C  N S 2   
ALA C    C  N N 3   
ALA O    O  N N 4   
ALA CB   C  N N 5   
ALA OXT  O  N N 6   
ALA H    H  N N 7   
ALA H2   H  N N 8   
ALA HA   H  N N 9   
ALA HB1  H  N N 10  
ALA HB2  H  N N 11  
ALA HB3  H  N N 12  
ALA HXT  H  N N 13  
ARG N    N  N N 14  
ARG CA   C  N S 15  
ARG C    C  N N 16  
ARG O    O  N N 17  
ARG CB   C  N N 18  
ARG CG   C  N N 19  
ARG CD   C  N N 20  
ARG NE   N  N N 21  
ARG CZ   C  N N 22  
ARG NH1  N  N N 23  
ARG NH2  N  N N 24  
ARG OXT  O  N N 25  
ARG H    H  N N 26  
ARG H2   H  N N 27  
ARG HA   H  N N 28  
ARG HB2  H  N N 29  
ARG HB3  H  N N 30  
ARG HG2  H  N N 31  
ARG HG3  H  N N 32  
ARG HD2  H  N N 33  
ARG HD3  H  N N 34  
ARG HE   H  N N 35  
ARG HH11 H  N N 36  
ARG HH12 H  N N 37  
ARG HH21 H  N N 38  
ARG HH22 H  N N 39  
ARG HXT  H  N N 40  
ASN N    N  N N 41  
ASN CA   C  N S 42  
ASN C    C  N N 43  
ASN O    O  N N 44  
ASN CB   C  N N 45  
ASN CG   C  N N 46  
ASN OD1  O  N N 47  
ASN ND2  N  N N 48  
ASN OXT  O  N N 49  
ASN H    H  N N 50  
ASN H2   H  N N 51  
ASN HA   H  N N 52  
ASN HB2  H  N N 53  
ASN HB3  H  N N 54  
ASN HD21 H  N N 55  
ASN HD22 H  N N 56  
ASN HXT  H  N N 57  
ASP N    N  N N 58  
ASP CA   C  N S 59  
ASP C    C  N N 60  
ASP O    O  N N 61  
ASP CB   C  N N 62  
ASP CG   C  N N 63  
ASP OD1  O  N N 64  
ASP OD2  O  N N 65  
ASP OXT  O  N N 66  
ASP H    H  N N 67  
ASP H2   H  N N 68  
ASP HA   H  N N 69  
ASP HB2  H  N N 70  
ASP HB3  H  N N 71  
ASP HD2  H  N N 72  
ASP HXT  H  N N 73  
COA N1A  N  Y N 74  
COA C2A  C  Y N 75  
COA N3A  N  Y N 76  
COA C4A  C  Y N 77  
COA C5A  C  Y N 78  
COA C6A  C  Y N 79  
COA N6A  N  N N 80  
COA N7A  N  Y N 81  
COA C8A  C  Y N 82  
COA N9A  N  Y N 83  
COA C1B  C  N R 84  
COA C2B  C  N R 85  
COA O2B  O  N N 86  
COA C3B  C  N S 87  
COA O3B  O  N N 88  
COA P3B  P  N N 89  
COA O7A  O  N N 90  
COA O8A  O  N N 91  
COA O9A  O  N N 92  
COA C4B  C  N R 93  
COA O4B  O  N N 94  
COA C5B  C  N N 95  
COA O5B  O  N N 96  
COA P1A  P  N S 97  
COA O1A  O  N N 98  
COA O2A  O  N N 99  
COA O3A  O  N N 100 
COA P2A  P  N S 101 
COA O4A  O  N N 102 
COA O5A  O  N N 103 
COA O6A  O  N N 104 
COA CBP  C  N N 105 
COA CCP  C  N N 106 
COA CDP  C  N N 107 
COA CEP  C  N N 108 
COA CAP  C  N R 109 
COA OAP  O  N N 110 
COA C9P  C  N N 111 
COA O9P  O  N N 112 
COA N8P  N  N N 113 
COA C7P  C  N N 114 
COA C6P  C  N N 115 
COA C5P  C  N N 116 
COA O5P  O  N N 117 
COA N4P  N  N N 118 
COA C3P  C  N N 119 
COA C2P  C  N N 120 
COA S1P  S  N N 121 
COA H2A  H  N N 122 
COA H61A H  N N 123 
COA H62A H  N N 124 
COA H8A  H  N N 125 
COA H1B  H  N N 126 
COA H2B  H  N N 127 
COA HO2A H  N N 128 
COA H3B  H  N N 129 
COA HOA8 H  N N 130 
COA HOA9 H  N N 131 
COA H4B  H  N N 132 
COA H51A H  N N 133 
COA H52A H  N N 134 
COA HOA2 H  N N 135 
COA HOA5 H  N N 136 
COA H121 H  N N 137 
COA H122 H  N N 138 
COA H131 H  N N 139 
COA H132 H  N N 140 
COA H133 H  N N 141 
COA H141 H  N N 142 
COA H142 H  N N 143 
COA H143 H  N N 144 
COA H10  H  N N 145 
COA HO1  H  N N 146 
COA HN8  H  N N 147 
COA H71  H  N N 148 
COA H72  H  N N 149 
COA H61  H  N N 150 
COA H62  H  N N 151 
COA HN4  H  N N 152 
COA H31  H  N N 153 
COA H32  H  N N 154 
COA H21  H  N N 155 
COA H22  H  N N 156 
COA HS1  H  N N 157 
CYS N    N  N N 158 
CYS CA   C  N R 159 
CYS C    C  N N 160 
CYS O    O  N N 161 
CYS CB   C  N N 162 
CYS SG   S  N N 163 
CYS OXT  O  N N 164 
CYS H    H  N N 165 
CYS H2   H  N N 166 
CYS HA   H  N N 167 
CYS HB2  H  N N 168 
CYS HB3  H  N N 169 
CYS HG   H  N N 170 
CYS HXT  H  N N 171 
GLN N    N  N N 172 
GLN CA   C  N S 173 
GLN C    C  N N 174 
GLN O    O  N N 175 
GLN CB   C  N N 176 
GLN CG   C  N N 177 
GLN CD   C  N N 178 
GLN OE1  O  N N 179 
GLN NE2  N  N N 180 
GLN OXT  O  N N 181 
GLN H    H  N N 182 
GLN H2   H  N N 183 
GLN HA   H  N N 184 
GLN HB2  H  N N 185 
GLN HB3  H  N N 186 
GLN HG2  H  N N 187 
GLN HG3  H  N N 188 
GLN HE21 H  N N 189 
GLN HE22 H  N N 190 
GLN HXT  H  N N 191 
GLU N    N  N N 192 
GLU CA   C  N S 193 
GLU C    C  N N 194 
GLU O    O  N N 195 
GLU CB   C  N N 196 
GLU CG   C  N N 197 
GLU CD   C  N N 198 
GLU OE1  O  N N 199 
GLU OE2  O  N N 200 
GLU OXT  O  N N 201 
GLU H    H  N N 202 
GLU H2   H  N N 203 
GLU HA   H  N N 204 
GLU HB2  H  N N 205 
GLU HB3  H  N N 206 
GLU HG2  H  N N 207 
GLU HG3  H  N N 208 
GLU HE2  H  N N 209 
GLU HXT  H  N N 210 
GLY N    N  N N 211 
GLY CA   C  N N 212 
GLY C    C  N N 213 
GLY O    O  N N 214 
GLY OXT  O  N N 215 
GLY H    H  N N 216 
GLY H2   H  N N 217 
GLY HA2  H  N N 218 
GLY HA3  H  N N 219 
GLY HXT  H  N N 220 
GOL C1   C  N N 221 
GOL O1   O  N N 222 
GOL C2   C  N N 223 
GOL O2   O  N N 224 
GOL C3   C  N N 225 
GOL O3   O  N N 226 
GOL H11  H  N N 227 
GOL H12  H  N N 228 
GOL HO1  H  N N 229 
GOL H2   H  N N 230 
GOL HO2  H  N N 231 
GOL H31  H  N N 232 
GOL H32  H  N N 233 
GOL HO3  H  N N 234 
HIS N    N  N N 235 
HIS CA   C  N S 236 
HIS C    C  N N 237 
HIS O    O  N N 238 
HIS CB   C  N N 239 
HIS CG   C  Y N 240 
HIS ND1  N  Y N 241 
HIS CD2  C  Y N 242 
HIS CE1  C  Y N 243 
HIS NE2  N  Y N 244 
HIS OXT  O  N N 245 
HIS H    H  N N 246 
HIS H2   H  N N 247 
HIS HA   H  N N 248 
HIS HB2  H  N N 249 
HIS HB3  H  N N 250 
HIS HD1  H  N N 251 
HIS HD2  H  N N 252 
HIS HE1  H  N N 253 
HIS HE2  H  N N 254 
HIS HXT  H  N N 255 
HOH O    O  N N 256 
HOH H1   H  N N 257 
HOH H2   H  N N 258 
ILE N    N  N N 259 
ILE CA   C  N S 260 
ILE C    C  N N 261 
ILE O    O  N N 262 
ILE CB   C  N S 263 
ILE CG1  C  N N 264 
ILE CG2  C  N N 265 
ILE CD1  C  N N 266 
ILE OXT  O  N N 267 
ILE H    H  N N 268 
ILE H2   H  N N 269 
ILE HA   H  N N 270 
ILE HB   H  N N 271 
ILE HG12 H  N N 272 
ILE HG13 H  N N 273 
ILE HG21 H  N N 274 
ILE HG22 H  N N 275 
ILE HG23 H  N N 276 
ILE HD11 H  N N 277 
ILE HD12 H  N N 278 
ILE HD13 H  N N 279 
ILE HXT  H  N N 280 
LEU N    N  N N 281 
LEU CA   C  N S 282 
LEU C    C  N N 283 
LEU O    O  N N 284 
LEU CB   C  N N 285 
LEU CG   C  N N 286 
LEU CD1  C  N N 287 
LEU CD2  C  N N 288 
LEU OXT  O  N N 289 
LEU H    H  N N 290 
LEU H2   H  N N 291 
LEU HA   H  N N 292 
LEU HB2  H  N N 293 
LEU HB3  H  N N 294 
LEU HG   H  N N 295 
LEU HD11 H  N N 296 
LEU HD12 H  N N 297 
LEU HD13 H  N N 298 
LEU HD21 H  N N 299 
LEU HD22 H  N N 300 
LEU HD23 H  N N 301 
LEU HXT  H  N N 302 
LYS N    N  N N 303 
LYS CA   C  N S 304 
LYS C    C  N N 305 
LYS O    O  N N 306 
LYS CB   C  N N 307 
LYS CG   C  N N 308 
LYS CD   C  N N 309 
LYS CE   C  N N 310 
LYS NZ   N  N N 311 
LYS OXT  O  N N 312 
LYS H    H  N N 313 
LYS H2   H  N N 314 
LYS HA   H  N N 315 
LYS HB2  H  N N 316 
LYS HB3  H  N N 317 
LYS HG2  H  N N 318 
LYS HG3  H  N N 319 
LYS HD2  H  N N 320 
LYS HD3  H  N N 321 
LYS HE2  H  N N 322 
LYS HE3  H  N N 323 
LYS HZ1  H  N N 324 
LYS HZ2  H  N N 325 
LYS HZ3  H  N N 326 
LYS HXT  H  N N 327 
MSE N    N  N N 328 
MSE CA   C  N S 329 
MSE C    C  N N 330 
MSE O    O  N N 331 
MSE OXT  O  N N 332 
MSE CB   C  N N 333 
MSE CG   C  N N 334 
MSE SE   SE N N 335 
MSE CE   C  N N 336 
MSE H    H  N N 337 
MSE H2   H  N N 338 
MSE HA   H  N N 339 
MSE HXT  H  N N 340 
MSE HB2  H  N N 341 
MSE HB3  H  N N 342 
MSE HG2  H  N N 343 
MSE HG3  H  N N 344 
MSE HE1  H  N N 345 
MSE HE2  H  N N 346 
MSE HE3  H  N N 347 
PHE N    N  N N 348 
PHE CA   C  N S 349 
PHE C    C  N N 350 
PHE O    O  N N 351 
PHE CB   C  N N 352 
PHE CG   C  Y N 353 
PHE CD1  C  Y N 354 
PHE CD2  C  Y N 355 
PHE CE1  C  Y N 356 
PHE CE2  C  Y N 357 
PHE CZ   C  Y N 358 
PHE OXT  O  N N 359 
PHE H    H  N N 360 
PHE H2   H  N N 361 
PHE HA   H  N N 362 
PHE HB2  H  N N 363 
PHE HB3  H  N N 364 
PHE HD1  H  N N 365 
PHE HD2  H  N N 366 
PHE HE1  H  N N 367 
PHE HE2  H  N N 368 
PHE HZ   H  N N 369 
PHE HXT  H  N N 370 
PRO N    N  N N 371 
PRO CA   C  N S 372 
PRO C    C  N N 373 
PRO O    O  N N 374 
PRO CB   C  N N 375 
PRO CG   C  N N 376 
PRO CD   C  N N 377 
PRO OXT  O  N N 378 
PRO H    H  N N 379 
PRO HA   H  N N 380 
PRO HB2  H  N N 381 
PRO HB3  H  N N 382 
PRO HG2  H  N N 383 
PRO HG3  H  N N 384 
PRO HD2  H  N N 385 
PRO HD3  H  N N 386 
PRO HXT  H  N N 387 
SER N    N  N N 388 
SER CA   C  N S 389 
SER C    C  N N 390 
SER O    O  N N 391 
SER CB   C  N N 392 
SER OG   O  N N 393 
SER OXT  O  N N 394 
SER H    H  N N 395 
SER H2   H  N N 396 
SER HA   H  N N 397 
SER HB2  H  N N 398 
SER HB3  H  N N 399 
SER HG   H  N N 400 
SER HXT  H  N N 401 
SO4 S    S  N N 402 
SO4 O1   O  N N 403 
SO4 O2   O  N N 404 
SO4 O3   O  N N 405 
SO4 O4   O  N N 406 
THR N    N  N N 407 
THR CA   C  N S 408 
THR C    C  N N 409 
THR O    O  N N 410 
THR CB   C  N R 411 
THR OG1  O  N N 412 
THR CG2  C  N N 413 
THR OXT  O  N N 414 
THR H    H  N N 415 
THR H2   H  N N 416 
THR HA   H  N N 417 
THR HB   H  N N 418 
THR HG1  H  N N 419 
THR HG21 H  N N 420 
THR HG22 H  N N 421 
THR HG23 H  N N 422 
THR HXT  H  N N 423 
TRP N    N  N N 424 
TRP CA   C  N S 425 
TRP C    C  N N 426 
TRP O    O  N N 427 
TRP CB   C  N N 428 
TRP CG   C  Y N 429 
TRP CD1  C  Y N 430 
TRP CD2  C  Y N 431 
TRP NE1  N  Y N 432 
TRP CE2  C  Y N 433 
TRP CE3  C  Y N 434 
TRP CZ2  C  Y N 435 
TRP CZ3  C  Y N 436 
TRP CH2  C  Y N 437 
TRP OXT  O  N N 438 
TRP H    H  N N 439 
TRP H2   H  N N 440 
TRP HA   H  N N 441 
TRP HB2  H  N N 442 
TRP HB3  H  N N 443 
TRP HD1  H  N N 444 
TRP HE1  H  N N 445 
TRP HE3  H  N N 446 
TRP HZ2  H  N N 447 
TRP HZ3  H  N N 448 
TRP HH2  H  N N 449 
TRP HXT  H  N N 450 
TYR N    N  N N 451 
TYR CA   C  N S 452 
TYR C    C  N N 453 
TYR O    O  N N 454 
TYR CB   C  N N 455 
TYR CG   C  Y N 456 
TYR CD1  C  Y N 457 
TYR CD2  C  Y N 458 
TYR CE1  C  Y N 459 
TYR CE2  C  Y N 460 
TYR CZ   C  Y N 461 
TYR OH   O  N N 462 
TYR OXT  O  N N 463 
TYR H    H  N N 464 
TYR H2   H  N N 465 
TYR HA   H  N N 466 
TYR HB2  H  N N 467 
TYR HB3  H  N N 468 
TYR HD1  H  N N 469 
TYR HD2  H  N N 470 
TYR HE1  H  N N 471 
TYR HE2  H  N N 472 
TYR HH   H  N N 473 
TYR HXT  H  N N 474 
VAL N    N  N N 475 
VAL CA   C  N S 476 
VAL C    C  N N 477 
VAL O    O  N N 478 
VAL CB   C  N N 479 
VAL CG1  C  N N 480 
VAL CG2  C  N N 481 
VAL OXT  O  N N 482 
VAL H    H  N N 483 
VAL H2   H  N N 484 
VAL HA   H  N N 485 
VAL HB   H  N N 486 
VAL HG11 H  N N 487 
VAL HG12 H  N N 488 
VAL HG13 H  N N 489 
VAL HG21 H  N N 490 
VAL HG22 H  N N 491 
VAL HG23 H  N N 492 
VAL HXT  H  N N 493 
# 
loop_
_chem_comp_bond.comp_id 
_chem_comp_bond.atom_id_1 
_chem_comp_bond.atom_id_2 
_chem_comp_bond.value_order 
_chem_comp_bond.pdbx_aromatic_flag 
_chem_comp_bond.pdbx_stereo_config 
_chem_comp_bond.pdbx_ordinal 
ALA N   CA   sing N N 1   
ALA N   H    sing N N 2   
ALA N   H2   sing N N 3   
ALA CA  C    sing N N 4   
ALA CA  CB   sing N N 5   
ALA CA  HA   sing N N 6   
ALA C   O    doub N N 7   
ALA C   OXT  sing N N 8   
ALA CB  HB1  sing N N 9   
ALA CB  HB2  sing N N 10  
ALA CB  HB3  sing N N 11  
ALA OXT HXT  sing N N 12  
ARG N   CA   sing N N 13  
ARG N   H    sing N N 14  
ARG N   H2   sing N N 15  
ARG CA  C    sing N N 16  
ARG CA  CB   sing N N 17  
ARG CA  HA   sing N N 18  
ARG C   O    doub N N 19  
ARG C   OXT  sing N N 20  
ARG CB  CG   sing N N 21  
ARG CB  HB2  sing N N 22  
ARG CB  HB3  sing N N 23  
ARG CG  CD   sing N N 24  
ARG CG  HG2  sing N N 25  
ARG CG  HG3  sing N N 26  
ARG CD  NE   sing N N 27  
ARG CD  HD2  sing N N 28  
ARG CD  HD3  sing N N 29  
ARG NE  CZ   sing N N 30  
ARG NE  HE   sing N N 31  
ARG CZ  NH1  sing N N 32  
ARG CZ  NH2  doub N N 33  
ARG NH1 HH11 sing N N 34  
ARG NH1 HH12 sing N N 35  
ARG NH2 HH21 sing N N 36  
ARG NH2 HH22 sing N N 37  
ARG OXT HXT  sing N N 38  
ASN N   CA   sing N N 39  
ASN N   H    sing N N 40  
ASN N   H2   sing N N 41  
ASN CA  C    sing N N 42  
ASN CA  CB   sing N N 43  
ASN CA  HA   sing N N 44  
ASN C   O    doub N N 45  
ASN C   OXT  sing N N 46  
ASN CB  CG   sing N N 47  
ASN CB  HB2  sing N N 48  
ASN CB  HB3  sing N N 49  
ASN CG  OD1  doub N N 50  
ASN CG  ND2  sing N N 51  
ASN ND2 HD21 sing N N 52  
ASN ND2 HD22 sing N N 53  
ASN OXT HXT  sing N N 54  
ASP N   CA   sing N N 55  
ASP N   H    sing N N 56  
ASP N   H2   sing N N 57  
ASP CA  C    sing N N 58  
ASP CA  CB   sing N N 59  
ASP CA  HA   sing N N 60  
ASP C   O    doub N N 61  
ASP C   OXT  sing N N 62  
ASP CB  CG   sing N N 63  
ASP CB  HB2  sing N N 64  
ASP CB  HB3  sing N N 65  
ASP CG  OD1  doub N N 66  
ASP CG  OD2  sing N N 67  
ASP OD2 HD2  sing N N 68  
ASP OXT HXT  sing N N 69  
COA N1A C2A  sing Y N 70  
COA N1A C6A  doub Y N 71  
COA C2A N3A  doub Y N 72  
COA C2A H2A  sing N N 73  
COA N3A C4A  sing Y N 74  
COA C4A C5A  doub Y N 75  
COA C4A N9A  sing Y N 76  
COA C5A C6A  sing Y N 77  
COA C5A N7A  sing Y N 78  
COA C6A N6A  sing N N 79  
COA N6A H61A sing N N 80  
COA N6A H62A sing N N 81  
COA N7A C8A  doub Y N 82  
COA C8A N9A  sing Y N 83  
COA C8A H8A  sing N N 84  
COA N9A C1B  sing N N 85  
COA C1B C2B  sing N N 86  
COA C1B O4B  sing N N 87  
COA C1B H1B  sing N N 88  
COA C2B O2B  sing N N 89  
COA C2B C3B  sing N N 90  
COA C2B H2B  sing N N 91  
COA O2B HO2A sing N N 92  
COA C3B O3B  sing N N 93  
COA C3B C4B  sing N N 94  
COA C3B H3B  sing N N 95  
COA O3B P3B  sing N N 96  
COA P3B O7A  doub N N 97  
COA P3B O8A  sing N N 98  
COA P3B O9A  sing N N 99  
COA O8A HOA8 sing N N 100 
COA O9A HOA9 sing N N 101 
COA C4B O4B  sing N N 102 
COA C4B C5B  sing N N 103 
COA C4B H4B  sing N N 104 
COA C5B O5B  sing N N 105 
COA C5B H51A sing N N 106 
COA C5B H52A sing N N 107 
COA O5B P1A  sing N N 108 
COA P1A O1A  doub N N 109 
COA P1A O2A  sing N N 110 
COA P1A O3A  sing N N 111 
COA O2A HOA2 sing N N 112 
COA O3A P2A  sing N N 113 
COA P2A O4A  doub N N 114 
COA P2A O5A  sing N N 115 
COA P2A O6A  sing N N 116 
COA O5A HOA5 sing N N 117 
COA O6A CCP  sing N N 118 
COA CBP CCP  sing N N 119 
COA CBP CDP  sing N N 120 
COA CBP CEP  sing N N 121 
COA CBP CAP  sing N N 122 
COA CCP H121 sing N N 123 
COA CCP H122 sing N N 124 
COA CDP H131 sing N N 125 
COA CDP H132 sing N N 126 
COA CDP H133 sing N N 127 
COA CEP H141 sing N N 128 
COA CEP H142 sing N N 129 
COA CEP H143 sing N N 130 
COA CAP OAP  sing N N 131 
COA CAP C9P  sing N N 132 
COA CAP H10  sing N N 133 
COA OAP HO1  sing N N 134 
COA C9P O9P  doub N N 135 
COA C9P N8P  sing N N 136 
COA N8P C7P  sing N N 137 
COA N8P HN8  sing N N 138 
COA C7P C6P  sing N N 139 
COA C7P H71  sing N N 140 
COA C7P H72  sing N N 141 
COA C6P C5P  sing N N 142 
COA C6P H61  sing N N 143 
COA C6P H62  sing N N 144 
COA C5P O5P  doub N N 145 
COA C5P N4P  sing N N 146 
COA N4P C3P  sing N N 147 
COA N4P HN4  sing N N 148 
COA C3P C2P  sing N N 149 
COA C3P H31  sing N N 150 
COA C3P H32  sing N N 151 
COA C2P S1P  sing N N 152 
COA C2P H21  sing N N 153 
COA C2P H22  sing N N 154 
COA S1P HS1  sing N N 155 
CYS N   CA   sing N N 156 
CYS N   H    sing N N 157 
CYS N   H2   sing N N 158 
CYS CA  C    sing N N 159 
CYS CA  CB   sing N N 160 
CYS CA  HA   sing N N 161 
CYS C   O    doub N N 162 
CYS C   OXT  sing N N 163 
CYS CB  SG   sing N N 164 
CYS CB  HB2  sing N N 165 
CYS CB  HB3  sing N N 166 
CYS SG  HG   sing N N 167 
CYS OXT HXT  sing N N 168 
GLN N   CA   sing N N 169 
GLN N   H    sing N N 170 
GLN N   H2   sing N N 171 
GLN CA  C    sing N N 172 
GLN CA  CB   sing N N 173 
GLN CA  HA   sing N N 174 
GLN C   O    doub N N 175 
GLN C   OXT  sing N N 176 
GLN CB  CG   sing N N 177 
GLN CB  HB2  sing N N 178 
GLN CB  HB3  sing N N 179 
GLN CG  CD   sing N N 180 
GLN CG  HG2  sing N N 181 
GLN CG  HG3  sing N N 182 
GLN CD  OE1  doub N N 183 
GLN CD  NE2  sing N N 184 
GLN NE2 HE21 sing N N 185 
GLN NE2 HE22 sing N N 186 
GLN OXT HXT  sing N N 187 
GLU N   CA   sing N N 188 
GLU N   H    sing N N 189 
GLU N   H2   sing N N 190 
GLU CA  C    sing N N 191 
GLU CA  CB   sing N N 192 
GLU CA  HA   sing N N 193 
GLU C   O    doub N N 194 
GLU C   OXT  sing N N 195 
GLU CB  CG   sing N N 196 
GLU CB  HB2  sing N N 197 
GLU CB  HB3  sing N N 198 
GLU CG  CD   sing N N 199 
GLU CG  HG2  sing N N 200 
GLU CG  HG3  sing N N 201 
GLU CD  OE1  doub N N 202 
GLU CD  OE2  sing N N 203 
GLU OE2 HE2  sing N N 204 
GLU OXT HXT  sing N N 205 
GLY N   CA   sing N N 206 
GLY N   H    sing N N 207 
GLY N   H2   sing N N 208 
GLY CA  C    sing N N 209 
GLY CA  HA2  sing N N 210 
GLY CA  HA3  sing N N 211 
GLY C   O    doub N N 212 
GLY C   OXT  sing N N 213 
GLY OXT HXT  sing N N 214 
GOL C1  O1   sing N N 215 
GOL C1  C2   sing N N 216 
GOL C1  H11  sing N N 217 
GOL C1  H12  sing N N 218 
GOL O1  HO1  sing N N 219 
GOL C2  O2   sing N N 220 
GOL C2  C3   sing N N 221 
GOL C2  H2   sing N N 222 
GOL O2  HO2  sing N N 223 
GOL C3  O3   sing N N 224 
GOL C3  H31  sing N N 225 
GOL C3  H32  sing N N 226 
GOL O3  HO3  sing N N 227 
HIS N   CA   sing N N 228 
HIS N   H    sing N N 229 
HIS N   H2   sing N N 230 
HIS CA  C    sing N N 231 
HIS CA  CB   sing N N 232 
HIS CA  HA   sing N N 233 
HIS C   O    doub N N 234 
HIS C   OXT  sing N N 235 
HIS CB  CG   sing N N 236 
HIS CB  HB2  sing N N 237 
HIS CB  HB3  sing N N 238 
HIS CG  ND1  sing Y N 239 
HIS CG  CD2  doub Y N 240 
HIS ND1 CE1  doub Y N 241 
HIS ND1 HD1  sing N N 242 
HIS CD2 NE2  sing Y N 243 
HIS CD2 HD2  sing N N 244 
HIS CE1 NE2  sing Y N 245 
HIS CE1 HE1  sing N N 246 
HIS NE2 HE2  sing N N 247 
HIS OXT HXT  sing N N 248 
HOH O   H1   sing N N 249 
HOH O   H2   sing N N 250 
ILE N   CA   sing N N 251 
ILE N   H    sing N N 252 
ILE N   H2   sing N N 253 
ILE CA  C    sing N N 254 
ILE CA  CB   sing N N 255 
ILE CA  HA   sing N N 256 
ILE C   O    doub N N 257 
ILE C   OXT  sing N N 258 
ILE CB  CG1  sing N N 259 
ILE CB  CG2  sing N N 260 
ILE CB  HB   sing N N 261 
ILE CG1 CD1  sing N N 262 
ILE CG1 HG12 sing N N 263 
ILE CG1 HG13 sing N N 264 
ILE CG2 HG21 sing N N 265 
ILE CG2 HG22 sing N N 266 
ILE CG2 HG23 sing N N 267 
ILE CD1 HD11 sing N N 268 
ILE CD1 HD12 sing N N 269 
ILE CD1 HD13 sing N N 270 
ILE OXT HXT  sing N N 271 
LEU N   CA   sing N N 272 
LEU N   H    sing N N 273 
LEU N   H2   sing N N 274 
LEU CA  C    sing N N 275 
LEU CA  CB   sing N N 276 
LEU CA  HA   sing N N 277 
LEU C   O    doub N N 278 
LEU C   OXT  sing N N 279 
LEU CB  CG   sing N N 280 
LEU CB  HB2  sing N N 281 
LEU CB  HB3  sing N N 282 
LEU CG  CD1  sing N N 283 
LEU CG  CD2  sing N N 284 
LEU CG  HG   sing N N 285 
LEU CD1 HD11 sing N N 286 
LEU CD1 HD12 sing N N 287 
LEU CD1 HD13 sing N N 288 
LEU CD2 HD21 sing N N 289 
LEU CD2 HD22 sing N N 290 
LEU CD2 HD23 sing N N 291 
LEU OXT HXT  sing N N 292 
LYS N   CA   sing N N 293 
LYS N   H    sing N N 294 
LYS N   H2   sing N N 295 
LYS CA  C    sing N N 296 
LYS CA  CB   sing N N 297 
LYS CA  HA   sing N N 298 
LYS C   O    doub N N 299 
LYS C   OXT  sing N N 300 
LYS CB  CG   sing N N 301 
LYS CB  HB2  sing N N 302 
LYS CB  HB3  sing N N 303 
LYS CG  CD   sing N N 304 
LYS CG  HG2  sing N N 305 
LYS CG  HG3  sing N N 306 
LYS CD  CE   sing N N 307 
LYS CD  HD2  sing N N 308 
LYS CD  HD3  sing N N 309 
LYS CE  NZ   sing N N 310 
LYS CE  HE2  sing N N 311 
LYS CE  HE3  sing N N 312 
LYS NZ  HZ1  sing N N 313 
LYS NZ  HZ2  sing N N 314 
LYS NZ  HZ3  sing N N 315 
LYS OXT HXT  sing N N 316 
MSE N   CA   sing N N 317 
MSE N   H    sing N N 318 
MSE N   H2   sing N N 319 
MSE CA  C    sing N N 320 
MSE CA  CB   sing N N 321 
MSE CA  HA   sing N N 322 
MSE C   O    doub N N 323 
MSE C   OXT  sing N N 324 
MSE OXT HXT  sing N N 325 
MSE CB  CG   sing N N 326 
MSE CB  HB2  sing N N 327 
MSE CB  HB3  sing N N 328 
MSE CG  SE   sing N N 329 
MSE CG  HG2  sing N N 330 
MSE CG  HG3  sing N N 331 
MSE SE  CE   sing N N 332 
MSE CE  HE1  sing N N 333 
MSE CE  HE2  sing N N 334 
MSE CE  HE3  sing N N 335 
PHE N   CA   sing N N 336 
PHE N   H    sing N N 337 
PHE N   H2   sing N N 338 
PHE CA  C    sing N N 339 
PHE CA  CB   sing N N 340 
PHE CA  HA   sing N N 341 
PHE C   O    doub N N 342 
PHE C   OXT  sing N N 343 
PHE CB  CG   sing N N 344 
PHE CB  HB2  sing N N 345 
PHE CB  HB3  sing N N 346 
PHE CG  CD1  doub Y N 347 
PHE CG  CD2  sing Y N 348 
PHE CD1 CE1  sing Y N 349 
PHE CD1 HD1  sing N N 350 
PHE CD2 CE2  doub Y N 351 
PHE CD2 HD2  sing N N 352 
PHE CE1 CZ   doub Y N 353 
PHE CE1 HE1  sing N N 354 
PHE CE2 CZ   sing Y N 355 
PHE CE2 HE2  sing N N 356 
PHE CZ  HZ   sing N N 357 
PHE OXT HXT  sing N N 358 
PRO N   CA   sing N N 359 
PRO N   CD   sing N N 360 
PRO N   H    sing N N 361 
PRO CA  C    sing N N 362 
PRO CA  CB   sing N N 363 
PRO CA  HA   sing N N 364 
PRO C   O    doub N N 365 
PRO C   OXT  sing N N 366 
PRO CB  CG   sing N N 367 
PRO CB  HB2  sing N N 368 
PRO CB  HB3  sing N N 369 
PRO CG  CD   sing N N 370 
PRO CG  HG2  sing N N 371 
PRO CG  HG3  sing N N 372 
PRO CD  HD2  sing N N 373 
PRO CD  HD3  sing N N 374 
PRO OXT HXT  sing N N 375 
SER N   CA   sing N N 376 
SER N   H    sing N N 377 
SER N   H2   sing N N 378 
SER CA  C    sing N N 379 
SER CA  CB   sing N N 380 
SER CA  HA   sing N N 381 
SER C   O    doub N N 382 
SER C   OXT  sing N N 383 
SER CB  OG   sing N N 384 
SER CB  HB2  sing N N 385 
SER CB  HB3  sing N N 386 
SER OG  HG   sing N N 387 
SER OXT HXT  sing N N 388 
SO4 S   O1   doub N N 389 
SO4 S   O2   doub N N 390 
SO4 S   O3   sing N N 391 
SO4 S   O4   sing N N 392 
THR N   CA   sing N N 393 
THR N   H    sing N N 394 
THR N   H2   sing N N 395 
THR CA  C    sing N N 396 
THR CA  CB   sing N N 397 
THR CA  HA   sing N N 398 
THR C   O    doub N N 399 
THR C   OXT  sing N N 400 
THR CB  OG1  sing N N 401 
THR CB  CG2  sing N N 402 
THR CB  HB   sing N N 403 
THR OG1 HG1  sing N N 404 
THR CG2 HG21 sing N N 405 
THR CG2 HG22 sing N N 406 
THR CG2 HG23 sing N N 407 
THR OXT HXT  sing N N 408 
TRP N   CA   sing N N 409 
TRP N   H    sing N N 410 
TRP N   H2   sing N N 411 
TRP CA  C    sing N N 412 
TRP CA  CB   sing N N 413 
TRP CA  HA   sing N N 414 
TRP C   O    doub N N 415 
TRP C   OXT  sing N N 416 
TRP CB  CG   sing N N 417 
TRP CB  HB2  sing N N 418 
TRP CB  HB3  sing N N 419 
TRP CG  CD1  doub Y N 420 
TRP CG  CD2  sing Y N 421 
TRP CD1 NE1  sing Y N 422 
TRP CD1 HD1  sing N N 423 
TRP CD2 CE2  doub Y N 424 
TRP CD2 CE3  sing Y N 425 
TRP NE1 CE2  sing Y N 426 
TRP NE1 HE1  sing N N 427 
TRP CE2 CZ2  sing Y N 428 
TRP CE3 CZ3  doub Y N 429 
TRP CE3 HE3  sing N N 430 
TRP CZ2 CH2  doub Y N 431 
TRP CZ2 HZ2  sing N N 432 
TRP CZ3 CH2  sing Y N 433 
TRP CZ3 HZ3  sing N N 434 
TRP CH2 HH2  sing N N 435 
TRP OXT HXT  sing N N 436 
TYR N   CA   sing N N 437 
TYR N   H    sing N N 438 
TYR N   H2   sing N N 439 
TYR CA  C    sing N N 440 
TYR CA  CB   sing N N 441 
TYR CA  HA   sing N N 442 
TYR C   O    doub N N 443 
TYR C   OXT  sing N N 444 
TYR CB  CG   sing N N 445 
TYR CB  HB2  sing N N 446 
TYR CB  HB3  sing N N 447 
TYR CG  CD1  doub Y N 448 
TYR CG  CD2  sing Y N 449 
TYR CD1 CE1  sing Y N 450 
TYR CD1 HD1  sing N N 451 
TYR CD2 CE2  doub Y N 452 
TYR CD2 HD2  sing N N 453 
TYR CE1 CZ   doub Y N 454 
TYR CE1 HE1  sing N N 455 
TYR CE2 CZ   sing Y N 456 
TYR CE2 HE2  sing N N 457 
TYR CZ  OH   sing N N 458 
TYR OH  HH   sing N N 459 
TYR OXT HXT  sing N N 460 
VAL N   CA   sing N N 461 
VAL N   H    sing N N 462 
VAL N   H2   sing N N 463 
VAL CA  C    sing N N 464 
VAL CA  CB   sing N N 465 
VAL CA  HA   sing N N 466 
VAL C   O    doub N N 467 
VAL C   OXT  sing N N 468 
VAL CB  CG1  sing N N 469 
VAL CB  CG2  sing N N 470 
VAL CB  HB   sing N N 471 
VAL CG1 HG11 sing N N 472 
VAL CG1 HG12 sing N N 473 
VAL CG1 HG13 sing N N 474 
VAL CG2 HG21 sing N N 475 
VAL CG2 HG22 sing N N 476 
VAL CG2 HG23 sing N N 477 
VAL OXT HXT  sing N N 478 
# 
_atom_sites.entry_id                    3GY9 
_atom_sites.fract_transf_matrix[1][1]   0.01315675 
_atom_sites.fract_transf_matrix[1][2]   -0.00005726 
_atom_sites.fract_transf_matrix[1][3]   0.01214437 
_atom_sites.fract_transf_matrix[2][1]   0.01020984 
_atom_sites.fract_transf_matrix[2][2]   0.00015353 
_atom_sites.fract_transf_matrix[2][3]   -0.01106022 
_atom_sites.fract_transf_matrix[3][1]   -0.00005207 
_atom_sites.fract_transf_matrix[3][2]   0.01139835 
_atom_sites.fract_transf_matrix[3][3]   0.00011015 
_atom_sites.fract_transf_vector[1]      0.342169 
_atom_sites.fract_transf_vector[2]      0.282345 
_atom_sites.fract_transf_vector[3]      0.155195 
# 
loop_
_atom_type.symbol 
C  
N  
O  
P  
S  
SE 
# 
loop_
_atom_site.group_PDB 
_atom_site.id 
_atom_site.type_symbol 
_atom_site.label_atom_id 
_atom_site.label_alt_id 
_atom_site.label_comp_id 
_atom_site.label_asym_id 
_atom_site.label_entity_id 
_atom_site.label_seq_id 
_atom_site.pdbx_PDB_ins_code 
_atom_site.Cartn_x 
_atom_site.Cartn_y 
_atom_site.Cartn_z 
_atom_site.occupancy 
_atom_site.B_iso_or_equiv 
_atom_site.pdbx_formal_charge 
_atom_site.auth_seq_id 
_atom_site.auth_comp_id 
_atom_site.auth_asym_id 
_atom_site.auth_atom_id 
_atom_site.pdbx_PDB_model_num 
HETATM 1    N  N   . MSE A 1 2   ? -13.986 -9.384  7.817   1.00 46.16 ? 1   MSE A N   1 
HETATM 2    C  CA  . MSE A 1 2   ? -14.050 -8.267  8.807   1.00 46.00 ? 1   MSE A CA  1 
HETATM 3    C  C   . MSE A 1 2   ? -14.568 -6.982  8.171   1.00 42.25 ? 1   MSE A C   1 
HETATM 4    O  O   . MSE A 1 2   ? -14.167 -6.620  7.054   1.00 43.07 ? 1   MSE A O   1 
HETATM 5    C  CB  . MSE A 1 2   ? -12.668 -7.988  9.390   1.00 46.02 ? 1   MSE A CB  1 
HETATM 6    C  CG  . MSE A 1 2   ? -12.250 -8.952  10.459  1.00 46.80 ? 1   MSE A CG  1 
HETATM 7    SE SE  . MSE A 1 2   ? -10.467 -8.532  11.047  0.75 52.80 ? 1   MSE A SE  1 
HETATM 8    C  CE  . MSE A 1 2   ? -10.136 -10.089 12.217  1.00 48.28 ? 1   MSE A CE  1 
ATOM   9    N  N   . ASP A 1 3   ? -15.449 -6.291  8.891   1.00 36.61 ? 2   ASP A N   1 
ATOM   10   C  CA  . ASP A 1 3   ? -15.908 -4.980  8.469   1.00 32.42 ? 2   ASP A CA  1 
ATOM   11   C  C   . ASP A 1 3   ? -14.817 -3.969  8.801   1.00 28.64 ? 2   ASP A C   1 
ATOM   12   O  O   . ASP A 1 3   ? -14.478 -3.758  9.970   1.00 27.67 ? 2   ASP A O   1 
ATOM   13   C  CB  . ASP A 1 3   ? -17.220 -4.603  9.153   1.00 31.47 ? 2   ASP A CB  1 
ATOM   14   C  CG  . ASP A 1 3   ? -18.352 -5.544  8.805   1.00 37.56 ? 2   ASP A CG  1 
ATOM   15   O  OD1 . ASP A 1 3   ? -18.231 -6.296  7.812   1.00 41.63 ? 2   ASP A OD1 1 
ATOM   16   O  OD2 . ASP A 1 3   ? -19.370 -5.528  9.528   1.00 42.96 ? 2   ASP A OD2 1 
ATOM   17   N  N   . VAL A 1 4   ? -14.216 -3.399  7.761   1.00 23.45 ? 3   VAL A N   1 
ATOM   18   C  CA  . VAL A 1 4   ? -13.287 -2.303  7.916   1.00 21.55 ? 3   VAL A CA  1 
ATOM   19   C  C   . VAL A 1 4   ? -13.732 -1.158  7.048   1.00 18.57 ? 3   VAL A C   1 
ATOM   20   O  O   . VAL A 1 4   ? -14.507 -1.339  6.102   1.00 21.55 ? 3   VAL A O   1 
ATOM   21   C  CB  . VAL A 1 4   ? -11.814 -2.660  7.531   1.00 23.34 ? 3   VAL A CB  1 
ATOM   22   C  CG1 . VAL A 1 4   ? -11.285 -3.757  8.423   1.00 28.41 ? 3   VAL A CG1 1 
ATOM   23   C  CG2 . VAL A 1 4   ? -11.691 -3.050  6.051   1.00 24.23 ? 3   VAL A CG2 1 
ATOM   24   N  N   . THR A 1 5   ? -13.231 0.018   7.387   1.00 19.08 ? 4   THR A N   1 
ATOM   25   C  CA  . THR A 1 5   ? -13.353 1.197   6.547   1.00 20.65 ? 4   THR A CA  1 
ATOM   26   C  C   . THR A 1 5   ? -11.934 1.579   6.116   1.00 19.03 ? 4   THR A C   1 
ATOM   27   O  O   . THR A 1 5   ? -11.001 1.495   6.903   1.00 21.51 ? 4   THR A O   1 
ATOM   28   C  CB  . THR A 1 5   ? -14.020 2.338   7.316   1.00 21.22 ? 4   THR A CB  1 
ATOM   29   O  OG1 . THR A 1 5   ? -13.226 2.672   8.459   1.00 28.03 ? 4   THR A OG1 1 
ATOM   30   C  CG2 . THR A 1 5   ? -15.394 1.930   7.779   1.00 21.47 ? 4   THR A CG2 1 
ATOM   31   N  N   . ILE A 1 6   ? -11.766 1.954   4.853   1.00 19.72 ? 5   ILE A N   1 
ATOM   32   C  CA  . ILE A 1 6   ? -10.472 2.386   4.365   1.00 20.00 ? 5   ILE A CA  1 
ATOM   33   C  C   . ILE A 1 6   ? -10.532 3.909   4.261   1.00 19.73 ? 5   ILE A C   1 
ATOM   34   O  O   . ILE A 1 6   ? -11.383 4.454   3.537   1.00 22.89 ? 5   ILE A O   1 
ATOM   35   C  CB  . ILE A 1 6   ? -10.129 1.810   2.973   1.00 20.88 ? 5   ILE A CB  1 
ATOM   36   C  CG1 . ILE A 1 6   ? -10.283 0.280   2.896   1.00 24.11 ? 5   ILE A CG1 1 
ATOM   37   C  CG2 . ILE A 1 6   ? -8.717  2.229   2.568   1.00 23.19 ? 5   ILE A CG2 1 
ATOM   38   C  CD1 . ILE A 1 6   ? -9.317  -0.499  3.709   1.00 28.81 ? 5   ILE A CD1 1 
ATOM   39   N  N   A GLU A 1 7   ? -9.622  4.580   4.960   0.70 18.47 ? 6   GLU A N   1 
ATOM   40   N  N   B GLU A 1 7   ? -9.662  4.613   4.969   0.30 18.14 ? 6   GLU A N   1 
ATOM   41   C  CA  A GLU A 1 7   ? -9.613  6.034   5.067   0.70 21.65 ? 6   GLU A CA  1 
ATOM   42   C  CA  B GLU A 1 7   ? -9.677  6.063   4.875   0.30 18.06 ? 6   GLU A CA  1 
ATOM   43   C  C   A GLU A 1 7   ? -8.297  6.597   4.531   0.70 19.70 ? 6   GLU A C   1 
ATOM   44   C  C   B GLU A 1 7   ? -8.313  6.636   4.580   0.30 18.34 ? 6   GLU A C   1 
ATOM   45   O  O   A GLU A 1 7   ? -7.253  5.991   4.735   0.70 19.16 ? 6   GLU A O   1 
ATOM   46   O  O   B GLU A 1 7   ? -7.276  6.102   4.988   0.30 17.10 ? 6   GLU A O   1 
ATOM   47   C  CB  A GLU A 1 7   ? -9.782  6.445   6.542   0.70 23.21 ? 6   GLU A CB  1 
ATOM   48   C  CB  B GLU A 1 7   ? -10.232 6.699   6.149   0.30 18.83 ? 6   GLU A CB  1 
ATOM   49   C  CG  A GLU A 1 7   ? -9.408  7.888   6.807   0.70 26.24 ? 6   GLU A CG  1 
ATOM   50   C  CG  B GLU A 1 7   ? -9.371  6.488   7.380   0.30 16.74 ? 6   GLU A CG  1 
ATOM   51   C  CD  A GLU A 1 7   ? -9.880  8.418   8.130   0.70 25.34 ? 6   GLU A CD  1 
ATOM   52   C  CD  B GLU A 1 7   ? -9.854  7.288   8.557   0.30 15.18 ? 6   GLU A CD  1 
ATOM   53   O  OE1 A GLU A 1 7   ? -10.711 9.348   8.115   0.70 35.86 ? 6   GLU A OE1 1 
ATOM   54   O  OE1 B GLU A 1 7   ? -9.166  8.249   8.948   0.30 17.89 ? 6   GLU A OE1 1 
ATOM   55   O  OE2 A GLU A 1 7   ? -9.417  7.919   9.173   0.70 27.58 ? 6   GLU A OE2 1 
ATOM   56   O  OE2 B GLU A 1 7   ? -10.941 6.972   9.074   0.30 17.90 ? 6   GLU A OE2 1 
ATOM   57   N  N   . ARG A 1 8   ? -8.350  7.766   3.896   1.00 19.35 ? 7   ARG A N   1 
ATOM   58   C  CA  . ARG A 1 8   ? -7.153  8.527   3.532   1.00 20.67 ? 7   ARG A CA  1 
ATOM   59   C  C   . ARG A 1 8   ? -6.543  9.188   4.758   1.00 21.89 ? 7   ARG A C   1 
ATOM   60   O  O   . ARG A 1 8   ? -7.254  9.798   5.566   1.00 21.65 ? 7   ARG A O   1 
ATOM   61   C  CB  . ARG A 1 8   ? -7.548  9.624   2.549   1.00 19.73 ? 7   ARG A CB  1 
ATOM   62   C  CG  . ARG A 1 8   ? -6.438  10.454  1.951   1.00 23.82 ? 7   ARG A CG  1 
ATOM   63   C  CD  . ARG A 1 8   ? -7.042  11.526  1.028   1.00 23.84 ? 7   ARG A CD  1 
ATOM   64   N  NE  . ARG A 1 8   ? -8.000  10.894  0.147   1.00 21.36 ? 7   ARG A NE  1 
ATOM   65   C  CZ  . ARG A 1 8   ? -7.680  10.236  -0.973  1.00 20.12 ? 7   ARG A CZ  1 
ATOM   66   N  NH1 . ARG A 1 8   ? -6.440  10.271  -1.467  1.00 19.87 ? 7   ARG A NH1 1 
ATOM   67   N  NH2 . ARG A 1 8   ? -8.629  9.607   -1.633  1.00 20.82 ? 7   ARG A NH2 1 
ATOM   68   N  N   . VAL A 1 9   ? -5.227  9.085   4.888   1.00 20.16 ? 8   VAL A N   1 
ATOM   69   C  CA  . VAL A 1 9   ? -4.514  9.700   5.978   1.00 19.58 ? 8   VAL A CA  1 
ATOM   70   C  C   . VAL A 1 9   ? -4.206  11.127  5.577   1.00 20.94 ? 8   VAL A C   1 
ATOM   71   O  O   . VAL A 1 9   ? -3.388  11.357  4.688   1.00 22.33 ? 8   VAL A O   1 
ATOM   72   C  CB  . VAL A 1 9   ? -3.208  8.944   6.292   1.00 20.65 ? 8   VAL A CB  1 
ATOM   73   C  CG1 . VAL A 1 9   ? -2.395  9.661   7.345   1.00 22.29 ? 8   VAL A CG1 1 
ATOM   74   C  CG2 . VAL A 1 9   ? -3.522  7.539   6.714   1.00 20.05 ? 8   VAL A CG2 1 
ATOM   75   N  N   . ASN A 1 10  ? -4.883  12.071  6.217   1.00 20.02 ? 9   ASN A N   1 
ATOM   76   C  CA  . ASN A 1 10  ? -4.565  13.482  6.086   1.00 22.02 ? 9   ASN A CA  1 
ATOM   77   C  C   . ASN A 1 10  ? -3.861  14.023  7.327   1.00 23.19 ? 9   ASN A C   1 
ATOM   78   O  O   . ASN A 1 10  ? -3.273  15.101  7.277   1.00 25.35 ? 9   ASN A O   1 
ATOM   79   C  CB  . ASN A 1 10  ? -5.831  14.297  5.828   1.00 22.78 ? 9   ASN A CB  1 
ATOM   80   C  CG  . ASN A 1 10  ? -6.510  13.923  4.537   1.00 26.03 ? 9   ASN A CG  1 
ATOM   81   O  OD1 . ASN A 1 10  ? -7.699  13.626  4.525   1.00 36.13 ? 9   ASN A OD1 1 
ATOM   82   N  ND2 . ASN A 1 10  ? -5.753  13.916  3.439   1.00 30.96 ? 9   ASN A ND2 1 
ATOM   83   N  N   . ASP A 1 11  ? -3.907  13.270  8.429   1.00 23.62 ? 10  ASP A N   1 
ATOM   84   C  CA  . ASP A 1 11  ? -3.304  13.679  9.704   1.00 23.09 ? 10  ASP A CA  1 
ATOM   85   C  C   . ASP A 1 11  ? -2.683  12.450  10.350  1.00 23.46 ? 10  ASP A C   1 
ATOM   86   O  O   . ASP A 1 11  ? -3.359  11.687  11.042  1.00 23.65 ? 10  ASP A O   1 
ATOM   87   C  CB  . ASP A 1 11  ? -4.366  14.311  10.612  1.00 23.50 ? 10  ASP A CB  1 
ATOM   88   C  CG  . ASP A 1 11  ? -3.853  14.618  12.029  1.00 27.42 ? 10  ASP A CG  1 
ATOM   89   O  OD1 . ASP A 1 11  ? -2.628  14.570  12.270  1.00 25.19 ? 10  ASP A OD1 1 
ATOM   90   O  OD2 . ASP A 1 11  ? -4.702  14.919  12.902  1.00 33.41 ? 10  ASP A OD2 1 
ATOM   91   N  N   . PHE A 1 12  ? -1.398  12.243  10.109  1.00 23.44 ? 11  PHE A N   1 
ATOM   92   C  CA  . PHE A 1 12  ? -0.726  11.061  10.662  1.00 22.75 ? 11  PHE A CA  1 
ATOM   93   C  C   . PHE A 1 12  ? -0.803  11.022  12.181  1.00 21.66 ? 11  PHE A C   1 
ATOM   94   O  O   . PHE A 1 12  ? -0.770  9.957   12.792  1.00 23.27 ? 11  PHE A O   1 
ATOM   95   C  CB  . PHE A 1 12  ? 0.740   11.028  10.235  1.00 22.92 ? 11  PHE A CB  1 
ATOM   96   C  CG  . PHE A 1 12  ? 0.950   10.479  8.855   1.00 24.43 ? 11  PHE A CG  1 
ATOM   97   C  CD1 . PHE A 1 12  ? 0.986   9.118   8.633   1.00 24.17 ? 11  PHE A CD1 1 
ATOM   98   C  CD2 . PHE A 1 12  ? 1.122   11.334  7.783   1.00 29.97 ? 11  PHE A CD2 1 
ATOM   99   C  CE1 . PHE A 1 12  ? 1.159   8.613   7.350   1.00 27.98 ? 11  PHE A CE1 1 
ATOM   100  C  CE2 . PHE A 1 12  ? 1.327   10.825  6.510   1.00 29.20 ? 11  PHE A CE2 1 
ATOM   101  C  CZ  . PHE A 1 12  ? 1.330   9.483   6.300   1.00 28.68 ? 11  PHE A CZ  1 
ATOM   102  N  N   . ASP A 1 13  ? -0.876  12.186  12.800  1.00 20.96 ? 12  ASP A N   1 
ATOM   103  C  CA  . ASP A 1 13  ? -0.800  12.256  14.245  1.00 21.53 ? 12  ASP A CA  1 
ATOM   104  C  C   . ASP A 1 13  ? -2.141  11.948  14.947  1.00 20.54 ? 12  ASP A C   1 
ATOM   105  O  O   . ASP A 1 13  ? -2.240  12.020  16.170  1.00 24.36 ? 12  ASP A O   1 
ATOM   106  C  CB  . ASP A 1 13  ? -0.226  13.610  14.657  1.00 22.10 ? 12  ASP A CB  1 
ATOM   107  C  CG  . ASP A 1 13  ? 1.155   13.856  14.067  1.00 24.05 ? 12  ASP A CG  1 
ATOM   108  O  OD1 . ASP A 1 13  ? 2.035   13.006  14.291  1.00 22.74 ? 12  ASP A OD1 1 
ATOM   109  O  OD2 . ASP A 1 13  ? 1.354   14.865  13.347  1.00 25.43 ? 12  ASP A OD2 1 
ATOM   110  N  N   . GLY A 1 14  ? -3.155  11.575  14.170  1.00 21.18 ? 13  GLY A N   1 
ATOM   111  C  CA  . GLY A 1 14  ? -4.468  11.294  14.726  1.00 23.61 ? 13  GLY A CA  1 
ATOM   112  C  C   . GLY A 1 14  ? -4.781  9.813   14.875  1.00 22.93 ? 13  GLY A C   1 
ATOM   113  O  O   . GLY A 1 14  ? -5.931  9.467   15.136  1.00 25.00 ? 13  GLY A O   1 
ATOM   114  N  N   . TYR A 1 15  ? -3.784  8.947   14.718  1.00 20.58 ? 14  TYR A N   1 
ATOM   115  C  CA  . TYR A 1 15  ? -3.977  7.489   14.818  1.00 19.82 ? 14  TYR A CA  1 
ATOM   116  C  C   . TYR A 1 15  ? -2.999  6.921   15.797  1.00 20.83 ? 14  TYR A C   1 
ATOM   117  O  O   . TYR A 1 15  ? -1.878  7.438   15.940  1.00 21.55 ? 14  TYR A O   1 
ATOM   118  C  CB  . TYR A 1 15  ? -3.713  6.800   13.480  1.00 19.66 ? 14  TYR A CB  1 
ATOM   119  C  CG  . TYR A 1 15  ? -4.553  7.308   12.347  1.00 19.38 ? 14  TYR A CG  1 
ATOM   120  C  CD1 . TYR A 1 15  ? -5.828  6.797   12.108  1.00 19.74 ? 14  TYR A CD1 1 
ATOM   121  C  CD2 . TYR A 1 15  ? -4.087  8.337   11.529  1.00 21.45 ? 14  TYR A CD2 1 
ATOM   122  C  CE1 . TYR A 1 15  ? -6.608  7.284   11.050  1.00 20.56 ? 14  TYR A CE1 1 
ATOM   123  C  CE2 . TYR A 1 15  ? -4.854  8.823   10.486  1.00 21.38 ? 14  TYR A CE2 1 
ATOM   124  C  CZ  . TYR A 1 15  ? -6.097  8.299   10.255  1.00 22.02 ? 14  TYR A CZ  1 
ATOM   125  O  OH  . TYR A 1 15  ? -6.828  8.812   9.220   1.00 21.31 ? 14  TYR A OH  1 
ATOM   126  N  N   . ASN A 1 16  ? -3.379  5.829   16.458  1.00 18.81 ? 15  ASN A N   1 
ATOM   127  C  CA  . ASN A 1 16  ? -2.401  5.085   17.251  1.00 18.44 ? 15  ASN A CA  1 
ATOM   128  C  C   . ASN A 1 16  ? -1.691  4.087   16.365  1.00 20.42 ? 15  ASN A C   1 
ATOM   129  O  O   . ASN A 1 16  ? -2.252  3.040   16.029  1.00 19.40 ? 15  ASN A O   1 
ATOM   130  C  CB  . ASN A 1 16  ? -3.069  4.365   18.411  1.00 17.96 ? 15  ASN A CB  1 
ATOM   131  C  CG  . ASN A 1 16  ? -2.063  3.652   19.320  1.00 17.85 ? 15  ASN A CG  1 
ATOM   132  O  OD1 . ASN A 1 16  ? -0.845  3.768   19.100  1.00 18.82 ? 15  ASN A OD1 1 
ATOM   133  N  ND2 . ASN A 1 16  ? -2.553  2.936   20.347  1.00 18.96 ? 15  ASN A ND2 1 
ATOM   134  N  N   . TRP A 1 17  ? -0.456  4.407   16.006  1.00 20.04 ? 16  TRP A N   1 
ATOM   135  C  CA  . TRP A 1 17  ? 0.349   3.557   15.129  1.00 19.78 ? 16  TRP A CA  1 
ATOM   136  C  C   . TRP A 1 17  ? 1.174   2.517   15.865  1.00 19.89 ? 16  TRP A C   1 
ATOM   137  O  O   . TRP A 1 17  ? 1.829   1.688   15.227  1.00 21.15 ? 16  TRP A O   1 
ATOM   138  C  CB  . TRP A 1 17  ? 1.344   4.411   14.330  1.00 20.71 ? 16  TRP A CB  1 
ATOM   139  C  CG  . TRP A 1 17  ? 0.705   5.362   13.394  1.00 20.92 ? 16  TRP A CG  1 
ATOM   140  C  CD1 . TRP A 1 17  ? 0.521   6.695   13.591  1.00 22.51 ? 16  TRP A CD1 1 
ATOM   141  C  CD2 . TRP A 1 17  ? 0.158   5.059   12.107  1.00 22.39 ? 16  TRP A CD2 1 
ATOM   142  N  NE1 . TRP A 1 17  ? -0.105  7.244   12.496  1.00 23.05 ? 16  TRP A NE1 1 
ATOM   143  C  CE2 . TRP A 1 17  ? -0.348  6.259   11.575  1.00 23.62 ? 16  TRP A CE2 1 
ATOM   144  C  CE3 . TRP A 1 17  ? 0.042   3.891   11.355  1.00 23.87 ? 16  TRP A CE3 1 
ATOM   145  C  CZ2 . TRP A 1 17  ? -0.943  6.323   10.314  1.00 25.34 ? 16  TRP A CZ2 1 
ATOM   146  C  CZ3 . TRP A 1 17  ? -0.559  3.960   10.096  1.00 26.64 ? 16  TRP A CZ3 1 
ATOM   147  C  CH2 . TRP A 1 17  ? -1.044  5.164   9.601   1.00 26.62 ? 16  TRP A CH2 1 
ATOM   148  N  N   . LEU A 1 18  ? 1.209   2.579   17.191  1.00 19.52 ? 17  LEU A N   1 
ATOM   149  C  CA  . LEU A 1 18  ? 2.111   1.699   17.946  1.00 18.17 ? 17  LEU A CA  1 
ATOM   150  C  C   . LEU A 1 18  ? 1.885   0.208   17.680  1.00 18.48 ? 17  LEU A C   1 
ATOM   151  O  O   . LEU A 1 18  ? 2.857   -0.533  17.535  1.00 20.26 ? 17  LEU A O   1 
ATOM   152  C  CB  . LEU A 1 18  ? 2.102   2.001   19.432  1.00 21.06 ? 17  LEU A CB  1 
ATOM   153  C  CG  . LEU A 1 18  ? 2.878   3.254   19.774  1.00 20.27 ? 17  LEU A CG  1 
ATOM   154  C  CD1 . LEU A 1 18  ? 2.795   3.482   21.267  1.00 20.31 ? 17  LEU A CD1 1 
ATOM   155  C  CD2 . LEU A 1 18  ? 4.351   3.168   19.314  1.00 20.90 ? 17  LEU A CD2 1 
ATOM   156  N  N   . PRO A 1 19  ? 0.621   -0.252  17.675  1.00 18.66 ? 18  PRO A N   1 
ATOM   157  C  CA  . PRO A 1 19  ? 0.451   -1.685  17.370  1.00 19.10 ? 18  PRO A CA  1 
ATOM   158  C  C   . PRO A 1 19  ? 1.023   -2.119  16.023  1.00 20.11 ? 18  PRO A C   1 
ATOM   159  O  O   . PRO A 1 19  ? 1.717   -3.137  15.941  1.00 20.52 ? 18  PRO A O   1 
ATOM   160  C  CB  . PRO A 1 19  ? -1.060  -1.874  17.420  1.00 19.35 ? 18  PRO A CB  1 
ATOM   161  C  CG  . PRO A 1 19  ? -1.551  -0.779  18.314  1.00 19.35 ? 18  PRO A CG  1 
ATOM   162  C  CD  . PRO A 1 19  ? -0.649  0.388   18.079  1.00 19.33 ? 18  PRO A CD  1 
ATOM   163  N  N   . LEU A 1 20  ? 0.778   -1.324  14.993  1.00 20.58 ? 19  LEU A N   1 
ATOM   164  C  CA  . LEU A 1 20  ? 1.292   -1.607  13.646  1.00 20.15 ? 19  LEU A CA  1 
ATOM   165  C  C   . LEU A 1 20  ? 2.827   -1.579  13.620  1.00 20.05 ? 19  LEU A C   1 
ATOM   166  O  O   . LEU A 1 20  ? 3.477   -2.434  13.002  1.00 21.28 ? 19  LEU A O   1 
ATOM   167  C  CB  . LEU A 1 20  ? 0.706   -0.604  12.639  1.00 24.40 ? 19  LEU A CB  1 
ATOM   168  C  CG  . LEU A 1 20  ? 0.365   -1.127  11.250  1.00 26.84 ? 19  LEU A CG  1 
ATOM   169  C  CD1 . LEU A 1 20  ? -0.677  -2.203  11.289  1.00 25.33 ? 19  LEU A CD1 1 
ATOM   170  C  CD2 . LEU A 1 20  ? -0.093  0.036   10.393  1.00 25.14 ? 19  LEU A CD2 1 
ATOM   171  N  N   . LEU A 1 21  ? 3.405   -0.607  14.320  1.00 18.84 ? 20  LEU A N   1 
ATOM   172  C  CA  . LEU A 1 21  ? 4.865   -0.501  14.433  1.00 19.50 ? 20  LEU A CA  1 
ATOM   173  C  C   . LEU A 1 21  ? 5.455   -1.713  15.139  1.00 20.25 ? 20  LEU A C   1 
ATOM   174  O  O   . LEU A 1 21  ? 6.476   -2.270  14.717  1.00 22.07 ? 20  LEU A O   1 
ATOM   175  C  CB  . LEU A 1 21  ? 5.257   0.761   15.195  1.00 20.34 ? 20  LEU A CB  1 
ATOM   176  C  CG  . LEU A 1 21  ? 5.177   2.051   14.399  1.00 20.68 ? 20  LEU A CG  1 
ATOM   177  C  CD1 . LEU A 1 21  ? 5.209   3.286   15.302  1.00 23.16 ? 20  LEU A CD1 1 
ATOM   178  C  CD2 . LEU A 1 21  ? 6.350   2.103   13.420  1.00 21.59 ? 20  LEU A CD2 1 
ATOM   179  N  N   . ALA A 1 22  ? 4.800   -2.131  16.216  1.00 18.23 ? 21  ALA A N   1 
ATOM   180  C  CA  . ALA A 1 22  ? 5.300   -3.238  17.031  1.00 18.76 ? 21  ALA A CA  1 
ATOM   181  C  C   . ALA A 1 22  ? 5.260   -4.560  16.292  1.00 19.96 ? 21  ALA A C   1 
ATOM   182  O  O   . ALA A 1 22  ? 6.232   -5.311  16.280  1.00 20.94 ? 21  ALA A O   1 
ATOM   183  C  CB  . ALA A 1 22  ? 4.513   -3.349  18.336  1.00 20.20 ? 21  ALA A CB  1 
ATOM   184  N  N   . LYS A 1 23  ? 4.106   -4.877  15.711  1.00 20.30 ? 22  LYS A N   1 
ATOM   185  C  CA  . LYS A 1 23  ? 3.950   -6.137  15.018  1.00 18.64 ? 22  LYS A CA  1 
ATOM   186  C  C   . LYS A 1 23  ? 4.836   -6.238  13.784  1.00 16.77 ? 22  LYS A C   1 
ATOM   187  O  O   . LYS A 1 23  ? 5.416   -7.303  13.519  1.00 18.33 ? 22  LYS A O   1 
ATOM   188  C  CB  . LYS A 1 23  ? 2.479   -6.410  14.666  1.00 20.16 ? 22  LYS A CB  1 
ATOM   189  C  CG  . LYS A 1 23  ? 1.602   -6.614  15.885  1.00 22.89 ? 22  LYS A CG  1 
ATOM   190  C  CD  . LYS A 1 23  ? 1.950   -7.910  16.611  1.00 26.32 ? 22  LYS A CD  1 
ATOM   191  C  CE  . LYS A 1 23  ? 1.020   -8.190  17.794  1.00 33.65 ? 22  LYS A CE  1 
ATOM   192  N  N   . SER A 1 24  ? 4.897   -5.160  13.011  1.00 18.04 ? 23  SER A N   1 
ATOM   193  C  CA  . SER A 1 24  ? 5.711   -5.175  11.806  1.00 17.72 ? 23  SER A CA  1 
ATOM   194  C  C   . SER A 1 24  ? 7.187   -5.339  12.164  1.00 18.84 ? 23  SER A C   1 
ATOM   195  O  O   . SER A 1 24  ? 7.896   -6.133  11.549  1.00 19.66 ? 23  SER A O   1 
ATOM   196  C  CB  . SER A 1 24  ? 5.457   -3.931  10.968  1.00 18.76 ? 23  SER A CB  1 
ATOM   197  O  OG  . SER A 1 24  ? 5.794   -2.739  11.654  1.00 19.43 ? 23  SER A OG  1 
ATOM   198  N  N   . SER A 1 25  ? 7.640   -4.608  13.174  1.00 20.75 ? 24  SER A N   1 
ATOM   199  C  CA  A SER A 1 25  ? 9.020   -4.738  13.666  0.50 22.33 ? 24  SER A CA  1 
ATOM   200  C  CA  B SER A 1 25  ? 9.023   -4.737  13.619  0.50 22.99 ? 24  SER A CA  1 
ATOM   201  C  C   . SER A 1 25  ? 9.321   -6.150  14.124  1.00 22.73 ? 24  SER A C   1 
ATOM   202  O  O   . SER A 1 25  ? 10.378  -6.715  13.813  1.00 22.68 ? 24  SER A O   1 
ATOM   203  C  CB  A SER A 1 25  ? 9.279   -3.781  14.836  0.50 23.88 ? 24  SER A CB  1 
ATOM   204  C  CB  B SER A 1 25  ? 9.346   -3.687  14.687  0.50 24.91 ? 24  SER A CB  1 
ATOM   205  O  OG  A SER A 1 25  ? 10.518  -4.080  15.476  0.50 24.71 ? 24  SER A OG  1 
ATOM   206  O  OG  B SER A 1 25  ? 8.609   -3.912  15.872  0.50 29.83 ? 24  SER A OG  1 
ATOM   207  N  N   . GLN A 1 26  ? 8.395   -6.734  14.886  1.00 22.59 ? 25  GLN A N   1 
ATOM   208  C  CA  . GLN A 1 26  ? 8.543   -8.116  15.362  1.00 23.56 ? 25  GLN A CA  1 
ATOM   209  C  C   . GLN A 1 26  ? 8.784   -9.100  14.228  1.00 22.00 ? 25  GLN A C   1 
ATOM   210  O  O   . GLN A 1 26  ? 9.573   -10.024 14.349  1.00 22.08 ? 25  GLN A O   1 
ATOM   211  C  CB  . GLN A 1 26  ? 7.285   -8.591  16.093  1.00 26.75 ? 25  GLN A CB  1 
ATOM   212  C  CG  . GLN A 1 26  ? 7.241   -8.295  17.549  1.00 30.71 ? 25  GLN A CG  1 
ATOM   213  C  CD  . GLN A 1 26  ? 6.089   -9.001  18.225  1.00 27.61 ? 25  GLN A CD  1 
ATOM   214  O  OE1 . GLN A 1 26  ? 5.036   -9.232  17.613  1.00 32.57 ? 25  GLN A OE1 1 
ATOM   215  N  NE2 . GLN A 1 26  ? 6.282   -9.371  19.486  1.00 31.94 ? 25  GLN A NE2 1 
ATOM   216  N  N   . GLU A 1 27  ? 8.068   -8.901  13.124  1.00 20.05 ? 26  GLU A N   1 
ATOM   217  C  CA  . GLU A 1 27  ? 8.198   -9.756  11.952  1.00 21.31 ? 26  GLU A CA  1 
ATOM   218  C  C   . GLU A 1 27  ? 9.427   -9.475  11.098  1.00 22.14 ? 26  GLU A C   1 
ATOM   219  O  O   . GLU A 1 27  ? 9.678   -10.186 10.130  1.00 23.60 ? 26  GLU A O   1 
ATOM   220  C  CB  . GLU A 1 27  ? 6.961   -9.602  11.077  1.00 20.70 ? 26  GLU A CB  1 
ATOM   221  C  CG  . GLU A 1 27  ? 5.747   -10.243 11.650  1.00 19.79 ? 26  GLU A CG  1 
ATOM   222  C  CD  . GLU A 1 27  ? 4.621   -10.261 10.669  1.00 20.94 ? 26  GLU A CD  1 
ATOM   223  O  OE1 . GLU A 1 27  ? 4.365   -9.182  10.111  1.00 18.85 ? 26  GLU A OE1 1 
ATOM   224  O  OE2 . GLU A 1 27  ? 4.022   -11.343 10.463  1.00 18.99 ? 26  GLU A OE2 1 
ATOM   225  N  N   . GLY A 1 28  ? 10.167  -8.424  11.432  1.00 19.79 ? 27  GLY A N   1 
ATOM   226  C  CA  . GLY A 1 28  ? 11.380  -8.063  10.708  1.00 20.24 ? 27  GLY A CA  1 
ATOM   227  C  C   . GLY A 1 28  ? 11.157  -7.047  9.602   1.00 21.28 ? 27  GLY A C   1 
ATOM   228  O  O   . GLY A 1 28  ? 12.048  -6.815  8.804   1.00 22.38 ? 27  GLY A O   1 
ATOM   229  N  N   . PHE A 1 29  ? 9.989   -6.417  9.560   1.00 20.03 ? 28  PHE A N   1 
ATOM   230  C  CA  . PHE A 1 29  ? 9.653   -5.460  8.503   1.00 22.40 ? 28  PHE A CA  1 
ATOM   231  C  C   . PHE A 1 29  ? 9.925   -4.047  9.002   1.00 22.02 ? 28  PHE A C   1 
ATOM   232  O  O   . PHE A 1 29  ? 9.531   -3.693  10.117  1.00 23.61 ? 28  PHE A O   1 
ATOM   233  C  CB  . PHE A 1 29  ? 8.168   -5.549  8.116   1.00 23.00 ? 28  PHE A CB  1 
ATOM   234  C  CG  . PHE A 1 29  ? 7.786   -6.803  7.384   1.00 25.45 ? 28  PHE A CG  1 
ATOM   235  C  CD1 . PHE A 1 29  ? 8.294   -7.073  6.124   1.00 31.78 ? 28  PHE A CD1 1 
ATOM   236  C  CD2 . PHE A 1 29  ? 6.883   -7.700  7.940   1.00 24.13 ? 28  PHE A CD2 1 
ATOM   237  C  CE1 . PHE A 1 29  ? 7.923   -8.238  5.437   1.00 30.22 ? 28  PHE A CE1 1 
ATOM   238  C  CE2 . PHE A 1 29  ? 6.505   -8.841  7.270   1.00 25.03 ? 28  PHE A CE2 1 
ATOM   239  C  CZ  . PHE A 1 29  ? 7.032   -9.123  6.015   1.00 27.69 ? 28  PHE A CZ  1 
ATOM   240  N  N   . GLN A 1 30  ? 10.574  -3.235  8.173   1.00 23.28 ? 29  GLN A N   1 
ATOM   241  C  CA  . GLN A 1 30  ? 10.818  -1.830  8.476   1.00 24.95 ? 29  GLN A CA  1 
ATOM   242  C  C   . GLN A 1 30  ? 9.835   -0.921  7.768   1.00 23.07 ? 29  GLN A C   1 
ATOM   243  O  O   . GLN A 1 30  ? 9.882   0.297   7.960   1.00 24.68 ? 29  GLN A O   1 
ATOM   244  C  CB  . GLN A 1 30  ? 12.223  -1.408  8.036   1.00 24.65 ? 29  GLN A CB  1 
ATOM   245  C  CG  . GLN A 1 30  ? 13.352  -2.152  8.719   1.00 30.64 ? 29  GLN A CG  1 
ATOM   246  C  CD  . GLN A 1 30  ? 14.695  -1.993  7.993   1.00 35.91 ? 29  GLN A CD  1 
ATOM   247  O  OE1 . GLN A 1 30  ? 14.873  -1.088  7.166   1.00 51.55 ? 29  GLN A OE1 1 
ATOM   248  N  NE2 . GLN A 1 30  ? 15.639  -2.883  8.296   1.00 47.73 ? 29  GLN A NE2 1 
ATOM   249  N  N   . LEU A 1 31  ? 8.954   -1.457  6.932   1.00 22.21 ? 30  LEU A N   1 
ATOM   250  C  CA  . LEU A 1 31  ? 8.179   -0.568  6.053   1.00 22.78 ? 30  LEU A CA  1 
ATOM   251  C  C   . LEU A 1 31  ? 7.210   0.382   6.756   1.00 24.28 ? 30  LEU A C   1 
ATOM   252  O  O   . LEU A 1 31  ? 6.965   1.474   6.233   1.00 24.56 ? 30  LEU A O   1 
ATOM   253  C  CB  . LEU A 1 31  ? 7.474   -1.339  4.943   1.00 24.97 ? 30  LEU A CB  1 
ATOM   254  C  CG  . LEU A 1 31  ? 6.155   -2.036  5.282   1.00 24.69 ? 30  LEU A CG  1 
ATOM   255  C  CD1 . LEU A 1 31  ? 5.661   -2.723  4.018   1.00 27.78 ? 30  LEU A CD1 1 
ATOM   256  C  CD2 . LEU A 1 31  ? 6.310   -3.053  6.346   1.00 29.03 ? 30  LEU A CD2 1 
ATOM   257  N  N   . VAL A 1 32  ? 6.649   0.004   7.907   1.00 21.43 ? 31  VAL A N   1 
ATOM   258  C  CA  . VAL A 1 32  ? 5.763   0.916   8.630   1.00 20.90 ? 31  VAL A CA  1 
ATOM   259  C  C   . VAL A 1 32  ? 6.603   1.973   9.355   1.00 20.20 ? 31  VAL A C   1 
ATOM   260  O  O   . VAL A 1 32  ? 6.295   3.174   9.310   1.00 22.28 ? 31  VAL A O   1 
ATOM   261  C  CB  . VAL A 1 32  ? 4.851   0.182   9.637   1.00 21.16 ? 31  VAL A CB  1 
ATOM   262  C  CG1 . VAL A 1 32  ? 3.951   1.169   10.366  1.00 24.47 ? 31  VAL A CG1 1 
ATOM   263  C  CG2 . VAL A 1 32  ? 4.018   -0.865  8.925   1.00 25.82 ? 31  VAL A CG2 1 
ATOM   264  N  N   . GLU A 1 33  ? 7.682   1.527   9.989   1.00 19.60 ? 32  GLU A N   1 
ATOM   265  C  CA  . GLU A 1 33  ? 8.610   2.445   10.636  1.00 20.50 ? 32  GLU A CA  1 
ATOM   266  C  C   . GLU A 1 33  ? 9.156   3.474   9.648   1.00 21.40 ? 32  GLU A C   1 
ATOM   267  O  O   . GLU A 1 33  ? 9.220   4.662   9.962   1.00 21.65 ? 32  GLU A O   1 
ATOM   268  C  CB  . GLU A 1 33  ? 9.768   1.657   11.224  1.00 23.06 ? 32  GLU A CB  1 
ATOM   269  C  CG  . GLU A 1 33  ? 10.668  2.453   12.119  1.00 31.34 ? 32  GLU A CG  1 
ATOM   270  C  CD  . GLU A 1 33  ? 11.434  1.549   13.065  1.00 37.78 ? 32  GLU A CD  1 
ATOM   271  O  OE1 . GLU A 1 33  ? 12.164  0.670   12.561  1.00 35.26 ? 32  GLU A OE1 1 
ATOM   272  O  OE2 . GLU A 1 33  ? 11.278  1.694   14.302  1.00 38.29 ? 32  GLU A OE2 1 
ATOM   273  N  N   . ARG A 1 34  ? 9.570   3.029   8.458   1.00 21.07 ? 33  ARG A N   1 
ATOM   274  C  CA  . ARG A 1 34  ? 10.123  3.929   7.457   1.00 22.02 ? 33  ARG A CA  1 
ATOM   275  C  C   . ARG A 1 34  ? 9.088   4.966   7.044   1.00 21.45 ? 33  ARG A C   1 
ATOM   276  O  O   . ARG A 1 34  ? 9.381   6.170   6.968   1.00 21.38 ? 33  ARG A O   1 
ATOM   277  C  CB  . ARG A 1 34  ? 10.590  3.140   6.229   1.00 22.07 ? 33  ARG A CB  1 
ATOM   278  C  CG  . ARG A 1 34  ? 11.879  2.386   6.421   1.00 29.30 ? 33  ARG A CG  1 
ATOM   279  C  CD  . ARG A 1 34  ? 12.524  2.001   5.072   1.00 30.57 ? 33  ARG A CD  1 
ATOM   280  N  NE  . ARG A 1 34  ? 12.135  0.684   4.562   1.00 40.57 ? 33  ARG A NE  1 
ATOM   281  C  CZ  . ARG A 1 34  ? 11.065  0.402   3.807   1.00 42.26 ? 33  ARG A CZ  1 
ATOM   282  N  NH1 . ARG A 1 34  ? 10.185  1.337   3.438   1.00 44.77 ? 33  ARG A NH1 1 
ATOM   283  N  NH2 . ARG A 1 34  ? 10.862  -0.850  3.417   1.00 39.47 ? 33  ARG A NH2 1 
HETATM 284  N  N   . MSE A 1 35  ? 7.871   4.508   6.789   1.00 20.42 ? 34  MSE A N   1 
HETATM 285  C  CA  A MSE A 1 35  ? 6.811   5.411   6.361   0.50 22.89 ? 34  MSE A CA  1 
HETATM 286  C  CA  B MSE A 1 35  ? 6.784   5.384   6.364   0.50 21.96 ? 34  MSE A CA  1 
HETATM 287  C  C   . MSE A 1 35  ? 6.579   6.493   7.394   1.00 22.71 ? 34  MSE A C   1 
HETATM 288  O  O   . MSE A 1 35  ? 6.481   7.677   7.059   1.00 23.03 ? 34  MSE A O   1 
HETATM 289  C  CB  A MSE A 1 35  ? 5.497   4.683   6.174   0.50 22.40 ? 34  MSE A CB  1 
HETATM 290  C  CB  B MSE A 1 35  ? 5.489   4.573   6.201   0.50 21.92 ? 34  MSE A CB  1 
HETATM 291  C  CG  A MSE A 1 35  ? 4.352   5.643   5.957   0.50 24.45 ? 34  MSE A CG  1 
HETATM 292  C  CG  B MSE A 1 35  ? 4.372   5.300   5.478   0.50 24.51 ? 34  MSE A CG  1 
HETATM 293  SE SE  A MSE A 1 35  ? 2.751   4.696   5.819   0.35 27.46 ? 34  MSE A SE  1 
HETATM 294  SE SE  B MSE A 1 35  ? 3.158   6.200   6.677   0.40 24.69 ? 34  MSE A SE  1 
HETATM 295  C  CE  A MSE A 1 35  ? 2.590   4.139   7.673   0.50 25.18 ? 34  MSE A CE  1 
HETATM 296  C  CE  B MSE A 1 35  ? 2.140   4.671   7.204   0.50 22.73 ? 34  MSE A CE  1 
ATOM   297  N  N   . LEU A 1 36  ? 6.492   6.102   8.650   1.00 21.98 ? 35  LEU A N   1 
ATOM   298  C  CA  . LEU A 1 36  ? 6.133   7.082   9.680   1.00 21.96 ? 35  LEU A CA  1 
ATOM   299  C  C   . LEU A 1 36  ? 7.287   7.966   10.061  1.00 26.24 ? 35  LEU A C   1 
ATOM   300  O  O   . LEU A 1 36  ? 7.115   9.214   10.239  1.00 21.80 ? 35  LEU A O   1 
ATOM   301  C  CB  . LEU A 1 36  ? 5.586   6.374   10.904  1.00 20.98 ? 35  LEU A CB  1 
ATOM   302  C  CG  . LEU A 1 36  ? 4.252   5.670   10.633  1.00 21.37 ? 35  LEU A CG  1 
ATOM   303  C  CD1 . LEU A 1 36  ? 3.919   4.731   11.785  1.00 28.89 ? 35  LEU A CD1 1 
ATOM   304  C  CD2 . LEU A 1 36  ? 3.097   6.632   10.430  1.00 24.64 ? 35  LEU A CD2 1 
ATOM   305  N  N   . ARG A 1 37  ? 8.494   7.397   10.122  1.00 20.26 ? 36  ARG A N   1 
ATOM   306  C  CA  . ARG A 1 37  ? 9.674   8.219   10.413  1.00 20.66 ? 36  ARG A CA  1 
ATOM   307  C  C   . ARG A 1 37  ? 9.939   9.252   9.328   1.00 21.71 ? 36  ARG A C   1 
ATOM   308  O  O   . ARG A 1 37  ? 10.325  10.354  9.653   1.00 22.35 ? 36  ARG A O   1 
ATOM   309  C  CB  . ARG A 1 37  ? 10.911  7.368   10.656  1.00 22.57 ? 36  ARG A CB  1 
ATOM   310  C  CG  . ARG A 1 37  ? 10.843  6.576   11.953  1.00 26.67 ? 36  ARG A CG  1 
ATOM   311  C  CD  . ARG A 1 37  ? 12.100  5.724   12.142  1.00 25.60 ? 36  ARG A CD  1 
ATOM   312  N  NE  . ARG A 1 37  ? 12.094  5.109   13.467  1.00 30.05 ? 36  ARG A NE  1 
ATOM   313  C  CZ  . ARG A 1 37  ? 13.020  4.264   13.917  1.00 33.42 ? 36  ARG A CZ  1 
ATOM   314  N  NH1 . ARG A 1 37  ? 14.034  3.909   13.151  1.00 34.91 ? 36  ARG A NH1 1 
ATOM   315  N  NH2 . ARG A 1 37  ? 12.905  3.763   15.140  1.00 39.69 ? 36  ARG A NH2 1 
ATOM   316  N  N   . ASN A 1 38  ? 9.685   8.910   8.067   1.00 19.83 ? 37  ASN A N   1 
ATOM   317  C  CA  A ASN A 1 38  ? 10.015  9.784   6.936   0.50 19.17 ? 37  ASN A CA  1 
ATOM   318  C  CA  B ASN A 1 38  ? 10.018  9.791   6.940   0.50 19.12 ? 37  ASN A CA  1 
ATOM   319  C  C   . ASN A 1 38  ? 8.836   10.664  6.484   1.00 18.72 ? 37  ASN A C   1 
ATOM   320  O  O   . ASN A 1 38  ? 8.914   11.304  5.439   1.00 19.10 ? 37  ASN A O   1 
ATOM   321  C  CB  A ASN A 1 38  ? 10.539  8.937   5.768   0.50 20.36 ? 37  ASN A CB  1 
ATOM   322  C  CB  B ASN A 1 38  ? 10.532  8.971   5.752   0.50 20.13 ? 37  ASN A CB  1 
ATOM   323  C  CG  A ASN A 1 38  ? 11.857  8.250   6.099   0.50 21.55 ? 37  ASN A CG  1 
ATOM   324  C  CG  B ASN A 1 38  ? 11.321  9.813   4.756   0.50 21.64 ? 37  ASN A CG  1 
ATOM   325  O  OD1 A ASN A 1 38  ? 12.655  8.783   6.869   0.50 25.51 ? 37  ASN A OD1 1 
ATOM   326  O  OD1 B ASN A 1 38  ? 12.031  10.748  5.136   0.50 24.51 ? 37  ASN A OD1 1 
ATOM   327  N  ND2 A ASN A 1 38  ? 12.088  7.071   5.528   0.50 28.03 ? 37  ASN A ND2 1 
ATOM   328  N  ND2 B ASN A 1 38  ? 11.203  9.477   3.471   0.50 22.86 ? 37  ASN A ND2 1 
ATOM   329  N  N   . ARG A 1 39  ? 7.769   10.724  7.289   1.00 19.78 ? 38  ARG A N   1 
ATOM   330  C  CA  . ARG A 1 39  ? 6.555   11.416  6.867   1.00 19.82 ? 38  ARG A CA  1 
ATOM   331  C  C   . ARG A 1 39  ? 6.657   12.926  6.655   1.00 21.26 ? 38  ARG A C   1 
ATOM   332  O  O   . ARG A 1 39  ? 5.769   13.504  6.011   1.00 21.60 ? 38  ARG A O   1 
ATOM   333  C  CB  . ARG A 1 39  ? 5.377   11.078  7.786   1.00 21.21 ? 38  ARG A CB  1 
ATOM   334  C  CG  . ARG A 1 39  ? 5.444   11.740  9.127   1.00 19.92 ? 38  ARG A CG  1 
ATOM   335  C  CD  . ARG A 1 39  ? 4.375   11.123  10.025  1.00 22.00 ? 38  ARG A CD  1 
ATOM   336  N  NE  . ARG A 1 39  ? 4.203   11.850  11.272  1.00 22.84 ? 38  ARG A NE  1 
ATOM   337  C  CZ  . ARG A 1 39  ? 5.013   11.736  12.326  1.00 21.75 ? 38  ARG A CZ  1 
ATOM   338  N  NH1 . ARG A 1 39  ? 6.066   10.938  12.301  1.00 20.97 ? 38  ARG A NH1 1 
ATOM   339  N  NH2 . ARG A 1 39  ? 4.752   12.429  13.427  1.00 21.86 ? 38  ARG A NH2 1 
ATOM   340  N  N   . ARG A 1 40  ? 7.717   13.580  7.121   1.00 20.71 ? 39  ARG A N   1 
ATOM   341  C  CA  . ARG A 1 40  ? 7.903   15.005  6.779   1.00 21.85 ? 39  ARG A CA  1 
ATOM   342  C  C   . ARG A 1 40  ? 8.347   15.202  5.342   1.00 22.52 ? 39  ARG A C   1 
ATOM   343  O  O   . ARG A 1 40  ? 7.916   16.153  4.682   1.00 27.01 ? 39  ARG A O   1 
ATOM   344  C  CB  . ARG A 1 40  ? 8.896   15.681  7.728   1.00 20.87 ? 39  ARG A CB  1 
ATOM   345  C  CG  . ARG A 1 40  ? 8.351   15.791  9.146   1.00 23.08 ? 39  ARG A CG  1 
ATOM   346  C  CD  . ARG A 1 40  ? 9.389   16.300  10.107  1.00 25.48 ? 39  ARG A CD  1 
ATOM   347  N  NE  . ARG A 1 40  ? 10.567  15.434  10.104  1.00 29.10 ? 39  ARG A NE  1 
ATOM   348  C  CZ  . ARG A 1 40  ? 11.824  15.858  10.244  1.00 29.77 ? 39  ARG A CZ  1 
ATOM   349  N  NH1 . ARG A 1 40  ? 12.096  17.137  10.408  1.00 29.05 ? 39  ARG A NH1 1 
ATOM   350  N  NH2 . ARG A 1 40  ? 12.819  14.982  10.219  1.00 27.43 ? 39  ARG A NH2 1 
ATOM   351  N  N   . GLU A 1 41  ? 9.204   14.304  4.863   1.00 20.88 ? 40  GLU A N   1 
ATOM   352  C  CA  . GLU A 1 41  ? 9.728   14.366  3.509   1.00 23.14 ? 40  GLU A CA  1 
ATOM   353  C  C   . GLU A 1 41  ? 8.784   13.711  2.506   1.00 22.30 ? 40  GLU A C   1 
ATOM   354  O  O   . GLU A 1 41  ? 8.593   14.232  1.394   1.00 24.32 ? 40  GLU A O   1 
ATOM   355  C  CB  . GLU A 1 41  ? 11.085  13.666  3.451   1.00 23.39 ? 40  GLU A CB  1 
ATOM   356  C  CG  . GLU A 1 41  ? 12.120  14.257  4.383   1.00 32.57 ? 40  GLU A CG  1 
ATOM   357  N  N   . GLU A 1 42  ? 8.254   12.540  2.862   1.00 19.19 ? 41  GLU A N   1 
ATOM   358  C  CA  . GLU A 1 42  ? 7.324   11.813  2.000   1.00 19.50 ? 41  GLU A CA  1 
ATOM   359  C  C   . GLU A 1 42  ? 6.040   11.731  2.785   1.00 19.66 ? 41  GLU A C   1 
ATOM   360  O  O   . GLU A 1 42  ? 5.826   10.809  3.568   1.00 20.28 ? 41  GLU A O   1 
ATOM   361  C  CB  . GLU A 1 42  ? 7.892   10.445  1.607   1.00 19.41 ? 41  GLU A CB  1 
ATOM   362  C  CG  . GLU A 1 42  ? 9.103   10.581  0.705   1.00 19.54 ? 41  GLU A CG  1 
ATOM   363  C  CD  . GLU A 1 42  ? 9.697   9.271   0.210   1.00 21.69 ? 41  GLU A CD  1 
ATOM   364  O  OE1 . GLU A 1 42  ? 9.516   8.219   0.861   1.00 23.78 ? 41  GLU A OE1 1 
ATOM   365  O  OE2 . GLU A 1 42  ? 10.406  9.307   -0.811  1.00 26.54 ? 41  GLU A OE2 1 
ATOM   366  N  N   . SER A 1 43  ? 5.213   12.748  2.598   1.00 19.78 ? 42  SER A N   1 
ATOM   367  C  CA  . SER A 1 43  ? 4.027   12.971  3.404   1.00 19.62 ? 42  SER A CA  1 
ATOM   368  C  C   . SER A 1 43  ? 2.785   12.284  2.848   1.00 19.70 ? 42  SER A C   1 
ATOM   369  O  O   . SER A 1 43  ? 1.774   12.197  3.550   1.00 21.64 ? 42  SER A O   1 
ATOM   370  C  CB  . SER A 1 43  ? 3.741   14.479  3.477   1.00 19.60 ? 42  SER A CB  1 
ATOM   371  O  OG  . SER A 1 43  ? 3.269   14.976  2.232   1.00 21.28 ? 42  SER A OG  1 
ATOM   372  N  N   . PHE A 1 44  ? 2.842   11.857  1.590   1.00 19.28 ? 43  PHE A N   1 
ATOM   373  C  CA  . PHE A 1 44  ? 1.667   11.293  0.906   1.00 19.85 ? 43  PHE A CA  1 
ATOM   374  C  C   . PHE A 1 44  ? 0.472   12.268  0.883   1.00 19.30 ? 43  PHE A C   1 
ATOM   375  O  O   . PHE A 1 44  ? -0.679  11.818  0.782   1.00 20.77 ? 43  PHE A O   1 
ATOM   376  C  CB  . PHE A 1 44  ? 1.293   9.933   1.543   1.00 21.06 ? 43  PHE A CB  1 
ATOM   377  C  CG  . PHE A 1 44  ? 2.356   8.888   1.358   1.00 18.82 ? 43  PHE A CG  1 
ATOM   378  C  CD1 . PHE A 1 44  ? 2.388   8.089   0.226   1.00 19.70 ? 43  PHE A CD1 1 
ATOM   379  C  CD2 . PHE A 1 44  ? 3.381   8.748   2.288   1.00 20.27 ? 43  PHE A CD2 1 
ATOM   380  C  CE1 . PHE A 1 44  ? 3.401   7.162   0.028   1.00 18.92 ? 43  PHE A CE1 1 
ATOM   381  C  CE2 . PHE A 1 44  ? 4.392   7.826   2.078   1.00 20.60 ? 43  PHE A CE2 1 
ATOM   382  C  CZ  . PHE A 1 44  ? 4.402   7.040   0.967   1.00 20.29 ? 43  PHE A CZ  1 
ATOM   383  N  N   . GLN A 1 45  ? 0.741   13.571  0.951   1.00 21.12 ? 44  GLN A N   1 
ATOM   384  C  CA  . GLN A 1 45  ? -0.299  14.595  0.951   1.00 20.61 ? 44  GLN A CA  1 
ATOM   385  C  C   . GLN A 1 45  ? -0.370  15.344  -0.378  1.00 21.64 ? 44  GLN A C   1 
ATOM   386  O  O   . GLN A 1 45  ? -1.304  16.111  -0.585  1.00 24.32 ? 44  GLN A O   1 
ATOM   387  C  CB  . GLN A 1 45  ? -0.066  15.619  2.064   1.00 22.81 ? 44  GLN A CB  1 
ATOM   388  C  CG  . GLN A 1 45  ? -0.061  15.041  3.479   1.00 22.74 ? 44  GLN A CG  1 
ATOM   389  C  CD  . GLN A 1 45  ? -1.301  14.216  3.782   1.00 25.60 ? 44  GLN A CD  1 
ATOM   390  O  OE1 . GLN A 1 45  ? -2.430  14.723  3.732   1.00 25.72 ? 44  GLN A OE1 1 
ATOM   391  N  NE2 . GLN A 1 45  ? -1.106  12.946  4.090   1.00 23.54 ? 44  GLN A NE2 1 
ATOM   392  N  N   . GLU A 1 46  ? 0.625   15.200  -1.247  1.00 21.11 ? 45  GLU A N   1 
ATOM   393  C  CA  . GLU A 1 46  ? 0.677   16.019  -2.445  1.00 21.62 ? 45  GLU A CA  1 
ATOM   394  C  C   . GLU A 1 46  ? -0.117  15.356  -3.564  1.00 20.74 ? 45  GLU A C   1 
ATOM   395  O  O   . GLU A 1 46  ? -0.579  14.210  -3.445  1.00 22.87 ? 45  GLU A O   1 
ATOM   396  C  CB  . GLU A 1 46  ? 2.132   16.228  -2.865  1.00 23.32 ? 45  GLU A CB  1 
ATOM   397  C  CG  . GLU A 1 46  ? 3.006   16.880  -1.790  1.00 25.66 ? 45  GLU A CG  1 
ATOM   398  C  CD  . GLU A 1 46  ? 2.545   18.273  -1.393  1.00 35.50 ? 45  GLU A CD  1 
ATOM   399  O  OE1 . GLU A 1 46  ? 1.923   18.965  -2.227  1.00 37.29 ? 45  GLU A OE1 1 
ATOM   400  O  OE2 . GLU A 1 46  ? 2.804   18.680  -0.238  1.00 39.78 ? 45  GLU A OE2 1 
ATOM   401  N  N   . ASP A 1 47  ? -0.283  16.086  -4.662  1.00 22.88 ? 46  ASP A N   1 
ATOM   402  C  CA  . ASP A 1 47  ? -0.876  15.489  -5.838  1.00 23.06 ? 46  ASP A CA  1 
ATOM   403  C  C   . ASP A 1 47  ? -0.084  14.250  -6.223  1.00 21.37 ? 46  ASP A C   1 
ATOM   404  O  O   . ASP A 1 47  ? 1.146   14.249  -6.166  1.00 23.09 ? 46  ASP A O   1 
ATOM   405  C  CB  . ASP A 1 47  ? -0.862  16.459  -7.014  1.00 22.70 ? 46  ASP A CB  1 
ATOM   406  C  CG  . ASP A 1 47  ? -1.789  17.642  -6.819  1.00 28.99 ? 46  ASP A CG  1 
ATOM   407  O  OD1 . ASP A 1 47  ? -2.709  17.568  -5.977  1.00 28.24 ? 46  ASP A OD1 1 
ATOM   408  O  OD2 . ASP A 1 47  ? -1.591  18.641  -7.538  1.00 34.82 ? 46  ASP A OD2 1 
ATOM   409  N  N   . GLY A 1 48  ? -0.789  13.217  -6.657  1.00 20.63 ? 47  GLY A N   1 
ATOM   410  C  CA  . GLY A 1 48  ? -0.153  12.008  -7.168  1.00 20.42 ? 47  GLY A CA  1 
ATOM   411  C  C   . GLY A 1 48  ? 0.304   11.048  -6.104  1.00 19.87 ? 47  GLY A C   1 
ATOM   412  O  O   . GLY A 1 48  ? 1.010   10.091  -6.394  1.00 20.20 ? 47  GLY A O   1 
ATOM   413  N  N   . GLU A 1 49  ? -0.136  11.267  -4.876  1.00 20.23 ? 48  GLU A N   1 
ATOM   414  C  CA  . GLU A 1 49  ? 0.201   10.333  -3.801  1.00 20.61 ? 48  GLU A CA  1 
ATOM   415  C  C   . GLU A 1 49  ? -0.921  10.287  -2.773  1.00 20.28 ? 48  GLU A C   1 
ATOM   416  O  O   . GLU A 1 49  ? -1.737  11.212  -2.679  1.00 21.98 ? 48  GLU A O   1 
ATOM   417  C  CB  . GLU A 1 49  ? 1.544   10.702  -3.162  1.00 22.70 ? 48  GLU A CB  1 
ATOM   418  C  CG  . GLU A 1 49  ? 1.652   12.146  -2.782  1.00 23.59 ? 48  GLU A CG  1 
ATOM   419  C  CD  . GLU A 1 49  ? 2.995   12.588  -2.239  1.00 23.23 ? 48  GLU A CD  1 
ATOM   420  O  OE1 . GLU A 1 49  ? 4.069   12.181  -2.745  1.00 22.99 ? 48  GLU A OE1 1 
ATOM   421  O  OE2 . GLU A 1 49  ? 2.963   13.411  -1.319  1.00 21.52 ? 48  GLU A OE2 1 
ATOM   422  N  N   . ALA A 1 50  ? -0.984  9.186   -2.047  1.00 20.08 ? 49  ALA A N   1 
ATOM   423  C  CA  . ALA A 1 50  ? -1.931  9.042   -0.946  1.00 21.64 ? 49  ALA A CA  1 
ATOM   424  C  C   . ALA A 1 50  ? -1.478  7.909   -0.049  1.00 20.97 ? 49  ALA A C   1 
ATOM   425  O  O   . ALA A 1 50  ? -0.825  6.956   -0.504  1.00 21.63 ? 49  ALA A O   1 
ATOM   426  C  CB  . ALA A 1 50  ? -3.302  8.740   -1.475  1.00 21.24 ? 49  ALA A CB  1 
HETATM 427  N  N   . MSE A 1 51  ? -1.873  7.988   1.226   1.00 19.32 ? 50  MSE A N   1 
HETATM 428  C  CA  . MSE A 1 51  ? -1.667  6.910   2.173   1.00 19.68 ? 50  MSE A CA  1 
HETATM 429  C  C   . MSE A 1 51  ? -3.016  6.592   2.769   1.00 20.07 ? 50  MSE A C   1 
HETATM 430  O  O   . MSE A 1 51  ? -3.779  7.513   3.119   1.00 21.39 ? 50  MSE A O   1 
HETATM 431  C  CB  . MSE A 1 51  ? -0.718  7.326   3.280   1.00 20.25 ? 50  MSE A CB  1 
HETATM 432  C  CG  . MSE A 1 51  ? -0.427  6.275   4.328   1.00 21.41 ? 50  MSE A CG  1 
HETATM 433  SE SE  . MSE A 1 51  ? 0.207   4.542   3.635   0.75 23.95 ? 50  MSE A SE  1 
HETATM 434  C  CE  . MSE A 1 51  ? 1.589   5.199   2.509   1.00 21.02 ? 50  MSE A CE  1 
ATOM   435  N  N   . PHE A 1 52  ? -3.309  5.296   2.871   1.00 20.83 ? 51  PHE A N   1 
ATOM   436  C  CA  . PHE A 1 52  ? -4.565  4.842   3.457   1.00 21.58 ? 51  PHE A CA  1 
ATOM   437  C  C   . PHE A 1 52  ? -4.342  3.991   4.689   1.00 21.06 ? 51  PHE A C   1 
ATOM   438  O  O   . PHE A 1 52  ? -3.309  3.353   4.837   1.00 21.41 ? 51  PHE A O   1 
ATOM   439  C  CB  . PHE A 1 52  ? -5.369  4.029   2.437   1.00 20.64 ? 51  PHE A CB  1 
ATOM   440  C  CG  . PHE A 1 52  ? -5.694  4.795   1.206   1.00 19.72 ? 51  PHE A CG  1 
ATOM   441  C  CD1 . PHE A 1 52  ? -6.746  5.692   1.200   1.00 20.61 ? 51  PHE A CD1 1 
ATOM   442  C  CD2 . PHE A 1 52  ? -4.952  4.628   0.048   1.00 22.21 ? 51  PHE A CD2 1 
ATOM   443  C  CE1 . PHE A 1 52  ? -7.041  6.428   0.061   1.00 21.26 ? 51  PHE A CE1 1 
ATOM   444  C  CE2 . PHE A 1 52  ? -5.252  5.369   -1.106  1.00 22.56 ? 51  PHE A CE2 1 
ATOM   445  C  CZ  . PHE A 1 52  ? -6.304  6.261   -1.090  1.00 22.80 ? 51  PHE A CZ  1 
ATOM   446  N  N   . VAL A 1 53  ? -5.349  3.990   5.564   1.00 21.71 ? 52  VAL A N   1 
ATOM   447  C  CA  . VAL A 1 53  ? -5.416  3.042   6.665   1.00 22.38 ? 52  VAL A CA  1 
ATOM   448  C  C   . VAL A 1 53  ? -6.748  2.314   6.637   1.00 22.56 ? 52  VAL A C   1 
ATOM   449  O  O   . VAL A 1 53  ? -7.767  2.896   6.221   1.00 24.01 ? 52  VAL A O   1 
ATOM   450  C  CB  . VAL A 1 53  ? -5.266  3.703   8.069   1.00 25.17 ? 52  VAL A CB  1 
ATOM   451  C  CG1 . VAL A 1 53  ? -3.821  4.052   8.312   1.00 26.75 ? 52  VAL A CG1 1 
ATOM   452  C  CG2 . VAL A 1 53  ? -6.185  4.895   8.226   1.00 26.48 ? 52  VAL A CG2 1 
ATOM   453  N  N   . ALA A 1 54  ? -6.722  1.064   7.102   1.00 21.68 ? 53  ALA A N   1 
ATOM   454  C  CA  . ALA A 1 54  ? -7.943  0.286   7.310   1.00 21.40 ? 53  ALA A CA  1 
ATOM   455  C  C   . ALA A 1 54  ? -8.246  0.364   8.799   1.00 20.45 ? 53  ALA A C   1 
ATOM   456  O  O   . ALA A 1 54  ? -7.389  0.053   9.616   1.00 22.54 ? 53  ALA A O   1 
ATOM   457  C  CB  . ALA A 1 54  ? -7.746  -1.136  6.898   1.00 23.80 ? 53  ALA A CB  1 
ATOM   458  N  N   . LEU A 1 55  ? -9.451  0.813   9.120   1.00 21.46 ? 54  LEU A N   1 
ATOM   459  C  CA  . LEU A 1 55  ? -9.904  0.943   10.484  1.00 21.87 ? 54  LEU A CA  1 
ATOM   460  C  C   . LEU A 1 55  ? -10.949 -0.098  10.798  1.00 22.27 ? 54  LEU A C   1 
ATOM   461  O  O   . LEU A 1 55  ? -11.901 -0.300  10.031  1.00 23.19 ? 54  LEU A O   1 
ATOM   462  C  CB  . LEU A 1 55  ? -10.507 2.313   10.720  1.00 22.48 ? 54  LEU A CB  1 
ATOM   463  C  CG  . LEU A 1 55  ? -9.560  3.488   10.551  1.00 23.37 ? 54  LEU A CG  1 
ATOM   464  C  CD1 . LEU A 1 55  ? -10.321 4.752   10.809  1.00 31.76 ? 54  LEU A CD1 1 
ATOM   465  C  CD2 . LEU A 1 55  ? -8.367  3.419   11.488  1.00 30.10 ? 54  LEU A CD2 1 
ATOM   466  N  N   . SER A 1 56  ? -10.803 -0.720  11.961  1.00 20.89 ? 55  SER A N   1 
ATOM   467  C  CA  . SER A 1 56  ? -11.796 -1.659  12.454  1.00 19.79 ? 55  SER A CA  1 
ATOM   468  C  C   . SER A 1 56  ? -13.092 -0.961  12.874  1.00 20.18 ? 55  SER A C   1 
ATOM   469  O  O   . SER A 1 56  ? -13.171 0.262   12.918  1.00 19.97 ? 55  SER A O   1 
ATOM   470  C  CB  . SER A 1 56  ? -11.244 -2.424  13.649  1.00 19.05 ? 55  SER A CB  1 
ATOM   471  O  OG  . SER A 1 56  ? -11.313 -1.631  14.833  1.00 19.19 ? 55  SER A OG  1 
ATOM   472  N  N   . THR A 1 57  ? -14.099 -1.748  13.237  1.00 20.23 ? 56  THR A N   1 
ATOM   473  C  CA  . THR A 1 57  ? -15.367 -1.204  13.730  1.00 20.20 ? 56  THR A CA  1 
ATOM   474  C  C   . THR A 1 57  ? -15.201 -0.478  15.067  1.00 18.74 ? 56  THR A C   1 
ATOM   475  O  O   . THR A 1 57  ? -16.094 0.252   15.495  1.00 19.94 ? 56  THR A O   1 
ATOM   476  C  CB  . THR A 1 57  ? -16.435 -2.294  13.884  1.00 20.66 ? 56  THR A CB  1 
ATOM   477  O  OG1 . THR A 1 57  ? -15.946 -3.331  14.740  1.00 25.22 ? 56  THR A OG1 1 
ATOM   478  C  CG2 . THR A 1 57  ? -16.805 -2.867  12.514  1.00 24.52 ? 56  THR A CG2 1 
ATOM   479  N  N   . THR A 1 58  ? -14.062 -0.697  15.724  1.00 18.05 ? 57  THR A N   1 
ATOM   480  C  CA  . THR A 1 58  ? -13.738 -0.012  16.978  1.00 17.41 ? 57  THR A CA  1 
ATOM   481  C  C   . THR A 1 58  ? -12.612 1.004   16.790  1.00 17.53 ? 57  THR A C   1 
ATOM   482  O  O   . THR A 1 58  ? -11.968 1.398   17.774  1.00 18.26 ? 57  THR A O   1 
ATOM   483  C  CB  . THR A 1 58  ? -13.391 -1.001  18.079  1.00 18.16 ? 57  THR A CB  1 
ATOM   484  O  OG1 . THR A 1 58  ? -12.301 -1.828  17.645  1.00 18.61 ? 57  THR A OG1 1 
ATOM   485  C  CG2 . THR A 1 58  ? -14.576 -1.857  18.420  1.00 18.01 ? 57  THR A CG2 1 
ATOM   486  N  N   . ASN A 1 59  ? -12.436 1.436   15.545  1.00 19.00 ? 58  ASN A N   1 
ATOM   487  C  CA  A ASN A 1 59  ? -11.498 2.471   15.107  0.70 20.21 ? 58  ASN A CA  1 
ATOM   488  C  CA  B ASN A 1 59  ? -11.543 2.555   15.270  0.30 19.26 ? 58  ASN A CA  1 
ATOM   489  C  C   . ASN A 1 59  ? -10.051 2.243   15.470  1.00 20.68 ? 58  ASN A C   1 
ATOM   490  O  O   . ASN A 1 59  ? -9.264  3.173   15.719  1.00 24.45 ? 58  ASN A O   1 
ATOM   491  C  CB  A ASN A 1 59  ? -11.994 3.847   15.508  0.70 22.20 ? 58  ASN A CB  1 
ATOM   492  C  CB  B ASN A 1 59  ? -11.948 3.751   16.168  0.30 18.29 ? 58  ASN A CB  1 
ATOM   493  C  CG  A ASN A 1 59  ? -13.213 4.267   14.698  0.70 21.31 ? 58  ASN A CG  1 
ATOM   494  C  CG  B ASN A 1 59  ? -11.484 5.079   15.624  0.30 18.96 ? 58  ASN A CG  1 
ATOM   495  O  OD1 A ASN A 1 59  ? -13.378 3.890   13.532  0.70 28.45 ? 58  ASN A OD1 1 
ATOM   496  O  OD1 B ASN A 1 59  ? -11.163 5.196   14.445  0.30 20.38 ? 58  ASN A OD1 1 
ATOM   497  N  ND2 A ASN A 1 59  ? -14.056 5.054   15.307  0.70 24.58 ? 58  ASN A ND2 1 
ATOM   498  N  ND2 B ASN A 1 59  ? -11.446 6.092   16.483  0.30 16.90 ? 58  ASN A ND2 1 
ATOM   499  N  N   . GLN A 1 60  ? -9.665  0.976   15.387  1.00 19.16 ? 59  GLN A N   1 
ATOM   500  C  CA  . GLN A 1 60  ? -8.267  0.605   15.533  1.00 18.42 ? 59  GLN A CA  1 
ATOM   501  C  C   . GLN A 1 60  ? -7.672  0.397   14.146  1.00 19.48 ? 59  GLN A C   1 
ATOM   502  O  O   . GLN A 1 60  ? -8.358  -0.080  13.236  1.00 20.07 ? 59  GLN A O   1 
ATOM   503  C  CB  . GLN A 1 60  ? -8.139  -0.657  16.366  1.00 19.09 ? 59  GLN A CB  1 
ATOM   504  C  CG  . GLN A 1 60  ? -8.610  -0.465  17.769  1.00 17.17 ? 59  GLN A CG  1 
ATOM   505  C  CD  . GLN A 1 60  ? -8.350  -1.625  18.678  1.00 17.42 ? 59  GLN A CD  1 
ATOM   506  O  OE1 . GLN A 1 60  ? -8.693  -2.762  18.364  1.00 18.74 ? 59  GLN A OE1 1 
ATOM   507  N  NE2 . GLN A 1 60  ? -7.820  -1.339  19.856  1.00 16.82 ? 59  GLN A NE2 1 
ATOM   508  N  N   . VAL A 1 61  ? -6.412  0.779   13.985  1.00 18.92 ? 60  VAL A N   1 
ATOM   509  C  CA  . VAL A 1 61  ? -5.721  0.649   12.698  1.00 19.93 ? 60  VAL A CA  1 
ATOM   510  C  C   . VAL A 1 61  ? -5.361  -0.819  12.488  1.00 20.85 ? 60  VAL A C   1 
ATOM   511  O  O   . VAL A 1 61  ? -4.627  -1.412  13.304  1.00 22.52 ? 60  VAL A O   1 
ATOM   512  C  CB  . VAL A 1 61  ? -4.408  1.472   12.665  1.00 22.41 ? 60  VAL A CB  1 
ATOM   513  C  CG1 . VAL A 1 61  ? -3.607  1.157   11.396  1.00 25.05 ? 60  VAL A CG1 1 
ATOM   514  C  CG2 . VAL A 1 61  ? -4.704  2.938   12.763  1.00 23.80 ? 60  VAL A CG2 1 
ATOM   515  N  N   . LEU A 1 62  ? -5.871  -1.416  11.408  1.00 20.24 ? 61  LEU A N   1 
ATOM   516  C  CA  . LEU A 1 62  ? -5.554  -2.817  11.107  1.00 20.57 ? 61  LEU A CA  1 
ATOM   517  C  C   . LEU A 1 62  ? -4.561  -2.993  9.944   1.00 20.55 ? 61  LEU A C   1 
ATOM   518  O  O   . LEU A 1 62  ? -4.004  -4.082  9.778   1.00 22.15 ? 61  LEU A O   1 
ATOM   519  C  CB  . LEU A 1 62  ? -6.823  -3.592  10.779  1.00 20.92 ? 61  LEU A CB  1 
ATOM   520  C  CG  . LEU A 1 62  ? -7.936  -3.633  11.833  1.00 21.67 ? 61  LEU A CG  1 
ATOM   521  C  CD1 . LEU A 1 62  ? -9.083  -4.443  11.334  1.00 22.89 ? 61  LEU A CD1 1 
ATOM   522  C  CD2 . LEU A 1 62  ? -7.431  -4.168  13.157  1.00 23.18 ? 61  LEU A CD2 1 
ATOM   523  N  N   . ALA A 1 63  ? -4.362  -1.930  9.160   1.00 20.94 ? 62  ALA A N   1 
ATOM   524  C  CA  . ALA A 1 63  ? -3.506  -1.982  7.979   1.00 20.31 ? 62  ALA A CA  1 
ATOM   525  C  C   . ALA A 1 63  ? -3.222  -0.590  7.476   1.00 19.07 ? 62  ALA A C   1 
ATOM   526  O  O   . ALA A 1 63  ? -3.946  0.360   7.778   1.00 21.27 ? 62  ALA A O   1 
ATOM   527  C  CB  . ALA A 1 63  ? -4.173  -2.763  6.879   1.00 21.92 ? 62  ALA A CB  1 
ATOM   528  N  N   . CYS A 1 64  ? -2.148  -0.490  6.702   1.00 21.47 ? 63  CYS A N   1 
ATOM   529  C  CA  . CYS A 1 64  ? -1.866  0.731   5.980   1.00 21.23 ? 63  CYS A CA  1 
ATOM   530  C  C   . CYS A 1 64  ? -1.362  0.386   4.589   1.00 21.36 ? 63  CYS A C   1 
ATOM   531  O  O   . CYS A 1 64  ? -0.937  -0.739  4.353   1.00 22.26 ? 63  CYS A O   1 
ATOM   532  C  CB  . CYS A 1 64  ? -0.815  1.573   6.736   1.00 22.44 ? 63  CYS A CB  1 
ATOM   533  S  SG  . CYS A 1 64  ? 0.781   0.787   6.971   1.00 23.26 ? 63  CYS A SG  1 
ATOM   534  N  N   . GLY A 1 65  ? -1.385  1.386   3.705   1.00 20.99 ? 64  GLY A N   1 
ATOM   535  C  CA  . GLY A 1 65  ? -0.812  1.219   2.366   1.00 21.19 ? 64  GLY A CA  1 
ATOM   536  C  C   . GLY A 1 65  ? -1.190  2.380   1.483   1.00 20.73 ? 64  GLY A C   1 
ATOM   537  O  O   . GLY A 1 65  ? -2.259  2.950   1.622   1.00 22.05 ? 64  GLY A O   1 
ATOM   538  N  N   . GLY A 1 66  ? -0.319  2.698   0.536   1.00 20.76 ? 65  GLY A N   1 
ATOM   539  C  CA  . GLY A 1 66  ? -0.578  3.838   -0.302  1.00 20.70 ? 65  GLY A CA  1 
ATOM   540  C  C   . GLY A 1 66  ? 0.237   3.808   -1.551  1.00 20.14 ? 65  GLY A C   1 
ATOM   541  O  O   . GLY A 1 66  ? 0.710   2.761   -1.974  1.00 21.08 ? 65  GLY A O   1 
ATOM   542  N  N   . TYR A 1 67  ? 0.380   4.979   -2.154  1.00 20.53 ? 66  TYR A N   1 
ATOM   543  C  CA  . TYR A 1 67  ? 1.119   5.105   -3.406  1.00 19.70 ? 66  TYR A CA  1 
ATOM   544  C  C   . TYR A 1 67  ? 1.702   6.498   -3.546  1.00 19.37 ? 66  TYR A C   1 
ATOM   545  O  O   . TYR A 1 67  ? 1.252   7.460   -2.915  1.00 19.85 ? 66  TYR A O   1 
ATOM   546  C  CB  . TYR A 1 67  ? 0.202   4.795   -4.606  1.00 20.85 ? 66  TYR A CB  1 
ATOM   547  C  CG  . TYR A 1 67  ? -0.839  5.849   -4.837  1.00 20.46 ? 66  TYR A CG  1 
ATOM   548  C  CD1 . TYR A 1 67  ? -2.085  5.789   -4.200  1.00 18.51 ? 66  TYR A CD1 1 
ATOM   549  C  CD2 . TYR A 1 67  ? -0.590  6.927   -5.681  1.00 19.96 ? 66  TYR A CD2 1 
ATOM   550  C  CE1 . TYR A 1 67  ? -3.044  6.781   -4.402  1.00 20.02 ? 66  TYR A CE1 1 
ATOM   551  C  CE2 . TYR A 1 67  ? -1.544  7.933   -5.875  1.00 20.40 ? 66  TYR A CE2 1 
ATOM   552  C  CZ  . TYR A 1 67  ? -2.774  7.848   -5.228  1.00 20.25 ? 66  TYR A CZ  1 
ATOM   553  O  OH  . TYR A 1 67  ? -3.703  8.863   -5.440  1.00 22.57 ? 66  TYR A OH  1 
HETATM 554  N  N   . MSE A 1 68  ? 2.734   6.585   -4.371  1.00 18.09 ? 67  MSE A N   1 
HETATM 555  C  CA  . MSE A 1 68  ? 3.333   7.849   -4.740  1.00 18.24 ? 67  MSE A CA  1 
HETATM 556  C  C   . MSE A 1 68  ? 4.112   7.668   -6.041  1.00 21.38 ? 67  MSE A C   1 
HETATM 557  O  O   . MSE A 1 68  ? 4.128   6.592   -6.623  1.00 20.47 ? 67  MSE A O   1 
HETATM 558  C  CB  . MSE A 1 68  ? 4.222   8.377   -3.608  1.00 18.83 ? 67  MSE A CB  1 
HETATM 559  C  CG  . MSE A 1 68  ? 5.413   7.506   -3.278  1.00 18.86 ? 67  MSE A CG  1 
HETATM 560  SE SE  . MSE A 1 68  ? 6.576   8.268   -1.917  0.75 24.11 ? 67  MSE A SE  1 
HETATM 561  C  CE  . MSE A 1 68  ? 7.457   9.549   -3.039  1.00 24.23 ? 67  MSE A CE  1 
ATOM   562  N  N   . LYS A 1 69  ? 4.738   8.735   -6.516  1.00 20.21 ? 68  LYS A N   1 
ATOM   563  C  CA  . LYS A 1 69  ? 5.474   8.658   -7.748  1.00 21.73 ? 68  LYS A CA  1 
ATOM   564  C  C   . LYS A 1 69  ? 6.673   7.727   -7.614  1.00 21.55 ? 68  LYS A C   1 
ATOM   565  O  O   . LYS A 1 69  ? 7.390   7.772   -6.618  1.00 22.31 ? 68  LYS A O   1 
ATOM   566  C  CB  . LYS A 1 69  ? 5.937   10.061  -8.151  1.00 22.68 ? 68  LYS A CB  1 
ATOM   567  C  CG  . LYS A 1 69  ? 6.542   10.097  -9.531  1.00 25.39 ? 68  LYS A CG  1 
ATOM   568  C  CD  . LYS A 1 69  ? 7.058   11.480  -9.904  1.00 26.32 ? 68  LYS A CD  1 
ATOM   569  C  CE  . LYS A 1 69  ? 7.879   11.429  -11.190 1.00 33.00 ? 68  LYS A CE  1 
ATOM   570  N  NZ  . LYS A 1 69  ? 9.057   10.502  -11.073 1.00 40.34 ? 68  LYS A NZ  1 
ATOM   571  N  N   . GLN A 1 70  ? 6.897   6.892   -8.632  1.00 22.17 ? 69  GLN A N   1 
ATOM   572  C  CA  . GLN A 1 70  ? 8.110   6.077   -8.717  1.00 22.75 ? 69  GLN A CA  1 
ATOM   573  C  C   . GLN A 1 70  ? 9.224   6.947   -9.233  1.00 22.94 ? 69  GLN A C   1 
ATOM   574  O  O   . GLN A 1 70  ? 9.119   7.513   -10.300 1.00 24.01 ? 69  GLN A O   1 
ATOM   575  C  CB  . GLN A 1 70  ? 7.903   4.886   -9.645  1.00 23.25 ? 69  GLN A CB  1 
ATOM   576  C  CG  . GLN A 1 70  ? 9.184   4.102   -9.978  1.00 25.58 ? 69  GLN A CG  1 
ATOM   577  C  CD  . GLN A 1 70  ? 9.802   3.444   -8.772  1.00 28.00 ? 69  GLN A CD  1 
ATOM   578  O  OE1 . GLN A 1 70  ? 9.135   2.780   -7.993  1.00 25.73 ? 69  GLN A OE1 1 
ATOM   579  N  NE2 . GLN A 1 70  ? 11.105  3.625   -8.608  1.00 35.45 ? 69  GLN A NE2 1 
ATOM   580  N  N   . SER A 1 71  ? 10.290  7.064   -8.459  1.00 25.56 ? 70  SER A N   1 
ATOM   581  C  CA  . SER A 1 71  ? 11.415  7.893   -8.852  1.00 28.74 ? 70  SER A CA  1 
ATOM   582  C  C   . SER A 1 71  ? 12.082  7.315   -10.085 1.00 30.89 ? 70  SER A C   1 
ATOM   583  O  O   . SER A 1 71  ? 12.194  6.094   -10.231 1.00 28.74 ? 70  SER A O   1 
ATOM   584  C  CB  . SER A 1 71  ? 12.430  7.987   -7.717  1.00 29.70 ? 70  SER A CB  1 
ATOM   585  O  OG  . SER A 1 71  ? 12.895  6.702   -7.356  1.00 41.08 ? 70  SER A OG  1 
ATOM   586  N  N   . GLY A 1 72  ? 12.493  8.204   -10.979 1.00 32.86 ? 71  GLY A N   1 
ATOM   587  C  CA  . GLY A 1 72  ? 13.300  7.814   -12.131 1.00 35.55 ? 71  GLY A CA  1 
ATOM   588  C  C   . GLY A 1 72  ? 12.560  7.121   -13.265 1.00 38.60 ? 71  GLY A C   1 
ATOM   589  O  O   . GLY A 1 72  ? 13.162  6.831   -14.302 1.00 40.90 ? 71  GLY A O   1 
ATOM   590  N  N   . GLN A 1 73  ? 11.272  6.845   -13.076 1.00 38.90 ? 72  GLN A N   1 
ATOM   591  C  CA  . GLN A 1 73  ? 10.418  6.298   -14.129 1.00 40.56 ? 72  GLN A CA  1 
ATOM   592  C  C   . GLN A 1 73  ? 9.297   7.291   -14.393 1.00 38.47 ? 72  GLN A C   1 
ATOM   593  O  O   . GLN A 1 73  ? 8.785   7.935   -13.482 1.00 41.51 ? 72  GLN A O   1 
ATOM   594  C  CB  . GLN A 1 73  ? 9.853   4.939   -13.724 1.00 39.95 ? 72  GLN A CB  1 
ATOM   595  C  CG  . GLN A 1 73  ? 10.906  3.843   -13.633 1.00 44.04 ? 72  GLN A CG  1 
ATOM   596  C  CD  . GLN A 1 73  ? 10.363  2.536   -13.064 1.00 45.51 ? 72  GLN A CD  1 
ATOM   597  O  OE1 . GLN A 1 73  ? 9.275   2.089   -13.432 1.00 57.43 ? 72  GLN A OE1 1 
ATOM   598  N  NE2 . GLN A 1 73  ? 11.125  1.913   -12.166 1.00 56.08 ? 72  GLN A NE2 1 
ATOM   599  N  N   . ALA A 1 74  ? 8.933   7.439   -15.659 1.00 35.98 ? 73  ALA A N   1 
ATOM   600  C  CA  . ALA A 1 74  ? 7.910   8.402   -16.039 1.00 31.56 ? 73  ALA A CA  1 
ATOM   601  C  C   . ALA A 1 74  ? 6.530   7.731   -16.044 1.00 28.24 ? 73  ALA A C   1 
ATOM   602  O  O   . ALA A 1 74  ? 6.434   6.539   -16.360 1.00 27.11 ? 73  ALA A O   1 
ATOM   603  C  CB  . ALA A 1 74  ? 8.225   8.962   -17.393 1.00 34.07 ? 73  ALA A CB  1 
ATOM   604  N  N   . ARG A 1 75  ? 5.488   8.485   -15.654 1.00 24.91 ? 74  ARG A N   1 
ATOM   605  C  CA  . ARG A 1 75  ? 4.090   8.023   -15.665 1.00 23.39 ? 74  ARG A CA  1 
ATOM   606  C  C   . ARG A 1 75  ? 3.874   6.723   -14.868 1.00 21.93 ? 74  ARG A C   1 
ATOM   607  O  O   . ARG A 1 75  ? 2.931   5.956   -15.135 1.00 20.58 ? 74  ARG A O   1 
ATOM   608  C  CB  . ARG A 1 75  ? 3.596   7.872   -17.109 1.00 21.67 ? 74  ARG A CB  1 
ATOM   609  C  CG  . ARG A 1 75  ? 3.544   9.212   -17.902 1.00 20.97 ? 74  ARG A CG  1 
ATOM   610  C  CD  . ARG A 1 75  ? 3.160   9.000   -19.359 1.00 22.66 ? 74  ARG A CD  1 
ATOM   611  N  NE  . ARG A 1 75  ? 4.076   8.086   -20.016 1.00 24.75 ? 74  ARG A NE  1 
ATOM   612  C  CZ  . ARG A 1 75  ? 3.749   6.927   -20.576 1.00 32.51 ? 74  ARG A CZ  1 
ATOM   613  N  NH1 . ARG A 1 75  ? 2.501   6.476   -20.555 1.00 33.63 ? 74  ARG A NH1 1 
ATOM   614  N  NH2 . ARG A 1 75  ? 4.695   6.193   -21.146 1.00 33.24 ? 74  ARG A NH2 1 
ATOM   615  N  N   . THR A 1 76  ? 4.733   6.509   -13.874 1.00 20.21 ? 75  THR A N   1 
ATOM   616  C  CA  . THR A 1 76  ? 4.739   5.290   -13.082 1.00 19.32 ? 75  THR A CA  1 
ATOM   617  C  C   . THR A 1 76  ? 4.586   5.618   -11.610 1.00 20.19 ? 75  THR A C   1 
ATOM   618  O  O   . THR A 1 76  ? 5.279   6.485   -11.071 1.00 21.28 ? 75  THR A O   1 
ATOM   619  C  CB  . THR A 1 76  ? 6.052   4.495   -13.300 1.00 19.97 ? 75  THR A CB  1 
ATOM   620  O  OG1 . THR A 1 76  ? 6.161   4.126   -14.693 1.00 21.03 ? 75  THR A OG1 1 
ATOM   621  C  CG2 . THR A 1 76  ? 6.097   3.235   -12.444 1.00 22.40 ? 75  THR A CG2 1 
ATOM   622  N  N   . GLY A 1 77  ? 3.646   4.945   -10.965 1.00 20.11 ? 76  GLY A N   1 
ATOM   623  C  CA  . GLY A 1 77  ? 3.472   5.085   -9.526  1.00 19.59 ? 76  GLY A CA  1 
ATOM   624  C  C   . GLY A 1 77  ? 3.972   3.846   -8.819  1.00 19.53 ? 76  GLY A C   1 
ATOM   625  O  O   . GLY A 1 77  ? 3.985   2.765   -9.383  1.00 21.27 ? 76  GLY A O   1 
ATOM   626  N  N   . ARG A 1 78  ? 4.402   4.031   -7.578  1.00 19.52 ? 77  ARG A N   1 
ATOM   627  C  CA  . ARG A 1 78  ? 4.880   2.955   -6.734  1.00 20.86 ? 77  ARG A CA  1 
ATOM   628  C  C   . ARG A 1 78  ? 3.906   2.757   -5.587  1.00 20.20 ? 77  ARG A C   1 
ATOM   629  O  O   . ARG A 1 78  ? 3.566   3.734   -4.895  1.00 19.92 ? 77  ARG A O   1 
ATOM   630  C  CB  . ARG A 1 78  ? 6.249   3.322   -6.163  1.00 20.29 ? 77  ARG A CB  1 
ATOM   631  C  CG  . ARG A 1 78  ? 6.879   2.158   -5.439  1.00 24.26 ? 77  ARG A CG  1 
ATOM   632  C  CD  . ARG A 1 78  ? 8.209   2.568   -4.826  1.00 25.32 ? 77  ARG A CD  1 
ATOM   633  N  NE  . ARG A 1 78  ? 8.957   1.409   -4.321  1.00 27.08 ? 77  ARG A NE  1 
ATOM   634  C  CZ  . ARG A 1 78  ? 9.879   0.747   -5.024  1.00 25.74 ? 77  ARG A CZ  1 
ATOM   635  N  NH1 . ARG A 1 78  ? 10.155  1.050   -6.279  1.00 30.82 ? 77  ARG A NH1 1 
ATOM   636  N  NH2 . ARG A 1 78  ? 10.482  -0.292  -4.478  1.00 35.48 ? 77  ARG A NH2 1 
ATOM   637  N  N   . ILE A 1 79  ? 3.428   1.523   -5.400  1.00 19.85 ? 78  ILE A N   1 
ATOM   638  C  CA  . ILE A 1 79  ? 2.609   1.169   -4.259  1.00 20.35 ? 78  ILE A CA  1 
ATOM   639  C  C   . ILE A 1 79  ? 3.534   0.882   -3.080  1.00 20.77 ? 78  ILE A C   1 
ATOM   640  O  O   . ILE A 1 79  ? 4.459   0.100   -3.215  1.00 22.65 ? 78  ILE A O   1 
ATOM   641  C  CB  . ILE A 1 79  ? 1.709   -0.028  -4.595  1.00 21.35 ? 78  ILE A CB  1 
ATOM   642  C  CG1 . ILE A 1 79  ? 0.706   0.402   -5.687  1.00 20.62 ? 78  ILE A CG1 1 
ATOM   643  C  CG2 . ILE A 1 79  ? 1.008   -0.556  -3.345  1.00 23.20 ? 78  ILE A CG2 1 
ATOM   644  C  CD1 . ILE A 1 79  ? -0.104  -0.741  -6.280  1.00 23.04 ? 78  ILE A CD1 1 
ATOM   645  N  N   . ARG A 1 80  ? 3.313   1.584   -1.962  1.00 20.40 ? 79  ARG A N   1 
ATOM   646  C  CA  . ARG A 1 80  ? 4.263   1.582   -0.862  1.00 20.27 ? 79  ARG A CA  1 
ATOM   647  C  C   . ARG A 1 80  ? 3.638   1.286   0.464   1.00 20.36 ? 79  ARG A C   1 
ATOM   648  O  O   . ARG A 1 80  ? 2.509   1.666   0.741   1.00 20.42 ? 79  ARG A O   1 
ATOM   649  C  CB  . ARG A 1 80  ? 4.917   2.952   -0.746  1.00 21.26 ? 79  ARG A CB  1 
ATOM   650  C  CG  . ARG A 1 80  ? 5.578   3.403   -2.047  1.00 23.14 ? 79  ARG A CG  1 
ATOM   651  C  CD  . ARG A 1 80  ? 6.678   4.424   -1.799  1.00 21.93 ? 79  ARG A CD  1 
ATOM   652  N  NE  . ARG A 1 80  ? 7.807   3.853   -1.083  1.00 21.24 ? 79  ARG A NE  1 
ATOM   653  C  CZ  . ARG A 1 80  ? 8.791   4.552   -0.528  1.00 22.78 ? 79  ARG A CZ  1 
ATOM   654  N  NH1 . ARG A 1 80  ? 8.808   5.872   -0.572  1.00 22.29 ? 79  ARG A NH1 1 
ATOM   655  N  NH2 . ARG A 1 80  ? 9.740   3.916   0.128   1.00 24.61 ? 79  ARG A NH2 1 
ATOM   656  N  N   . HIS A 1 81  ? 4.439   0.651   1.308   1.00 21.18 ? 80  HIS A N   1 
ATOM   657  C  CA  . HIS A 1 81  ? 4.148   0.526   2.735   1.00 20.68 ? 80  HIS A CA  1 
ATOM   658  C  C   . HIS A 1 81  ? 2.891   -0.253  3.044   1.00 22.46 ? 80  HIS A C   1 
ATOM   659  O  O   . HIS A 1 81  ? 2.186   0.051   3.998   1.00 24.05 ? 80  HIS A O   1 
ATOM   660  C  CB  . HIS A 1 81  ? 4.093   1.901   3.419   1.00 21.21 ? 80  HIS A CB  1 
ATOM   661  C  CG  . HIS A 1 81  ? 5.263   2.787   3.115   1.00 21.26 ? 80  HIS A CG  1 
ATOM   662  N  ND1 . HIS A 1 81  ? 6.568   2.416   3.350   1.00 23.78 ? 80  HIS A ND1 1 
ATOM   663  C  CD2 . HIS A 1 81  ? 5.316   4.040   2.597   1.00 20.98 ? 80  HIS A CD2 1 
ATOM   664  C  CE1 . HIS A 1 81  ? 7.371   3.413   3.011   1.00 23.39 ? 80  HIS A CE1 1 
ATOM   665  N  NE2 . HIS A 1 81  ? 6.632   4.398   2.526   1.00 22.34 ? 80  HIS A NE2 1 
ATOM   666  N  N   . VAL A 1 82  ? 2.594   -1.281  2.264   1.00 20.80 ? 81  VAL A N   1 
ATOM   667  C  CA  . VAL A 1 82  ? 1.401   -2.085  2.489   1.00 20.41 ? 81  VAL A CA  1 
ATOM   668  C  C   . VAL A 1 82  ? 1.680   -3.114  3.567   1.00 21.30 ? 81  VAL A C   1 
ATOM   669  O  O   . VAL A 1 82  ? 2.592   -3.917  3.445   1.00 22.00 ? 81  VAL A O   1 
ATOM   670  C  CB  . VAL A 1 82  ? 0.995   -2.826  1.198   1.00 20.95 ? 81  VAL A CB  1 
ATOM   671  C  CG1 . VAL A 1 82  ? -0.099  -3.846  1.496   1.00 22.94 ? 81  VAL A CG1 1 
ATOM   672  C  CG2 . VAL A 1 82  ? 0.556   -1.825  0.144   1.00 21.50 ? 81  VAL A CG2 1 
ATOM   673  N  N   . TYR A 1 83  ? 0.888   -3.071  4.628   1.00 20.98 ? 82  TYR A N   1 
ATOM   674  C  CA  . TYR A 1 83  ? 1.069   -3.984  5.768   1.00 20.45 ? 82  TYR A CA  1 
ATOM   675  C  C   . TYR A 1 83  ? -0.266  -4.182  6.471   1.00 21.25 ? 82  TYR A C   1 
ATOM   676  O  O   . TYR A 1 83  ? -0.964  -3.206  6.754   1.00 21.44 ? 82  TYR A O   1 
ATOM   677  C  CB  . TYR A 1 83  ? 2.079   -3.404  6.769   1.00 20.81 ? 82  TYR A CB  1 
ATOM   678  C  CG  . TYR A 1 83  ? 2.348   -4.337  7.915   1.00 20.29 ? 82  TYR A CG  1 
ATOM   679  C  CD1 . TYR A 1 83  ? 3.229   -5.402  7.781   1.00 22.51 ? 82  TYR A CD1 1 
ATOM   680  C  CD2 . TYR A 1 83  ? 1.708   -4.162  9.128   1.00 20.70 ? 82  TYR A CD2 1 
ATOM   681  C  CE1 . TYR A 1 83  ? 3.468   -6.274  8.836   1.00 20.14 ? 82  TYR A CE1 1 
ATOM   682  C  CE2 . TYR A 1 83  ? 1.941   -5.046  10.188  1.00 20.44 ? 82  TYR A CE2 1 
ATOM   683  C  CZ  . TYR A 1 83  ? 2.808   -6.091  10.032  1.00 21.85 ? 82  TYR A CZ  1 
ATOM   684  O  OH  . TYR A 1 83  ? 3.055   -6.970  11.072  1.00 22.53 ? 82  TYR A OH  1 
ATOM   685  N  N   . VAL A 1 84  ? -0.619  -5.438  6.741   1.00 20.63 ? 83  VAL A N   1 
ATOM   686  C  CA  . VAL A 1 84  ? -1.829  -5.774  7.499   1.00 20.42 ? 83  VAL A CA  1 
ATOM   687  C  C   . VAL A 1 84  ? -1.378  -6.457  8.780   1.00 19.08 ? 83  VAL A C   1 
ATOM   688  O  O   . VAL A 1 84  ? -0.512  -7.333  8.744   1.00 19.03 ? 83  VAL A O   1 
ATOM   689  C  CB  . VAL A 1 84  ? -2.730  -6.752  6.713   1.00 19.68 ? 83  VAL A CB  1 
ATOM   690  C  CG1 . VAL A 1 84  ? -3.978  -7.135  7.516   1.00 21.20 ? 83  VAL A CG1 1 
ATOM   691  C  CG2 . VAL A 1 84  ? -3.128  -6.122  5.394   1.00 21.51 ? 83  VAL A CG2 1 
ATOM   692  N  N   . LEU A 1 85  ? -1.954  -6.047  9.915   1.00 21.73 ? 84  LEU A N   1 
ATOM   693  C  CA  A LEU A 1 85  ? -1.640  -6.681  11.207  0.50 20.70 ? 84  LEU A CA  1 
ATOM   694  C  CA  B LEU A 1 85  ? -1.679  -6.661  11.214  0.50 22.18 ? 84  LEU A CA  1 
ATOM   695  C  C   . LEU A 1 85  ? -1.846  -8.177  11.103  1.00 22.59 ? 84  LEU A C   1 
ATOM   696  O  O   . LEU A 1 85  ? -2.838  -8.631  10.523  1.00 21.67 ? 84  LEU A O   1 
ATOM   697  C  CB  A LEU A 1 85  ? -2.530  -6.155  12.342  0.50 21.97 ? 84  LEU A CB  1 
ATOM   698  C  CB  B LEU A 1 85  ? -2.689  -6.090  12.219  0.50 23.51 ? 84  LEU A CB  1 
ATOM   699  C  CG  A LEU A 1 85  ? -2.254  -4.785  12.957  0.50 22.20 ? 84  LEU A CG  1 
ATOM   700  C  CG  B LEU A 1 85  ? -2.438  -6.078  13.717  0.50 25.30 ? 84  LEU A CG  1 
ATOM   701  C  CD1 A LEU A 1 85  ? -3.319  -4.514  14.005  0.50 21.67 ? 84  LEU A CD1 1 
ATOM   702  C  CD1 B LEU A 1 85  ? -1.269  -5.183  14.076  0.50 24.12 ? 84  LEU A CD1 1 
ATOM   703  C  CD2 A LEU A 1 85  ? -0.856  -4.710  13.576  0.50 24.23 ? 84  LEU A CD2 1 
ATOM   704  C  CD2 B LEU A 1 85  ? -3.706  -5.599  14.394  0.50 25.41 ? 84  LEU A CD2 1 
ATOM   705  N  N   . PRO A 1 86  ? -0.899  -8.967  11.654  1.00 22.68 ? 85  PRO A N   1 
ATOM   706  C  CA  . PRO A 1 86  ? -1.017  -10.417 11.535  1.00 22.89 ? 85  PRO A CA  1 
ATOM   707  C  C   . PRO A 1 86  ? -2.397  -10.986 11.890  1.00 22.31 ? 85  PRO A C   1 
ATOM   708  O  O   . PRO A 1 86  ? -2.940  -11.802 11.140  1.00 24.59 ? 85  PRO A O   1 
ATOM   709  C  CB  . PRO A 1 86  ? 0.072   -10.938 12.485  1.00 23.16 ? 85  PRO A CB  1 
ATOM   710  C  CG  . PRO A 1 86  ? 1.111   -9.882  12.430  1.00 25.63 ? 85  PRO A CG  1 
ATOM   711  C  CD  . PRO A 1 86  ? 0.355   -8.593  12.360  1.00 22.32 ? 85  PRO A CD  1 
ATOM   712  N  N   . GLU A 1 87  ? -2.983  -10.541 12.996  1.00 23.48 ? 86  GLU A N   1 
ATOM   713  C  CA  . GLU A 1 87  ? -4.273  -11.095 13.440  1.00 26.76 ? 86  GLU A CA  1 
ATOM   714  C  C   . GLU A 1 87  ? -5.452  -10.705 12.539  1.00 25.44 ? 86  GLU A C   1 
ATOM   715  O  O   . GLU A 1 87  ? -6.520  -11.334 12.612  1.00 25.42 ? 86  GLU A O   1 
ATOM   716  C  CB  . GLU A 1 87  ? -4.555  -10.682 14.892  1.00 28.27 ? 86  GLU A CB  1 
ATOM   717  C  CG  . GLU A 1 87  ? -4.795  -9.178  15.076  1.00 33.28 ? 86  GLU A CG  1 
ATOM   718  C  CD  . GLU A 1 87  ? -4.489  -8.691  16.488  1.00 37.29 ? 86  GLU A CD  1 
ATOM   719  O  OE1 . GLU A 1 87  ? -3.469  -7.974  16.669  1.00 45.59 ? 86  GLU A OE1 1 
ATOM   720  O  OE2 . GLU A 1 87  ? -5.263  -9.044  17.409  1.00 46.26 ? 86  GLU A OE2 1 
ATOM   721  N  N   . ALA A 1 88  ? -5.244  -9.716  11.665  1.00 22.63 ? 87  ALA A N   1 
ATOM   722  C  CA  . ALA A 1 88  ? -6.291  -9.206  10.776  1.00 20.79 ? 87  ALA A CA  1 
ATOM   723  C  C   . ALA A 1 88  ? -6.150  -9.697  9.343   1.00 21.58 ? 87  ALA A C   1 
ATOM   724  O  O   . ALA A 1 88  ? -6.958  -9.327  8.495   1.00 23.15 ? 87  ALA A O   1 
ATOM   725  C  CB  . ALA A 1 88  ? -6.325  -7.697  10.796  1.00 22.99 ? 87  ALA A CB  1 
ATOM   726  N  N   . ARG A 1 89  ? -5.129  -10.510 9.075   1.00 21.64 ? 88  ARG A N   1 
ATOM   727  C  CA  . ARG A 1 89  ? -4.922  -11.069 7.736   1.00 19.83 ? 88  ARG A CA  1 
ATOM   728  C  C   . ARG A 1 89  ? -5.973  -12.115 7.383   1.00 20.98 ? 88  ARG A C   1 
ATOM   729  O  O   . ARG A 1 89  ? -6.655  -12.661 8.270   1.00 20.65 ? 88  ARG A O   1 
ATOM   730  C  CB  . ARG A 1 89  ? -3.534  -11.661 7.632   1.00 19.62 ? 88  ARG A CB  1 
ATOM   731  C  CG  . ARG A 1 89  ? -2.465  -10.605 7.686   1.00 18.81 ? 88  ARG A CG  1 
ATOM   732  C  CD  . ARG A 1 89  ? -1.081  -11.191 7.826   1.00 19.07 ? 88  ARG A CD  1 
ATOM   733  N  NE  . ARG A 1 89  ? -0.167  -10.092 8.105   1.00 20.05 ? 88  ARG A NE  1 
ATOM   734  C  CZ  . ARG A 1 89  ? 1.057   -10.223 8.596   1.00 21.81 ? 88  ARG A CZ  1 
ATOM   735  N  NH1 . ARG A 1 89  ? 1.581   -11.409 8.866   1.00 21.69 ? 88  ARG A NH1 1 
ATOM   736  N  NH2 . ARG A 1 89  ? 1.764   -9.116  8.819   1.00 20.88 ? 88  ARG A NH2 1 
ATOM   737  N  N   . SER A 1 90  ? -6.114  -12.353 6.085   1.00 20.23 ? 89  SER A N   1 
ATOM   738  C  CA  . SER A 1 90  ? -6.961  -13.418 5.530   1.00 20.67 ? 89  SER A CA  1 
ATOM   739  C  C   . SER A 1 90  ? -8.452  -13.131 5.707   1.00 20.77 ? 89  SER A C   1 
ATOM   740  O  O   . SER A 1 90  ? -9.257  -14.073 5.748   1.00 22.00 ? 89  SER A O   1 
ATOM   741  C  CB  . SER A 1 90  ? -6.612  -14.779 6.136   1.00 20.94 ? 89  SER A CB  1 
ATOM   742  O  OG  . SER A 1 90  ? -5.237  -15.061 6.003   1.00 24.21 ? 89  SER A OG  1 
ATOM   743  N  N   . HIS A 1 91  ? -8.805  -11.849 5.811   1.00 20.94 ? 90  HIS A N   1 
ATOM   744  C  CA  . HIS A 1 91  ? -10.203 -11.407 5.961   1.00 21.24 ? 90  HIS A CA  1 
ATOM   745  C  C   . HIS A 1 91  ? -10.603 -10.365 4.927   1.00 22.27 ? 90  HIS A C   1 
ATOM   746  O  O   . HIS A 1 91  ? -11.595 -9.659  5.103   1.00 25.39 ? 90  HIS A O   1 
ATOM   747  C  CB  . HIS A 1 91  ? -10.439 -10.824 7.356   1.00 23.82 ? 90  HIS A CB  1 
ATOM   748  C  CG  . HIS A 1 91  ? -10.424 -11.849 8.434   1.00 27.35 ? 90  HIS A CG  1 
ATOM   749  N  ND1 . HIS A 1 91  ? -9.383  -11.973 9.327   1.00 32.22 ? 90  HIS A ND1 1 
ATOM   750  C  CD2 . HIS A 1 91  ? -11.310 -12.823 8.744   1.00 34.53 ? 90  HIS A CD2 1 
ATOM   751  C  CE1 . HIS A 1 91  ? -9.634  -12.977 10.149  1.00 32.19 ? 90  HIS A CE1 1 
ATOM   752  N  NE2 . HIS A 1 91  ? -10.794 -13.512 9.814   1.00 35.78 ? 90  HIS A NE2 1 
ATOM   753  N  N   . GLY A 1 92  ? -9.813  -10.248 3.867   1.00 20.80 ? 91  GLY A N   1 
ATOM   754  C  CA  . GLY A 1 92  ? -10.137 -9.373  2.745   1.00 20.81 ? 91  GLY A CA  1 
ATOM   755  C  C   . GLY A 1 92  ? -9.682  -7.934  2.866   1.00 21.97 ? 91  GLY A C   1 
ATOM   756  O  O   . GLY A 1 92  ? -9.951  -7.133  1.993   1.00 21.91 ? 91  GLY A O   1 
ATOM   757  N  N   . ILE A 1 93  ? -8.997  -7.584  3.951   1.00 21.42 ? 92  ILE A N   1 
ATOM   758  C  CA  . ILE A 1 93  ? -8.546  -6.197  4.139   1.00 21.34 ? 92  ILE A CA  1 
ATOM   759  C  C   . ILE A 1 93  ? -7.504  -5.779  3.084   1.00 21.47 ? 92  ILE A C   1 
ATOM   760  O  O   . ILE A 1 93  ? -7.616  -4.708  2.478   1.00 22.20 ? 92  ILE A O   1 
ATOM   761  C  CB  . ILE A 1 93  ? -8.000  -5.998  5.573   1.00 22.27 ? 92  ILE A CB  1 
ATOM   762  C  CG1 . ILE A 1 93  ? -9.127  -6.227  6.603   1.00 24.36 ? 92  ILE A CG1 1 
ATOM   763  C  CG2 . ILE A 1 93  ? -7.399  -4.607  5.733   1.00 24.08 ? 92  ILE A CG2 1 
ATOM   764  C  CD1 . ILE A 1 93  ? -8.631  -6.304  8.030   1.00 23.68 ? 92  ILE A CD1 1 
ATOM   765  N  N   . GLY A 1 94  ? -6.476  -6.598  2.893   1.00 21.56 ? 93  GLY A N   1 
ATOM   766  C  CA  . GLY A 1 94  ? -5.445  -6.268  1.920   1.00 20.53 ? 93  GLY A CA  1 
ATOM   767  C  C   . GLY A 1 94  ? -6.054  -6.079  0.537   1.00 19.69 ? 93  GLY A C   1 
ATOM   768  O  O   . GLY A 1 94  ? -5.677  -5.155  -0.208  1.00 21.47 ? 93  GLY A O   1 
ATOM   769  N  N   . THR A 1 95  ? -6.965  -6.962  0.160   1.00 19.36 ? 94  THR A N   1 
ATOM   770  C  CA  . THR A 1 95  ? -7.635  -6.821  -1.122  1.00 21.20 ? 94  THR A CA  1 
ATOM   771  C  C   . THR A 1 95  ? -8.368  -5.493  -1.233  1.00 21.27 ? 94  THR A C   1 
ATOM   772  O  O   . THR A 1 95  ? -8.217  -4.802  -2.233  1.00 21.71 ? 94  THR A O   1 
ATOM   773  C  CB  . THR A 1 95  ? -8.568  -8.001  -1.394  1.00 20.57 ? 94  THR A CB  1 
ATOM   774  O  OG1 . THR A 1 95  ? -7.790  -9.200  -1.412  1.00 21.62 ? 94  THR A OG1 1 
ATOM   775  C  CG2 . THR A 1 95  ? -9.264  -7.839  -2.726  1.00 23.50 ? 94  THR A CG2 1 
ATOM   776  N  N   . ALA A 1 96  ? -9.138  -5.119  -0.212  1.00 20.61 ? 95  ALA A N   1 
ATOM   777  C  CA  . ALA A 1 96  ? -9.896  -3.873  -0.267  1.00 21.51 ? 95  ALA A CA  1 
ATOM   778  C  C   . ALA A 1 96  ? -8.961  -2.672  -0.344  1.00 22.42 ? 95  ALA A C   1 
ATOM   779  O  O   . ALA A 1 96  ? -9.207  -1.727  -1.084  1.00 23.66 ? 95  ALA A O   1 
ATOM   780  C  CB  . ALA A 1 96  ? -10.787 -3.738  0.946   1.00 22.83 ? 95  ALA A CB  1 
ATOM   781  N  N   . LEU A 1 97  ? -7.874  -2.727  0.414   1.00 21.66 ? 96  LEU A N   1 
ATOM   782  C  CA  . LEU A 1 97  ? -6.879  -1.669  0.393   1.00 21.95 ? 96  LEU A CA  1 
ATOM   783  C  C   . LEU A 1 97  ? -6.236  -1.517  -0.999  1.00 21.56 ? 96  LEU A C   1 
ATOM   784  O  O   . LEU A 1 97  ? -6.178  -0.414  -1.546  1.00 22.96 ? 96  LEU A O   1 
ATOM   785  C  CB  . LEU A 1 97  ? -5.833  -1.979  1.452   1.00 23.22 ? 96  LEU A CB  1 
ATOM   786  C  CG  . LEU A 1 97  ? -4.645  -1.060  1.623   1.00 25.93 ? 96  LEU A CG  1 
ATOM   787  C  CD1 . LEU A 1 97  ? -5.058  0.358   2.021   1.00 28.78 ? 96  LEU A CD1 1 
ATOM   788  C  CD2 . LEU A 1 97  ? -3.699  -1.656  2.673   1.00 27.89 ? 96  LEU A CD2 1 
ATOM   789  N  N   . LEU A 1 98  ? -5.754  -2.621  -1.570  1.00 20.24 ? 97  LEU A N   1 
ATOM   790  C  CA  . LEU A 1 98  ? -5.133  -2.562  -2.889  1.00 21.42 ? 97  LEU A CA  1 
ATOM   791  C  C   . LEU A 1 98  ? -6.107  -2.133  -3.962  1.00 20.39 ? 97  LEU A C   1 
ATOM   792  O  O   . LEU A 1 98  ? -5.748  -1.371  -4.850  1.00 21.25 ? 97  LEU A O   1 
ATOM   793  C  CB  . LEU A 1 98  ? -4.496  -3.887  -3.256  1.00 21.51 ? 97  LEU A CB  1 
ATOM   794  C  CG  . LEU A 1 98  ? -2.990  -3.989  -2.978  1.00 21.86 ? 97  LEU A CG  1 
ATOM   795  C  CD1 . LEU A 1 98  ? -2.202  -3.078  -3.947  1.00 25.03 ? 97  LEU A CD1 1 
ATOM   796  C  CD2 . LEU A 1 98  ? -2.657  -3.622  -1.548  1.00 22.91 ? 97  LEU A CD2 1 
ATOM   797  N  N   . GLU A 1 99  ? -7.341  -2.608  -3.900  1.00 21.42 ? 98  GLU A N   1 
ATOM   798  C  CA  . GLU A 1 99  ? -8.342  -2.224  -4.918  1.00 20.94 ? 98  GLU A CA  1 
ATOM   799  C  C   . GLU A 1 99  ? -8.594  -0.715  -4.900  1.00 21.40 ? 98  GLU A C   1 
ATOM   800  O  O   . GLU A 1 99  ? -8.705  -0.097  -5.954  1.00 22.59 ? 98  GLU A O   1 
ATOM   801  C  CB  . GLU A 1 99  ? -9.644  -3.029  -4.779  1.00 23.18 ? 98  GLU A CB  1 
ATOM   802  C  CG  . GLU A 1 99  ? -9.450  -4.472  -5.212  1.00 25.24 ? 98  GLU A CG  1 
ATOM   803  C  CD  . GLU A 1 99  ? -10.698 -5.319  -5.131  1.00 32.01 ? 98  GLU A CD  1 
ATOM   804  O  OE1 . GLU A 1 99  ? -11.690 -4.900  -4.488  1.00 38.00 ? 98  GLU A OE1 1 
ATOM   805  O  OE2 . GLU A 1 99  ? -10.664 -6.430  -5.707  1.00 39.06 ? 98  GLU A OE2 1 
ATOM   806  N  N   . LYS A 1 100 ? -8.620  -0.126  -3.710  1.00 21.05 ? 99  LYS A N   1 
ATOM   807  C  CA  . LYS A 1 100 ? -8.775  1.317   -3.575  1.00 21.19 ? 99  LYS A CA  1 
ATOM   808  C  C   . LYS A 1 100 ? -7.550  2.062   -4.116  1.00 19.97 ? 99  LYS A C   1 
ATOM   809  O  O   . LYS A 1 100 ? -7.679  3.017   -4.894  1.00 22.20 ? 99  LYS A O   1 
ATOM   810  C  CB  . LYS A 1 100 ? -9.035  1.698   -2.114  1.00 23.98 ? 99  LYS A CB  1 
ATOM   811  C  CG  . LYS A 1 100 ? -9.408  3.155   -1.921  1.00 25.48 ? 99  LYS A CG  1 
ATOM   812  C  CD  . LYS A 1 100 ? -9.827  3.430   -0.487  1.00 26.79 ? 99  LYS A CD  1 
ATOM   813  C  CE  . LYS A 1 100 ? -10.218 4.879   -0.286  1.00 28.27 ? 99  LYS A CE  1 
ATOM   814  N  NZ  . LYS A 1 100 ? -11.654 5.135   -0.662  1.00 33.64 ? 99  LYS A NZ  1 
ATOM   815  N  N   . ILE A 1 101 ? -6.372  1.597   -3.709  1.00 21.39 ? 100 ILE A N   1 
ATOM   816  C  CA  . ILE A 1 101 ? -5.116  2.175   -4.172  1.00 21.04 ? 100 ILE A CA  1 
ATOM   817  C  C   . ILE A 1 101 ? -5.015  2.137   -5.692  1.00 21.13 ? 100 ILE A C   1 
ATOM   818  O  O   . ILE A 1 101 ? -4.676  3.134   -6.338  1.00 21.74 ? 100 ILE A O   1 
ATOM   819  C  CB  . ILE A 1 101 ? -3.919  1.419   -3.556  1.00 21.06 ? 100 ILE A CB  1 
ATOM   820  C  CG1 . ILE A 1 101 ? -3.807  1.738   -2.056  1.00 22.39 ? 100 ILE A CG1 1 
ATOM   821  C  CG2 . ILE A 1 101 ? -2.618  1.796   -4.273  1.00 23.76 ? 100 ILE A CG2 1 
ATOM   822  C  CD1 . ILE A 1 101 ? -2.843  0.843   -1.291  1.00 22.21 ? 100 ILE A CD1 1 
HETATM 823  N  N   . MSE A 1 102 ? -5.298  0.982   -6.278  1.00 21.12 ? 101 MSE A N   1 
HETATM 824  C  CA  . MSE A 1 102 ? -5.126  0.787   -7.723  1.00 20.17 ? 101 MSE A CA  1 
HETATM 825  C  C   . MSE A 1 102 ? -6.071  1.706   -8.488  1.00 19.86 ? 101 MSE A C   1 
HETATM 826  O  O   . MSE A 1 102 ? -5.685  2.386   -9.438  1.00 20.24 ? 101 MSE A O   1 
HETATM 827  C  CB  . MSE A 1 102 ? -5.352  -0.679  -8.088  1.00 19.75 ? 101 MSE A CB  1 
HETATM 828  C  CG  . MSE A 1 102 ? -4.290  -1.546  -7.482  1.00 22.16 ? 101 MSE A CG  1 
HETATM 829  SE SE  . MSE A 1 102 ? -4.780  -3.415  -7.479  0.75 28.44 ? 101 MSE A SE  1 
HETATM 830  C  CE  . MSE A 1 102 ? -4.493  -3.597  -9.152  1.00 23.07 ? 101 MSE A CE  1 
ATOM   831  N  N   . SER A 1 103 ? -7.324  1.704   -8.078  1.00 20.49 ? 102 SER A N   1 
ATOM   832  C  CA  . SER A 1 103 ? -8.317  2.492   -8.777  1.00 19.08 ? 102 SER A CA  1 
ATOM   833  C  C   . SER A 1 103 ? -7.976  3.991   -8.749  1.00 20.32 ? 102 SER A C   1 
ATOM   834  O  O   . SER A 1 103 ? -8.097  4.688   -9.774  1.00 21.75 ? 102 SER A O   1 
ATOM   835  C  CB  . SER A 1 103 ? -9.699  2.191   -8.205  1.00 20.17 ? 102 SER A CB  1 
ATOM   836  O  OG  . SER A 1 103 ? -10.696 2.906   -8.891  1.00 22.18 ? 102 SER A OG  1 
ATOM   837  N  N   . GLU A 1 104 ? -7.513  4.480   -7.608  1.00 20.23 ? 103 GLU A N   1 
ATOM   838  C  CA  . GLU A 1 104 ? -7.172  5.887   -7.515  1.00 20.26 ? 103 GLU A CA  1 
ATOM   839  C  C   . GLU A 1 104 ? -5.859  6.196   -8.233  1.00 19.43 ? 103 GLU A C   1 
ATOM   840  O  O   . GLU A 1 104 ? -5.772  7.191   -8.945  1.00 19.91 ? 103 GLU A O   1 
ATOM   841  C  CB  . GLU A 1 104 ? -7.084  6.337   -6.062  1.00 21.87 ? 103 GLU A CB  1 
ATOM   842  C  CG  . GLU A 1 104 ? -6.808  7.819   -5.904  1.00 22.98 ? 103 GLU A CG  1 
ATOM   843  C  CD  . GLU A 1 104 ? -6.861  8.273   -4.476  1.00 23.47 ? 103 GLU A CD  1 
ATOM   844  O  OE1 . GLU A 1 104 ? -7.935  8.119   -3.850  1.00 24.36 ? 103 GLU A OE1 1 
ATOM   845  O  OE2 . GLU A 1 104 ? -5.833  8.785   -3.984  1.00 24.31 ? 103 GLU A OE2 1 
ATOM   846  N  N   . ALA A 1 105 ? -4.836  5.369   -8.040  1.00 19.98 ? 104 ALA A N   1 
ATOM   847  C  CA  . ALA A 1 105 ? -3.533  5.667   -8.578  1.00 19.47 ? 104 ALA A CA  1 
ATOM   848  C  C   . ALA A 1 105 ? -3.527  5.672   -10.089 1.00 17.94 ? 104 ALA A C   1 
ATOM   849  O  O   . ALA A 1 105 ? -2.770  6.418   -10.709 1.00 18.83 ? 104 ALA A O   1 
ATOM   850  C  CB  . ALA A 1 105 ? -2.501  4.677   -8.046  1.00 20.25 ? 104 ALA A CB  1 
ATOM   851  N  N   . PHE A 1 106 ? -4.360  4.831   -10.687 1.00 18.99 ? 105 PHE A N   1 
ATOM   852  C  CA  . PHE A 1 106 ? -4.449  4.789   -12.153 1.00 18.44 ? 105 PHE A CA  1 
ATOM   853  C  C   . PHE A 1 106 ? -5.115  6.031   -12.764 1.00 18.61 ? 105 PHE A C   1 
ATOM   854  O  O   . PHE A 1 106 ? -5.165  6.163   -13.978 1.00 19.94 ? 105 PHE A O   1 
ATOM   855  C  CB  . PHE A 1 106 ? -5.129  3.490   -12.639 1.00 18.69 ? 105 PHE A CB  1 
ATOM   856  C  CG  . PHE A 1 106 ? -4.190  2.307   -12.731 1.00 17.90 ? 105 PHE A CG  1 
ATOM   857  C  CD1 . PHE A 1 106 ? -2.990  2.393   -13.442 1.00 20.09 ? 105 PHE A CD1 1 
ATOM   858  C  CD2 . PHE A 1 106 ? -4.494  1.100   -12.115 1.00 21.22 ? 105 PHE A CD2 1 
ATOM   859  C  CE1 . PHE A 1 106 ? -2.137  1.308   -13.542 1.00 19.50 ? 105 PHE A CE1 1 
ATOM   860  C  CE2 . PHE A 1 106 ? -3.634  0.011   -12.226 1.00 19.80 ? 105 PHE A CE2 1 
ATOM   861  C  CZ  . PHE A 1 106 ? -2.452  0.123   -12.918 1.00 20.13 ? 105 PHE A CZ  1 
ATOM   862  N  N   . LEU A 1 107 ? -5.615  6.948   -11.936 1.00 18.98 ? 106 LEU A N   1 
ATOM   863  C  CA  . LEU A 1 107 ? -6.062  8.248   -12.441 1.00 19.62 ? 106 LEU A CA  1 
ATOM   864  C  C   . LEU A 1 107 ? -4.879  9.148   -12.763 1.00 18.63 ? 106 LEU A C   1 
ATOM   865  O  O   . LEU A 1 107 ? -5.023  10.086  -13.544 1.00 19.82 ? 106 LEU A O   1 
ATOM   866  C  CB  . LEU A 1 107 ? -6.959  8.963   -11.427 1.00 19.88 ? 106 LEU A CB  1 
ATOM   867  C  CG  . LEU A 1 107 ? -8.282  8.280   -11.124 1.00 21.75 ? 106 LEU A CG  1 
ATOM   868  C  CD1 . LEU A 1 107 ? -8.942  8.947   -9.919  1.00 21.49 ? 106 LEU A CD1 1 
ATOM   869  C  CD2 . LEU A 1 107 ? -9.217  8.291   -12.330 1.00 20.36 ? 106 LEU A CD2 1 
ATOM   870  N  N   . THR A 1 108 ? -3.731  8.850   -12.160 1.00 19.48 ? 107 THR A N   1 
ATOM   871  C  CA  . THR A 1 108 ? -2.514  9.650   -12.311 1.00 20.28 ? 107 THR A CA  1 
ATOM   872  C  C   . THR A 1 108 ? -1.423  8.945   -13.110 1.00 19.41 ? 107 THR A C   1 
ATOM   873  O  O   . THR A 1 108 ? -0.725  9.611   -13.863 1.00 20.13 ? 107 THR A O   1 
ATOM   874  C  CB  . THR A 1 108 ? -1.963  10.040  -10.930 1.00 21.87 ? 107 THR A CB  1 
ATOM   875  O  OG1 . THR A 1 108 ? -2.943  10.826  -10.258 1.00 20.79 ? 107 THR A OG1 1 
ATOM   876  C  CG2 . THR A 1 108 ? -0.718  10.869  -11.053 1.00 22.91 ? 107 THR A CG2 1 
ATOM   877  N  N   . TYR A 1 109 ? -1.313  7.617   -12.976 1.00 19.53 ? 108 TYR A N   1 
ATOM   878  C  CA  . TYR A 1 109 ? -0.192  6.833   -13.504 1.00 18.80 ? 108 TYR A CA  1 
ATOM   879  C  C   . TYR A 1 109 ? -0.672  5.807   -14.527 1.00 19.20 ? 108 TYR A C   1 
ATOM   880  O  O   . TYR A 1 109 ? -1.789  5.305   -14.445 1.00 20.81 ? 108 TYR A O   1 
ATOM   881  C  CB  . TYR A 1 109 ? 0.585   6.134   -12.373 1.00 19.77 ? 108 TYR A CB  1 
ATOM   882  C  CG  . TYR A 1 109 ? 1.098   7.124   -11.341 1.00 19.79 ? 108 TYR A CG  1 
ATOM   883  C  CD1 . TYR A 1 109 ? 2.178   7.949   -11.620 1.00 19.60 ? 108 TYR A CD1 1 
ATOM   884  C  CD2 . TYR A 1 109 ? 0.498   7.233   -10.102 1.00 19.72 ? 108 TYR A CD2 1 
ATOM   885  C  CE1 . TYR A 1 109 ? 2.662   8.855   -10.674 1.00 18.37 ? 108 TYR A CE1 1 
ATOM   886  C  CE2 . TYR A 1 109 ? 0.950   8.152   -9.147  1.00 19.03 ? 108 TYR A CE2 1 
ATOM   887  C  CZ  . TYR A 1 109 ? 2.028   8.970   -9.454  1.00 20.75 ? 108 TYR A CZ  1 
ATOM   888  O  OH  . TYR A 1 109 ? 2.473   9.909   -8.544  1.00 20.73 ? 108 TYR A OH  1 
ATOM   889  N  N   . ASP A 1 110 ? 0.175   5.549   -15.515 1.00 18.61 ? 109 ASP A N   1 
ATOM   890  C  CA  . ASP A 1 110 ? -0.123  4.577   -16.559 1.00 20.02 ? 109 ASP A CA  1 
ATOM   891  C  C   . ASP A 1 110 ? 0.429   3.197   -16.220 1.00 19.89 ? 109 ASP A C   1 
ATOM   892  O  O   . ASP A 1 110 ? 0.126   2.220   -16.912 1.00 21.45 ? 109 ASP A O   1 
ATOM   893  C  CB  . ASP A 1 110 ? 0.441   5.054   -17.897 1.00 19.75 ? 109 ASP A CB  1 
ATOM   894  C  CG  . ASP A 1 110 ? -0.282  6.262   -18.400 1.00 25.45 ? 109 ASP A CG  1 
ATOM   895  O  OD1 . ASP A 1 110 ? -1.509  6.172   -18.544 1.00 30.42 ? 109 ASP A OD1 1 
ATOM   896  O  OD2 . ASP A 1 110 ? 0.343   7.311   -18.608 1.00 30.71 ? 109 ASP A OD2 1 
ATOM   897  N  N   . ARG A 1 111 ? 1.223   3.125   -15.155 1.00 20.32 ? 110 ARG A N   1 
ATOM   898  C  CA  . ARG A 1 111 ? 1.806   1.880   -14.697 1.00 19.98 ? 110 ARG A CA  1 
ATOM   899  C  C   . ARG A 1 111 ? 1.989   1.953   -13.201 1.00 19.58 ? 110 ARG A C   1 
ATOM   900  O  O   . ARG A 1 111 ? 2.328   3.016   -12.692 1.00 19.39 ? 110 ARG A O   1 
ATOM   901  C  CB  . ARG A 1 111 ? 3.169   1.681   -15.346 1.00 21.53 ? 110 ARG A CB  1 
ATOM   902  C  CG  . ARG A 1 111 ? 3.879   0.406   -14.928 1.00 20.71 ? 110 ARG A CG  1 
ATOM   903  C  CD  . ARG A 1 111 ? 5.154   0.177   -15.747 1.00 23.06 ? 110 ARG A CD  1 
ATOM   904  N  NE  . ARG A 1 111 ? 4.856   -0.235  -17.115 1.00 29.15 ? 110 ARG A NE  1 
ATOM   905  C  CZ  . ARG A 1 111 ? 5.192   0.441   -18.216 1.00 39.48 ? 110 ARG A CZ  1 
ATOM   906  N  NH1 . ARG A 1 111 ? 5.878   1.581   -18.155 1.00 44.19 ? 110 ARG A NH1 1 
ATOM   907  N  NH2 . ARG A 1 111 ? 4.857   -0.050  -19.409 1.00 42.07 ? 110 ARG A NH2 1 
ATOM   908  N  N   . LEU A 1 112 ? 1.743   0.853   -12.490 1.00 18.87 ? 111 LEU A N   1 
ATOM   909  C  CA  . LEU A 1 112 ? 2.042   0.765   -11.052 1.00 19.56 ? 111 LEU A CA  1 
ATOM   910  C  C   . LEU A 1 112 ? 3.019   -0.353  -10.788 1.00 19.52 ? 111 LEU A C   1 
ATOM   911  O  O   . LEU A 1 112 ? 2.914   -1.428  -11.379 1.00 20.65 ? 111 LEU A O   1 
ATOM   912  C  CB  . LEU A 1 112 ? 0.785   0.512   -10.226 1.00 19.57 ? 111 LEU A CB  1 
ATOM   913  C  CG  . LEU A 1 112 ? -0.290  1.590   -10.344 1.00 19.67 ? 111 LEU A CG  1 
ATOM   914  C  CD1 . LEU A 1 112 ? -1.511  1.175   -9.549  1.00 21.89 ? 111 LEU A CD1 1 
ATOM   915  C  CD2 . LEU A 1 112 ? 0.206   2.962   -9.871  1.00 21.44 ? 111 LEU A CD2 1 
ATOM   916  N  N   . VAL A 1 113 ? 3.980   -0.069  -9.909  1.00 19.44 ? 112 VAL A N   1 
ATOM   917  C  CA  . VAL A 1 113 ? 5.010   -1.027  -9.557  1.00 19.30 ? 112 VAL A CA  1 
ATOM   918  C  C   . VAL A 1 113 ? 5.132   -1.135  -8.053  1.00 20.84 ? 112 VAL A C   1 
ATOM   919  O  O   . VAL A 1 113 ? 4.709   -0.253  -7.328  1.00 20.30 ? 112 VAL A O   1 
ATOM   920  C  CB  . VAL A 1 113 ? 6.373   -0.648  -10.160 1.00 20.60 ? 112 VAL A CB  1 
ATOM   921  C  CG1 . VAL A 1 113 ? 6.244   -0.499  -11.679 1.00 22.18 ? 112 VAL A CG1 1 
ATOM   922  C  CG2 . VAL A 1 113 ? 6.954   0.615   -9.541  1.00 22.49 ? 112 VAL A CG2 1 
ATOM   923  N  N   . LEU A 1 114 ? 5.738   -2.220  -7.595  1.00 20.01 ? 113 LEU A N   1 
ATOM   924  C  CA  . LEU A 1 114 ? 5.955   -2.421  -6.156  1.00 19.86 ? 113 LEU A CA  1 
ATOM   925  C  C   . LEU A 1 114 ? 7.061   -3.445  -5.950  1.00 19.83 ? 113 LEU A C   1 
ATOM   926  O  O   . LEU A 1 114 ? 7.425   -4.187  -6.866  1.00 20.00 ? 113 LEU A O   1 
ATOM   927  C  CB  . LEU A 1 114 ? 4.666   -2.844  -5.439  1.00 20.66 ? 113 LEU A CB  1 
ATOM   928  C  CG  . LEU A 1 114 ? 4.031   -4.165  -5.900  1.00 21.42 ? 113 LEU A CG  1 
ATOM   929  C  CD1 . LEU A 1 114 ? 4.536   -5.358  -5.092  1.00 24.30 ? 113 LEU A CD1 1 
ATOM   930  C  CD2 . LEU A 1 114 ? 2.508   -4.083  -5.832  1.00 23.17 ? 113 LEU A CD2 1 
ATOM   931  N  N   . TYR A 1 115 ? 7.562   -3.466  -4.714  1.00 20.70 ? 114 TYR A N   1 
ATOM   932  C  CA  . TYR A 1 115 ? 8.558   -4.443  -4.293  1.00 21.17 ? 114 TYR A CA  1 
ATOM   933  C  C   . TYR A 1 115 ? 7.999   -5.247  -3.135  1.00 22.63 ? 114 TYR A C   1 
ATOM   934  O  O   . TYR A 1 115 ? 7.807   -4.711  -2.051  1.00 24.20 ? 114 TYR A O   1 
ATOM   935  C  CB  . TYR A 1 115 ? 9.845   -3.739  -3.887  1.00 23.18 ? 114 TYR A CB  1 
ATOM   936  C  CG  . TYR A 1 115 ? 10.972  -4.699  -3.589  1.00 26.79 ? 114 TYR A CG  1 
ATOM   937  C  CD1 . TYR A 1 115 ? 11.121  -5.250  -2.331  1.00 31.25 ? 114 TYR A CD1 1 
ATOM   938  C  CD2 . TYR A 1 115 ? 11.871  -5.056  -4.577  1.00 25.13 ? 114 TYR A CD2 1 
ATOM   939  C  CE1 . TYR A 1 115 ? 12.149  -6.136  -2.056  1.00 31.35 ? 114 TYR A CE1 1 
ATOM   940  C  CE2 . TYR A 1 115 ? 12.913  -5.940  -4.311  1.00 29.25 ? 114 TYR A CE2 1 
ATOM   941  C  CZ  . TYR A 1 115 ? 13.034  -6.476  -3.045  1.00 28.49 ? 114 TYR A CZ  1 
ATOM   942  O  OH  . TYR A 1 115 ? 14.062  -7.348  -2.773  1.00 32.22 ? 114 TYR A OH  1 
ATOM   943  N  N   . SER A 1 116 ? 7.729   -6.533  -3.368  1.00 25.21 ? 115 SER A N   1 
ATOM   944  C  CA  . SER A 1 116 ? 7.283   -7.432  -2.310  1.00 25.09 ? 115 SER A CA  1 
ATOM   945  C  C   . SER A 1 116 ? 7.984   -8.764  -2.441  1.00 28.65 ? 115 SER A C   1 
ATOM   946  O  O   . SER A 1 116 ? 7.769   -9.481  -3.416  1.00 28.28 ? 115 SER A O   1 
ATOM   947  C  CB  . SER A 1 116 ? 5.782   -7.658  -2.388  1.00 25.98 ? 115 SER A CB  1 
ATOM   948  O  OG  . SER A 1 116 ? 5.362   -8.504  -1.322  1.00 29.40 ? 115 SER A OG  1 
ATOM   949  N  N   . GLU A 1 117 ? 8.817   -9.091  -1.458  1.00 30.58 ? 116 GLU A N   1 
ATOM   950  C  CA  . GLU A 1 117 ? 9.497   -10.379 -1.436  1.00 33.65 ? 116 GLU A CA  1 
ATOM   951  C  C   . GLU A 1 117 ? 8.618   -11.498 -0.899  1.00 33.10 ? 116 GLU A C   1 
ATOM   952  O  O   . GLU A 1 117 ? 8.891   -12.669 -1.156  1.00 34.44 ? 116 GLU A O   1 
ATOM   953  C  CB  . GLU A 1 117 ? 10.772  -10.294 -0.593  1.00 34.67 ? 116 GLU A CB  1 
ATOM   954  C  CG  . GLU A 1 117 ? 11.880  -9.520  -1.276  1.00 38.38 ? 116 GLU A CG  1 
ATOM   955  C  CD  . GLU A 1 117 ? 13.032  -9.161  -0.345  1.00 39.24 ? 116 GLU A CD  1 
ATOM   956  O  OE1 . GLU A 1 117 ? 12.813  -9.011  0.883   1.00 50.45 ? 116 GLU A OE1 1 
ATOM   957  O  OE2 . GLU A 1 117 ? 14.160  -9.007  -0.857  1.00 42.80 ? 116 GLU A OE2 1 
ATOM   958  N  N   . GLN A 1 118 ? 7.572   -11.153 -0.161  1.00 32.74 ? 117 GLN A N   1 
ATOM   959  C  CA  . GLN A 1 118 ? 6.838   -12.156 0.616   1.00 35.63 ? 117 GLN A CA  1 
ATOM   960  C  C   . GLN A 1 118 ? 5.411   -12.423 0.142   1.00 35.38 ? 117 GLN A C   1 
ATOM   961  O  O   . GLN A 1 118 ? 4.813   -13.412 0.568   1.00 40.10 ? 117 GLN A O   1 
ATOM   962  C  CB  . GLN A 1 118 ? 6.812   -11.766 2.102   1.00 36.69 ? 117 GLN A CB  1 
ATOM   963  C  CG  . GLN A 1 118 ? 8.188   -11.535 2.726   1.00 39.43 ? 117 GLN A CG  1 
ATOM   964  N  N   . ALA A 1 119 ? 4.861   -11.599 -0.744  1.00 30.82 ? 118 ALA A N   1 
ATOM   965  C  CA  . ALA A 1 119 ? 3.443   -11.737 -1.060  1.00 31.15 ? 118 ALA A CA  1 
ATOM   966  C  C   . ALA A 1 119 ? 3.133   -11.835 -2.556  1.00 29.49 ? 118 ALA A C   1 
ATOM   967  O  O   . ALA A 1 119 ? 2.219   -11.178 -3.057  1.00 29.33 ? 118 ALA A O   1 
ATOM   968  C  CB  . ALA A 1 119 ? 2.676   -10.599 -0.421  1.00 30.81 ? 118 ALA A CB  1 
ATOM   969  N  N   . ASP A 1 120 ? 3.866   -12.690 -3.266  1.00 26.70 ? 119 ASP A N   1 
ATOM   970  C  CA  . ASP A 1 120 ? 3.657   -12.843 -4.705  1.00 25.16 ? 119 ASP A CA  1 
ATOM   971  C  C   . ASP A 1 120 ? 2.236   -13.313 -5.066  1.00 24.48 ? 119 ASP A C   1 
ATOM   972  O  O   . ASP A 1 120 ? 1.605   -12.725 -5.943  1.00 24.48 ? 119 ASP A O   1 
ATOM   973  C  CB  . ASP A 1 120 ? 4.756   -13.756 -5.308  1.00 22.32 ? 119 ASP A CB  1 
ATOM   974  C  CG  . ASP A 1 120 ? 4.507   -14.123 -6.774  1.00 24.95 ? 119 ASP A CG  1 
ATOM   975  O  OD1 . ASP A 1 120 ? 4.402   -13.214 -7.629  1.00 23.83 ? 119 ASP A OD1 1 
ATOM   976  O  OD2 . ASP A 1 120 ? 4.407   -15.333 -7.067  1.00 28.53 ? 119 ASP A OD2 1 
ATOM   977  N  N   . PRO A 1 121 ? 1.730   -14.369 -4.410  1.00 26.43 ? 120 PRO A N   1 
ATOM   978  C  CA  . PRO A 1 121 ? 0.374   -14.847 -4.709  1.00 25.75 ? 120 PRO A CA  1 
ATOM   979  C  C   . PRO A 1 121 ? -0.707  -13.760 -4.579  1.00 23.60 ? 120 PRO A C   1 
ATOM   980  O  O   . PRO A 1 121 ? -1.576  -13.653 -5.452  1.00 25.15 ? 120 PRO A O   1 
ATOM   981  C  CB  . PRO A 1 121 ? 0.161   -15.933 -3.654  1.00 28.09 ? 120 PRO A CB  1 
ATOM   982  C  CG  . PRO A 1 121 ? 1.547   -16.443 -3.387  1.00 29.20 ? 120 PRO A CG  1 
ATOM   983  C  CD  . PRO A 1 121 ? 2.390   -15.218 -3.398  1.00 28.64 ? 120 PRO A CD  1 
ATOM   984  N  N   . PHE A 1 122 ? -0.626  -12.982 -3.505  1.00 25.99 ? 121 PHE A N   1 
ATOM   985  C  CA  . PHE A 1 122 ? -1.540  -11.857 -3.292  1.00 24.15 ? 121 PHE A CA  1 
ATOM   986  C  C   . PHE A 1 122 ? -1.515  -10.910 -4.490  1.00 23.60 ? 121 PHE A C   1 
ATOM   987  O  O   . PHE A 1 122 ? -2.563  -10.603 -5.075  1.00 24.05 ? 121 PHE A O   1 
ATOM   988  C  CB  . PHE A 1 122 ? -1.168  -11.114 -2.010  1.00 24.38 ? 121 PHE A CB  1 
ATOM   989  C  CG  . PHE A 1 122 ? -1.929  -9.824  -1.791  1.00 22.46 ? 121 PHE A CG  1 
ATOM   990  C  CD1 . PHE A 1 122 ? -3.311  -9.832  -1.676  1.00 23.85 ? 121 PHE A CD1 1 
ATOM   991  C  CD2 . PHE A 1 122 ? -1.259  -8.620  -1.670  1.00 23.72 ? 121 PHE A CD2 1 
ATOM   992  C  CE1 . PHE A 1 122 ? -4.011  -8.644  -1.466  1.00 23.48 ? 121 PHE A CE1 1 
ATOM   993  C  CE2 . PHE A 1 122 ? -1.954  -7.449  -1.432  1.00 23.24 ? 121 PHE A CE2 1 
ATOM   994  C  CZ  . PHE A 1 122 ? -3.339  -7.473  -1.340  1.00 22.92 ? 121 PHE A CZ  1 
ATOM   995  N  N   . TYR A 1 123 ? -0.320  -10.456 -4.866  1.00 22.87 ? 122 TYR A N   1 
ATOM   996  C  CA  . TYR A 1 123 ? -0.207  -9.470  -5.951  1.00 23.30 ? 122 TYR A CA  1 
ATOM   997  C  C   . TYR A 1 123 ? -0.568  -10.040 -7.320  1.00 23.74 ? 122 TYR A C   1 
ATOM   998  O  O   . TYR A 1 123 ? -1.200  -9.356  -8.126  1.00 23.54 ? 122 TYR A O   1 
ATOM   999  C  CB  . TYR A 1 123 ? 1.164   -8.773  -5.919  1.00 23.40 ? 122 TYR A CB  1 
ATOM   1000 C  CG  . TYR A 1 123 ? 1.278   -7.861  -4.714  1.00 25.73 ? 122 TYR A CG  1 
ATOM   1001 C  CD1 . TYR A 1 123 ? 0.479   -6.732  -4.622  1.00 22.96 ? 122 TYR A CD1 1 
ATOM   1002 C  CD2 . TYR A 1 123 ? 2.157   -8.130  -3.656  1.00 28.06 ? 122 TYR A CD2 1 
ATOM   1003 C  CE1 . TYR A 1 123 ? 0.546   -5.881  -3.547  1.00 24.68 ? 122 TYR A CE1 1 
ATOM   1004 C  CE2 . TYR A 1 123 ? 2.221   -7.272  -2.556  1.00 29.89 ? 122 TYR A CE2 1 
ATOM   1005 C  CZ  . TYR A 1 123 ? 1.401   -6.156  -2.507  1.00 27.37 ? 122 TYR A CZ  1 
ATOM   1006 O  OH  . TYR A 1 123 ? 1.411   -5.267  -1.443  1.00 31.36 ? 122 TYR A OH  1 
ATOM   1007 N  N   . GLN A 1 124 ? -0.208  -11.290 -7.583  1.00 23.22 ? 123 GLN A N   1 
ATOM   1008 C  CA  . GLN A 1 124 ? -0.631  -11.893 -8.840  1.00 24.40 ? 123 GLN A CA  1 
ATOM   1009 C  C   . GLN A 1 124 ? -2.140  -12.039 -8.913  1.00 23.91 ? 123 GLN A C   1 
ATOM   1010 O  O   . GLN A 1 124 ? -2.716  -11.835 -9.975  1.00 22.60 ? 123 GLN A O   1 
ATOM   1011 C  CB  . GLN A 1 124 ? 0.081   -13.214 -9.110  1.00 26.82 ? 123 GLN A CB  1 
ATOM   1012 C  CG  . GLN A 1 124 ? 1.571   -12.985 -9.386  1.00 28.77 ? 123 GLN A CG  1 
ATOM   1013 C  CD  . GLN A 1 124 ? 2.174   -14.005 -10.308 1.00 29.63 ? 123 GLN A CD  1 
ATOM   1014 O  OE1 . GLN A 1 124 ? 1.598   -14.341 -11.345 1.00 36.04 ? 123 GLN A OE1 1 
ATOM   1015 N  NE2 . GLN A 1 124 ? 3.360   -14.490 -9.953  1.00 29.38 ? 123 GLN A NE2 1 
ATOM   1016 N  N   . GLY A 1 125 ? -2.783  -12.340 -7.782  1.00 25.15 ? 124 GLY A N   1 
ATOM   1017 C  CA  . GLY A 1 125 ? -4.247  -12.445 -7.738  1.00 22.89 ? 124 GLY A CA  1 
ATOM   1018 C  C   . GLY A 1 125 ? -4.941  -11.139 -8.084  1.00 23.82 ? 124 GLY A C   1 
ATOM   1019 O  O   . GLY A 1 125 ? -6.067  -11.126 -8.579  1.00 26.23 ? 124 GLY A O   1 
ATOM   1020 N  N   . LEU A 1 126 ? -4.263  -10.031 -7.831  1.00 21.49 ? 125 LEU A N   1 
ATOM   1021 C  CA  . LEU A 1 126 ? -4.768  -8.714  -8.188  1.00 22.36 ? 125 LEU A CA  1 
ATOM   1022 C  C   . LEU A 1 126 ? -4.475  -8.298  -9.644  1.00 22.39 ? 125 LEU A C   1 
ATOM   1023 O  O   . LEU A 1 126 ? -4.919  -7.233  -10.092 1.00 23.76 ? 125 LEU A O   1 
ATOM   1024 C  CB  . LEU A 1 126 ? -4.174  -7.680  -7.254  1.00 21.76 ? 125 LEU A CB  1 
ATOM   1025 C  CG  . LEU A 1 126 ? -4.591  -7.762  -5.780  1.00 22.23 ? 125 LEU A CG  1 
ATOM   1026 C  CD1 . LEU A 1 126 ? -3.657  -6.899  -4.931  1.00 24.50 ? 125 LEU A CD1 1 
ATOM   1027 C  CD2 . LEU A 1 126 ? -6.053  -7.335  -5.595  1.00 27.61 ? 125 LEU A CD2 1 
ATOM   1028 N  N   . GLY A 1 127 ? -3.691  -9.106  -10.351 1.00 22.19 ? 126 GLY A N   1 
ATOM   1029 C  CA  . GLY A 1 127 ? -3.393  -8.860  -11.758 1.00 21.68 ? 126 GLY A CA  1 
ATOM   1030 C  C   . GLY A 1 127 ? -1.967  -8.428  -12.044 1.00 20.25 ? 126 GLY A C   1 
ATOM   1031 O  O   . GLY A 1 127 ? -1.599  -8.289  -13.210 1.00 22.12 ? 126 GLY A O   1 
ATOM   1032 N  N   . PHE A 1 128 ? -1.158  -8.216  -10.998 1.00 20.39 ? 127 PHE A N   1 
ATOM   1033 C  CA  . PHE A 1 128 ? 0.246   -7.818  -11.200 1.00 20.79 ? 127 PHE A CA  1 
ATOM   1034 C  C   . PHE A 1 128 ? 1.084   -8.930  -11.811 1.00 20.89 ? 127 PHE A C   1 
ATOM   1035 O  O   . PHE A 1 128 ? 0.882   -10.118 -11.547 1.00 22.80 ? 127 PHE A O   1 
ATOM   1036 C  CB  . PHE A 1 128 ? 0.931   -7.402  -9.900  1.00 20.78 ? 127 PHE A CB  1 
ATOM   1037 C  CG  . PHE A 1 128 ? 0.425   -6.108  -9.345  1.00 20.07 ? 127 PHE A CG  1 
ATOM   1038 C  CD1 . PHE A 1 128 ? -0.701  -6.083  -8.536  1.00 23.02 ? 127 PHE A CD1 1 
ATOM   1039 C  CD2 . PHE A 1 128 ? 1.059   -4.913  -9.637  1.00 21.98 ? 127 PHE A CD2 1 
ATOM   1040 C  CE1 . PHE A 1 128 ? -1.187  -4.882  -8.029  1.00 24.74 ? 127 PHE A CE1 1 
ATOM   1041 C  CE2 . PHE A 1 128 ? 0.576   -3.708  -9.131  1.00 23.82 ? 127 PHE A CE2 1 
ATOM   1042 C  CZ  . PHE A 1 128 ? -0.554  -3.701  -8.336  1.00 21.58 ? 127 PHE A CZ  1 
ATOM   1043 N  N   . GLN A 1 129 ? 2.038   -8.510  -12.632 1.00 20.29 ? 128 GLN A N   1 
ATOM   1044 C  CA  A GLN A 1 129 ? 2.991   -9.413  -13.257 0.50 20.16 ? 128 GLN A CA  1 
ATOM   1045 C  CA  B GLN A 1 129 ? 2.980   -9.415  -13.258 0.50 19.86 ? 128 GLN A CA  1 
ATOM   1046 C  C   . GLN A 1 129 ? 4.277   -9.432  -12.454 1.00 19.32 ? 128 GLN A C   1 
ATOM   1047 O  O   . GLN A 1 129 ? 4.824   -8.382  -12.118 1.00 20.12 ? 128 GLN A O   1 
ATOM   1048 C  CB  A GLN A 1 129 ? 3.305   -8.958  -14.682 0.50 20.56 ? 128 GLN A CB  1 
ATOM   1049 C  CB  B GLN A 1 129 ? 3.256   -8.964  -14.694 0.50 20.75 ? 128 GLN A CB  1 
ATOM   1050 C  CG  A GLN A 1 129 ? 4.238   -9.899  -15.460 0.50 21.39 ? 128 GLN A CG  1 
ATOM   1051 C  CG  B GLN A 1 129 ? 1.995   -8.832  -15.576 0.50 22.01 ? 128 GLN A CG  1 
ATOM   1052 C  CD  A GLN A 1 129 ? 4.618   -9.349  -16.827 0.50 22.36 ? 128 GLN A CD  1 
ATOM   1053 C  CD  B GLN A 1 129 ? 1.581   -10.115 -16.297 0.50 28.28 ? 128 GLN A CD  1 
ATOM   1054 O  OE1 A GLN A 1 129 ? 4.122   -8.297  -17.241 0.50 30.43 ? 128 GLN A OE1 1 
ATOM   1055 O  OE1 B GLN A 1 129 ? 0.566   -10.136 -16.992 0.50 32.27 ? 128 GLN A OE1 1 
ATOM   1056 N  NE2 A GLN A 1 129 ? 5.503   -10.053 -17.532 0.50 22.37 ? 128 GLN A NE2 1 
ATOM   1057 N  NE2 B GLN A 1 129 ? 2.362   -11.180 -16.139 0.50 32.61 ? 128 GLN A NE2 1 
ATOM   1058 N  N   . LEU A 1 130 ? 4.751   -10.629 -12.143 1.00 18.55 ? 129 LEU A N   1 
ATOM   1059 C  CA  . LEU A 1 130 ? 6.047   -10.810 -11.510 1.00 17.64 ? 129 LEU A CA  1 
ATOM   1060 C  C   . LEU A 1 130 ? 7.177   -10.472 -12.489 1.00 18.29 ? 129 LEU A C   1 
ATOM   1061 O  O   . LEU A 1 130 ? 7.203   -10.967 -13.625 1.00 19.97 ? 129 LEU A O   1 
ATOM   1062 C  CB  . LEU A 1 130 ? 6.163   -12.249 -11.016 1.00 19.53 ? 129 LEU A CB  1 
ATOM   1063 C  CG  . LEU A 1 130 ? 7.427   -12.643 -10.274 1.00 17.32 ? 129 LEU A CG  1 
ATOM   1064 C  CD1 . LEU A 1 130 ? 7.519   -11.955 -8.941  1.00 20.09 ? 129 LEU A CD1 1 
ATOM   1065 C  CD2 . LEU A 1 130 ? 7.463   -14.160 -10.088 1.00 18.68 ? 129 LEU A CD2 1 
ATOM   1066 N  N   . VAL A 1 131 ? 8.107   -9.638  -12.038 1.00 19.64 ? 130 VAL A N   1 
ATOM   1067 C  CA  . VAL A 1 131 ? 9.278   -9.269  -12.830 1.00 21.52 ? 130 VAL A CA  1 
ATOM   1068 C  C   . VAL A 1 131 ? 10.556  -9.453  -12.037 1.00 23.95 ? 130 VAL A C   1 
ATOM   1069 O  O   . VAL A 1 131 ? 10.535  -9.471  -10.805 1.00 23.00 ? 130 VAL A O   1 
ATOM   1070 C  CB  . VAL A 1 131 ? 9.187   -7.826  -13.373 1.00 21.83 ? 130 VAL A CB  1 
ATOM   1071 C  CG1 . VAL A 1 131 ? 8.053   -7.735  -14.384 1.00 28.33 ? 130 VAL A CG1 1 
ATOM   1072 C  CG2 . VAL A 1 131 ? 8.975   -6.819  -12.263 1.00 26.87 ? 130 VAL A CG2 1 
ATOM   1073 N  N   . SER A 1 132 ? 11.663  -9.618  -12.756 1.00 28.21 ? 131 SER A N   1 
ATOM   1074 C  CA  . SER A 1 132 ? 12.955  -9.790  -12.125 1.00 33.51 ? 131 SER A CA  1 
ATOM   1075 C  C   . SER A 1 132 ? 13.664  -8.455  -12.186 1.00 36.49 ? 131 SER A C   1 
ATOM   1076 O  O   . SER A 1 132 ? 14.284  -8.124  -13.203 1.00 37.07 ? 131 SER A O   1 
ATOM   1077 C  CB  . SER A 1 132 ? 13.775  -10.871 -12.825 1.00 33.62 ? 131 SER A CB  1 
ATOM   1078 O  OG  . SER A 1 132 ? 13.975  -10.550 -14.189 1.00 38.81 ? 131 SER A OG  1 
ATOM   1079 N  N   . GLY A 1 133 ? 13.534  -7.691  -11.100 1.00 39.77 ? 132 GLY A N   1 
ATOM   1080 C  CA  . GLY A 1 133 ? 14.175  -6.385  -10.955 1.00 40.52 ? 132 GLY A CA  1 
ATOM   1081 C  C   . GLY A 1 133 ? 14.826  -6.181  -9.590  1.00 39.62 ? 132 GLY A C   1 
ATOM   1082 O  O   . GLY A 1 133 ? 14.474  -6.820  -8.596  1.00 39.08 ? 132 GLY A O   1 
ATOM   1083 N  N   . GLU A 1 134 ? 15.792  -5.275  -9.563  1.00 38.33 ? 133 GLU A N   1 
ATOM   1084 C  CA  . GLU A 1 134 ? 16.519  -4.931  -8.351  1.00 37.15 ? 133 GLU A CA  1 
ATOM   1085 C  C   . GLU A 1 134 ? 15.640  -4.094  -7.436  1.00 35.47 ? 133 GLU A C   1 
ATOM   1086 O  O   . GLU A 1 134 ? 15.711  -4.212  -6.212  1.00 36.11 ? 133 GLU A O   1 
ATOM   1087 C  CB  . GLU A 1 134 ? 17.785  -4.154  -8.732  1.00 37.83 ? 133 GLU A CB  1 
ATOM   1088 C  CG  . GLU A 1 134 ? 18.381  -3.261  -7.645  1.00 37.90 ? 133 GLU A CG  1 
ATOM   1089 C  CD  . GLU A 1 134 ? 19.402  -2.285  -8.208  1.00 37.65 ? 133 GLU A CD  1 
ATOM   1090 O  OE1 . GLU A 1 134 ? 19.845  -2.472  -9.364  1.00 37.30 ? 133 GLU A OE1 1 
ATOM   1091 O  OE2 . GLU A 1 134 ? 19.736  -1.320  -7.500  1.00 35.86 ? 133 GLU A OE2 1 
ATOM   1092 N  N   . LYS A 1 135 ? 14.821  -3.244  -8.046  1.00 32.20 ? 134 LYS A N   1 
ATOM   1093 C  CA  . LYS A 1 135 ? 14.028  -2.272  -7.313  1.00 30.96 ? 134 LYS A CA  1 
ATOM   1094 C  C   . LYS A 1 135 ? 12.534  -2.587  -7.309  1.00 28.42 ? 134 LYS A C   1 
ATOM   1095 O  O   . LYS A 1 135 ? 11.778  -1.935  -6.580  1.00 30.78 ? 134 LYS A O   1 
ATOM   1096 C  CB  . LYS A 1 135 ? 14.227  -0.882  -7.918  1.00 32.67 ? 134 LYS A CB  1 
ATOM   1097 N  N   . ILE A 1 136 ? 12.114  -3.539  -8.150  1.00 25.84 ? 135 ILE A N   1 
ATOM   1098 C  CA  A ILE A 1 136 ? 10.697  -3.905  -8.220  0.50 25.81 ? 135 ILE A CA  1 
ATOM   1099 C  CA  B ILE A 1 136 ? 10.697  -3.875  -8.375  0.50 26.51 ? 135 ILE A CA  1 
ATOM   1100 C  C   . ILE A 1 136 ? 10.528  -5.396  -8.450  1.00 23.87 ? 135 ILE A C   1 
ATOM   1101 O  O   . ILE A 1 136 ? 11.360  -6.061  -9.062  1.00 24.73 ? 135 ILE A O   1 
ATOM   1102 C  CB  A ILE A 1 136 ? 9.901   -3.123  -9.308  0.50 25.55 ? 135 ILE A CB  1 
ATOM   1103 C  CB  B ILE A 1 136 ? 10.220  -3.280  -9.745  0.50 25.95 ? 135 ILE A CB  1 
ATOM   1104 C  CG1 A ILE A 1 136 ? 10.411  -3.427  -10.718 0.50 26.04 ? 135 ILE A CG1 1 
ATOM   1105 C  CG1 B ILE A 1 136 ? 10.322  -1.747  -9.759  0.50 28.16 ? 135 ILE A CG1 1 
ATOM   1106 C  CG2 A ILE A 1 136 ? 9.946   -1.624  -9.041  0.50 28.47 ? 135 ILE A CG2 1 
ATOM   1107 C  CG2 B ILE A 1 136 ? 8.799   -3.713  -10.089 0.50 25.67 ? 135 ILE A CG2 1 
ATOM   1108 C  CD1 A ILE A 1 136 ? 9.444   -2.998  -11.809 0.50 27.25 ? 135 ILE A CD1 1 
ATOM   1109 C  CD1 B ILE A 1 136 ? 9.571   -1.069  -8.633  0.50 32.99 ? 135 ILE A CD1 1 
ATOM   1110 N  N   . THR A 1 137 ? 9.440   -5.920  -7.890  1.00 22.32 ? 136 THR A N   1 
ATOM   1111 C  CA  . THR A 1 137 ? 9.081   -7.323  -8.055  1.00 21.66 ? 136 THR A CA  1 
ATOM   1112 C  C   . THR A 1 137 ? 7.801   -7.486  -8.882  1.00 20.55 ? 136 THR A C   1 
ATOM   1113 O  O   . THR A 1 137 ? 7.612   -8.530  -9.519  1.00 19.34 ? 136 THR A O   1 
ATOM   1114 C  CB  . THR A 1 137 ? 8.857   -8.037  -6.704  1.00 24.63 ? 136 THR A CB  1 
ATOM   1115 O  OG1 . THR A 1 137 ? 7.816   -7.389  -5.961  1.00 21.68 ? 136 THR A OG1 1 
ATOM   1116 C  CG2 . THR A 1 137 ? 10.149  -8.095  -5.877  1.00 23.38 ? 136 THR A CG2 1 
ATOM   1117 N  N   . HIS A 1 138 ? 6.932   -6.480  -8.895  1.00 19.89 ? 137 HIS A N   1 
ATOM   1118 C  CA  . HIS A 1 138 ? 5.620   -6.614  -9.542  1.00 19.99 ? 137 HIS A CA  1 
ATOM   1119 C  C   . HIS A 1 138 ? 5.235   -5.346  -10.277 1.00 21.07 ? 137 HIS A C   1 
ATOM   1120 O  O   . HIS A 1 138 ? 5.540   -4.249  -9.817  1.00 20.75 ? 137 HIS A O   1 
ATOM   1121 C  CB  . HIS A 1 138 ? 4.538   -6.952  -8.528  1.00 20.76 ? 137 HIS A CB  1 
ATOM   1122 C  CG  . HIS A 1 138 ? 4.662   -8.326  -7.953  1.00 20.38 ? 137 HIS A CG  1 
ATOM   1123 N  ND1 . HIS A 1 138 ? 5.474   -8.606  -6.873  1.00 21.04 ? 137 HIS A ND1 1 
ATOM   1124 C  CD2 . HIS A 1 138 ? 4.095   -9.503  -8.318  1.00 20.59 ? 137 HIS A CD2 1 
ATOM   1125 C  CE1 . HIS A 1 138 ? 5.385   -9.892  -6.586  1.00 22.05 ? 137 HIS A CE1 1 
ATOM   1126 N  NE2 . HIS A 1 138 ? 4.567   -10.462 -7.453  1.00 19.75 ? 137 HIS A NE2 1 
ATOM   1127 N  N   . THR A 1 139 ? 4.569   -5.508  -11.416 1.00 19.52 ? 138 THR A N   1 
ATOM   1128 C  CA  A THR A 1 139 ? 4.179   -4.380  -12.256 0.50 20.26 ? 138 THR A CA  1 
ATOM   1129 C  CA  B THR A 1 139 ? 4.159   -4.372  -12.234 0.50 20.74 ? 138 THR A CA  1 
ATOM   1130 C  C   . THR A 1 139 ? 2.788   -4.602  -12.858 1.00 20.94 ? 138 THR A C   1 
ATOM   1131 O  O   . THR A 1 139 ? 2.358   -5.740  -13.059 1.00 20.45 ? 138 THR A O   1 
ATOM   1132 C  CB  A THR A 1 139 ? 5.225   -4.152  -13.384 0.50 20.91 ? 138 THR A CB  1 
ATOM   1133 C  CB  B THR A 1 139 ? 5.165   -4.090  -13.370 0.50 21.70 ? 138 THR A CB  1 
ATOM   1134 O  OG1 A THR A 1 139 ? 4.943   -2.928  -14.080 0.50 19.71 ? 138 THR A OG1 1 
ATOM   1135 O  OG1 B THR A 1 139 ? 5.106   -5.136  -14.349 0.50 23.12 ? 138 THR A OG1 1 
ATOM   1136 C  CG2 A THR A 1 139 ? 5.247   -5.314  -14.379 0.50 21.76 ? 138 THR A CG2 1 
ATOM   1137 C  CG2 B THR A 1 139 ? 6.584   -3.971  -12.829 0.50 23.43 ? 138 THR A CG2 1 
ATOM   1138 N  N   . LEU A 1 140 ? 2.100   -3.513  -13.180 1.00 19.49 ? 139 LEU A N   1 
ATOM   1139 C  CA  . LEU A 1 140 ? 0.786   -3.608  -13.818 1.00 20.09 ? 139 LEU A CA  1 
ATOM   1140 C  C   . LEU A 1 140 ? 0.538   -2.369  -14.660 1.00 20.46 ? 139 LEU A C   1 
ATOM   1141 O  O   . LEU A 1 140 ? 0.628   -1.262  -14.136 1.00 20.37 ? 139 LEU A O   1 
ATOM   1142 C  CB  . LEU A 1 140 ? -0.307  -3.744  -12.757 1.00 21.50 ? 139 LEU A CB  1 
ATOM   1143 C  CG  . LEU A 1 140 ? -1.764  -3.765  -13.235 1.00 21.97 ? 139 LEU A CG  1 
ATOM   1144 C  CD1 . LEU A 1 140 ? -2.006  -4.966  -14.130 1.00 25.81 ? 139 LEU A CD1 1 
ATOM   1145 C  CD2 . LEU A 1 140 ? -2.715  -3.750  -12.034 1.00 23.16 ? 139 LEU A CD2 1 
ATOM   1146 N  N   . ASP A 1 141 ? 0.204   -2.558  -15.932 1.00 20.40 ? 140 ASP A N   1 
ATOM   1147 C  CA  . ASP A 1 141 ? -0.133  -1.444  -16.825 1.00 21.29 ? 140 ASP A CA  1 
ATOM   1148 C  C   . ASP A 1 141 ? -1.610  -1.076  -16.714 1.00 21.82 ? 140 ASP A C   1 
ATOM   1149 O  O   . ASP A 1 141 ? -2.456  -1.942  -16.528 1.00 21.84 ? 140 ASP A O   1 
ATOM   1150 C  CB  . ASP A 1 141 ? 0.154   -1.815  -18.283 1.00 23.32 ? 140 ASP A CB  1 
ATOM   1151 C  CG  . ASP A 1 141 ? 1.629   -1.930  -18.591 1.00 28.21 ? 140 ASP A CG  1 
ATOM   1152 O  OD1 . ASP A 1 141 ? 2.458   -1.308  -17.891 1.00 27.50 ? 140 ASP A OD1 1 
ATOM   1153 O  OD2 . ASP A 1 141 ? 1.946   -2.637  -19.571 1.00 32.12 ? 140 ASP A OD2 1 
ATOM   1154 N  N   . LYS A 1 142 ? -1.922  0.202   -16.914 1.00 20.30 ? 141 LYS A N   1 
ATOM   1155 C  CA  . LYS A 1 142 ? -3.307  0.659   -16.831 1.00 20.76 ? 141 LYS A CA  1 
ATOM   1156 C  C   . LYS A 1 142 ? -4.189  -0.049  -17.850 1.00 21.32 ? 141 LYS A C   1 
ATOM   1157 O  O   . LYS A 1 142 ? -5.327  -0.380  -17.556 1.00 23.45 ? 141 LYS A O   1 
ATOM   1158 C  CB  . LYS A 1 142 ? -3.399  2.174   -17.044 1.00 21.16 ? 141 LYS A CB  1 
ATOM   1159 C  CG  . LYS A 1 142 ? -4.796  2.742   -16.791 1.00 21.37 ? 141 LYS A CG  1 
ATOM   1160 C  CD  . LYS A 1 142 ? -4.854  4.265   -16.884 1.00 22.11 ? 141 LYS A CD  1 
ATOM   1161 C  CE  . LYS A 1 142 ? -4.645  4.776   -18.291 1.00 29.23 ? 141 LYS A CE  1 
ATOM   1162 N  NZ  . LYS A 1 142 ? -5.128  6.191   -18.445 1.00 28.57 ? 141 LYS A NZ  1 
ATOM   1163 N  N   . THR A 1 143 ? -3.660  -0.283  -19.042 1.00 23.60 ? 142 THR A N   1 
ATOM   1164 C  CA  . THR A 1 143 ? -4.442  -0.950  -20.081 1.00 23.58 ? 142 THR A CA  1 
ATOM   1165 C  C   . THR A 1 143 ? -4.876  -2.340  -19.614 1.00 25.33 ? 142 THR A C   1 
ATOM   1166 O  O   . THR A 1 143 ? -6.005  -2.749  -19.862 1.00 26.76 ? 142 THR A O   1 
ATOM   1167 C  CB  . THR A 1 143 ? -3.677  -1.034  -21.411 1.00 23.17 ? 142 THR A CB  1 
ATOM   1168 O  OG1 . THR A 1 143 ? -2.385  -1.590  -21.184 1.00 30.59 ? 142 THR A OG1 1 
ATOM   1169 C  CG2 . THR A 1 143 ? -3.508  0.348   -22.018 1.00 23.99 ? 142 THR A CG2 1 
ATOM   1170 N  N   . ALA A 1 144 ? -4.008  -3.043  -18.889 1.00 24.17 ? 143 ALA A N   1 
ATOM   1171 C  CA  . ALA A 1 144 ? -4.357  -4.347  -18.336 1.00 24.86 ? 143 ALA A CA  1 
ATOM   1172 C  C   . ALA A 1 144 ? -5.413  -4.203  -17.243 1.00 27.57 ? 143 ALA A C   1 
ATOM   1173 O  O   . ALA A 1 144 ? -6.388  -4.954  -17.198 1.00 29.72 ? 143 ALA A O   1 
ATOM   1174 C  CB  . ALA A 1 144 ? -3.125  -5.039  -17.794 1.00 25.42 ? 143 ALA A CB  1 
ATOM   1175 N  N   . PHE A 1 145 ? -5.209  -3.228  -16.369 1.00 24.51 ? 144 PHE A N   1 
ATOM   1176 C  CA  . PHE A 1 145 ? -6.171  -2.915  -15.319 1.00 25.48 ? 144 PHE A CA  1 
ATOM   1177 C  C   . PHE A 1 145 ? -7.539  -2.597  -15.925 1.00 26.91 ? 144 PHE A C   1 
ATOM   1178 O  O   . PHE A 1 145 ? -8.566  -3.072  -15.428 1.00 31.94 ? 144 PHE A O   1 
ATOM   1179 C  CB  . PHE A 1 145 ? -5.650  -1.720  -14.505 1.00 24.44 ? 144 PHE A CB  1 
ATOM   1180 C  CG  . PHE A 1 145 ? -6.600  -1.218  -13.454 1.00 21.88 ? 144 PHE A CG  1 
ATOM   1181 C  CD1 . PHE A 1 145 ? -6.709  -1.862  -12.233 1.00 22.86 ? 144 PHE A CD1 1 
ATOM   1182 C  CD2 . PHE A 1 145 ? -7.387  -0.085  -13.681 1.00 22.49 ? 144 PHE A CD2 1 
ATOM   1183 C  CE1 . PHE A 1 145 ? -7.578  -1.392  -11.252 1.00 23.06 ? 144 PHE A CE1 1 
ATOM   1184 C  CE2 . PHE A 1 145 ? -8.257  0.382   -12.703 1.00 26.43 ? 144 PHE A CE2 1 
ATOM   1185 C  CZ  . PHE A 1 145 ? -8.349  -0.277  -11.495 1.00 24.04 ? 144 PHE A CZ  1 
ATOM   1186 N  N   . ALA A 1 146 ? -7.545  -1.792  -16.984 1.00 27.23 ? 145 ALA A N   1 
ATOM   1187 C  CA  . ALA A 1 146 ? -8.784  -1.360  -17.640 1.00 30.15 ? 145 ALA A CA  1 
ATOM   1188 C  C   . ALA A 1 146 ? -9.501  -2.545  -18.264 1.00 34.01 ? 145 ALA A C   1 
ATOM   1189 O  O   . ALA A 1 146 ? -10.723 -2.635  -18.185 1.00 33.68 ? 145 ALA A O   1 
ATOM   1190 C  CB  . ALA A 1 146 ? -8.499  -0.318  -18.703 1.00 29.05 ? 145 ALA A CB  1 
ATOM   1191 N  N   . ASP A 1 147 ? -8.742  -3.444  -18.887 1.00 37.19 ? 146 ASP A N   1 
ATOM   1192 C  CA  . ASP A 1 147 ? -9.317  -4.646  -19.499 1.00 41.60 ? 146 ASP A CA  1 
ATOM   1193 C  C   . ASP A 1 147 ? -10.058 -5.481  -18.456 1.00 45.53 ? 146 ASP A C   1 
ATOM   1194 O  O   . ASP A 1 147 ? -11.120 -6.046  -18.737 1.00 46.13 ? 146 ASP A O   1 
ATOM   1195 C  CB  . ASP A 1 147 ? -8.228  -5.483  -20.174 1.00 41.39 ? 146 ASP A CB  1 
ATOM   1196 N  N   . SER A 1 148 ? -9.512  -5.522  -17.244 1.00 49.11 ? 147 SER A N   1 
ATOM   1197 C  CA  . SER A 1 148 ? -10.164 -6.196  -16.123 1.00 53.55 ? 147 SER A CA  1 
ATOM   1198 C  C   . SER A 1 148 ? -11.251 -5.342  -15.448 1.00 55.63 ? 147 SER A C   1 
ATOM   1199 O  O   . SER A 1 148 ? -11.874 -5.790  -14.482 1.00 56.23 ? 147 SER A O   1 
ATOM   1200 C  CB  . SER A 1 148 ? -9.115  -6.591  -15.084 1.00 53.51 ? 147 SER A CB  1 
ATOM   1201 O  OG  . SER A 1 148 ? -8.020  -7.241  -15.702 1.00 54.29 ? 147 SER A OG  1 
ATOM   1202 N  N   . ASN A 1 149 ? -11.465 -4.121  -15.945 1.00 57.67 ? 148 ASN A N   1 
ATOM   1203 C  CA  . ASN A 1 149 ? -12.450 -3.188  -15.384 1.00 58.23 ? 148 ASN A CA  1 
ATOM   1204 C  C   . ASN A 1 149 ? -13.554 -2.802  -16.370 1.00 60.15 ? 148 ASN A C   1 
ATOM   1205 O  O   . ASN A 1 149 ? -14.734 -2.851  -16.028 1.00 60.95 ? 148 ASN A O   1 
ATOM   1206 C  CB  . ASN A 1 149 ? -11.749 -1.924  -14.879 1.00 58.69 ? 148 ASN A CB  1 
ATOM   1207 C  CG  . ASN A 1 149 ? -11.365 -2.013  -13.421 1.00 59.43 ? 148 ASN A CG  1 
ATOM   1208 O  OD1 . ASN A 1 149 ? -11.785 -1.185  -12.615 1.00 62.73 ? 148 ASN A OD1 1 
ATOM   1209 N  ND2 . ASN A 1 149 ? -10.574 -3.025  -13.066 1.00 58.20 ? 148 ASN A ND2 1 
ATOM   1210 N  N   . ARG A 1 150 ? -13.166 -2.408  -17.582 1.00 61.89 ? 149 ARG A N   1 
ATOM   1211 C  CA  . ARG A 1 150 ? -14.118 -1.997  -18.623 1.00 63.11 ? 149 ARG A CA  1 
ATOM   1212 C  C   . ARG A 1 150 ? -14.861 -3.200  -19.217 1.00 64.06 ? 149 ARG A C   1 
ATOM   1213 O  O   . ARG A 1 150 ? -15.956 -3.054  -19.773 1.00 64.39 ? 149 ARG A O   1 
ATOM   1214 C  CB  . ARG A 1 150 ? -13.398 -1.227  -19.740 1.00 62.98 ? 149 ARG A CB  1 
ATOM   1215 C  CG  . ARG A 1 150 ? -12.696 -2.111  -20.775 1.00 63.43 ? 149 ARG A CG  1 
ATOM   1216 C  CD  . ARG A 1 150 ? -11.697 -1.322  -21.595 1.00 63.75 ? 149 ARG A CD  1 
ATOM   1217 N  NE  . ARG A 1 150 ? -11.442 -1.934  -22.898 1.00 65.01 ? 149 ARG A NE  1 
ATOM   1218 C  CZ  . ARG A 1 150 ? -12.192 -1.757  -23.988 1.00 67.34 ? 149 ARG A CZ  1 
ATOM   1219 N  NH1 . ARG A 1 150 ? -13.275 -0.981  -23.962 1.00 68.36 ? 149 ARG A NH1 1 
ATOM   1220 N  NH2 . ARG A 1 150 ? -11.859 -2.365  -25.121 1.00 67.28 ? 149 ARG A NH2 1 
ATOM   1221 O  OXT . ARG A 1 150 ? -14.378 -4.338  -19.171 1.00 64.38 ? 149 ARG A OXT 1 
HETATM 1222 N  N1A . COA B 2 .   ? -0.137  -13.828 4.623   1.00 30.08 ? 201 COA A N1A 1 
HETATM 1223 C  C2A . COA B 2 .   ? 0.231   -13.566 3.317   1.00 28.24 ? 201 COA A C2A 1 
HETATM 1224 N  N3A . COA B 2 .   ? -0.703  -13.604 2.299   1.00 27.76 ? 201 COA A N3A 1 
HETATM 1225 C  C4A . COA B 2 .   ? -1.994  -13.899 2.594   1.00 27.54 ? 201 COA A C4A 1 
HETATM 1226 C  C5A . COA B 2 .   ? -2.387  -14.168 3.902   1.00 26.91 ? 201 COA A C5A 1 
HETATM 1227 C  C6A . COA B 2 .   ? -1.445  -14.131 4.925   1.00 24.49 ? 201 COA A C6A 1 
HETATM 1228 N  N6A . COA B 2 .   ? -1.764  -14.486 6.162   1.00 24.99 ? 201 COA A N6A 1 
HETATM 1229 N  N7A . COA B 2 .   ? -3.718  -14.430 3.879   1.00 30.56 ? 201 COA A N7A 1 
HETATM 1230 C  C8A . COA B 2 .   ? -4.166  -14.333 2.608   1.00 31.32 ? 201 COA A C8A 1 
HETATM 1231 N  N9A . COA B 2 .   ? -3.097  -14.013 1.806   1.00 30.39 ? 201 COA A N9A 1 
HETATM 1232 C  C1B . COA B 2 .   ? -3.094  -13.845 0.350   1.00 30.56 ? 201 COA A C1B 1 
HETATM 1233 C  C2B . COA B 2 .   ? -3.843  -14.967 -0.354  1.00 31.81 ? 201 COA A C2B 1 
HETATM 1234 O  O2B . COA B 2 .   ? -3.208  -15.259 -1.584  1.00 40.62 ? 201 COA A O2B 1 
HETATM 1235 C  C3B . COA B 2 .   ? -5.209  -14.379 -0.593  1.00 35.31 ? 201 COA A C3B 1 
HETATM 1236 O  O3B . COA B 2 .   ? -5.877  -14.919 -1.706  1.00 43.21 ? 201 COA A O3B 1 
HETATM 1237 P  P3B . COA B 2 .   ? -7.161  -15.847 -1.427  1.00 52.45 ? 201 COA A P3B 1 
HETATM 1238 O  O7A . COA B 2 .   ? -7.748  -16.307 -2.741  1.00 56.29 ? 201 COA A O7A 1 
HETATM 1239 O  O8A . COA B 2 .   ? -6.696  -17.014 -0.594  1.00 54.90 ? 201 COA A O8A 1 
HETATM 1240 O  O9A . COA B 2 .   ? -8.207  -15.076 -0.656  1.00 53.49 ? 201 COA A O9A 1 
HETATM 1241 C  C4B . COA B 2 .   ? -4.868  -12.924 -0.827  1.00 23.01 ? 201 COA A C4B 1 
HETATM 1242 O  O4B . COA B 2 .   ? -3.774  -12.647 0.027   1.00 29.23 ? 201 COA A O4B 1 
HETATM 1243 C  C5B . COA B 2 .   ? -6.041  -11.977 -0.564  1.00 23.63 ? 201 COA A C5B 1 
HETATM 1244 O  O5B . COA B 2 .   ? -6.495  -12.139 0.755   1.00 15.01 ? 201 COA A O5B 1 
HETATM 1245 P  P1A . COA B 2 .   ? -6.749  -10.894 1.763   1.00 14.14 ? 201 COA A P1A 1 
HETATM 1246 O  O1A . COA B 2 .   ? -7.426  -9.752  1.073   1.00 13.98 ? 201 COA A O1A 1 
HETATM 1247 O  O2A . COA B 2 .   ? -7.487  -11.489 2.917   1.00 15.21 ? 201 COA A O2A 1 
HETATM 1248 O  O3A . COA B 2 .   ? -5.237  -10.575 2.168   1.00 15.80 ? 201 COA A O3A 1 
HETATM 1249 P  P2A . COA B 2 .   ? -4.694  -9.888  3.507   1.00 13.17 ? 201 COA A P2A 1 
HETATM 1250 O  O4A . COA B 2 .   ? -5.704  -8.944  4.137   1.00 12.77 ? 201 COA A O4A 1 
HETATM 1251 O  O5A . COA B 2 .   ? -4.102  -10.930 4.382   1.00 13.70 ? 201 COA A O5A 1 
HETATM 1252 O  O6A . COA B 2 .   ? -3.528  -8.989  2.872   1.00 11.77 ? 201 COA A O6A 1 
HETATM 1253 C  CBP . COA B 2 .   ? -1.105  -9.063  2.704   1.00 14.44 ? 201 COA A CBP 1 
HETATM 1254 C  CCP . COA B 2 .   ? -2.441  -9.580  2.162   1.00 14.20 ? 201 COA A CCP 1 
HETATM 1255 C  CDP . COA B 2 .   ? -1.005  -7.566  2.428   1.00 13.09 ? 201 COA A CDP 1 
HETATM 1256 C  CEP . COA B 2 .   ? 0.019   -9.800  1.947   1.00 15.95 ? 201 COA A CEP 1 
HETATM 1257 C  CAP . COA B 2 .   ? -1.026  -9.320  4.222   1.00 18.79 ? 201 COA A CAP 1 
HETATM 1258 O  OAP . COA B 2 .   ? -1.279  -10.684 4.480   1.00 18.26 ? 201 COA A OAP 1 
HETATM 1259 C  C9P A COA B 2 .   ? 0.330   -8.958  4.761   0.50 16.34 ? 201 COA A C9P 1 
HETATM 1260 C  C9P B COA B 2 .   ? 0.325   -8.962  4.798   0.50 17.44 ? 201 COA A C9P 1 
HETATM 1261 O  O9P . COA B 2 .   ? 0.646   -7.640  5.120   1.00 15.82 ? 201 COA A O9P 1 
HETATM 1262 N  N8P A COA B 2 .   ? 1.185   -9.972  4.851   0.50 18.29 ? 201 COA A N8P 1 
HETATM 1263 N  N8P B COA B 2 .   ? 1.192   -9.953  4.996   0.50 21.95 ? 201 COA A N8P 1 
HETATM 1264 C  C7P A COA B 2 .   ? 2.539   -9.802  5.363   0.50 24.80 ? 201 COA A C7P 1 
HETATM 1265 C  C7P B COA B 2 .   ? 2.576   -9.698  5.383   0.50 26.86 ? 201 COA A C7P 1 
HETATM 1266 C  C6P A COA B 2 .   ? 3.528   -10.711 4.632   0.50 26.48 ? 201 COA A C6P 1 
HETATM 1267 C  C6P B COA B 2 .   ? 3.543   -10.041 4.242   0.50 28.37 ? 201 COA A C6P 1 
HETATM 1268 C  C5P A COA B 2 .   ? 3.250   -12.162 4.952   0.50 30.96 ? 201 COA A C5P 1 
HETATM 1269 C  C5P B COA B 2 .   ? 4.141   -8.843  3.524   0.50 33.13 ? 201 COA A C5P 1 
HETATM 1270 O  O5P A COA B 2 .   ? 2.159   -12.499 5.445   0.50 35.60 ? 201 COA A O5P 1 
HETATM 1271 O  O5P B COA B 2 .   ? 5.085   -9.032  2.750   0.50 35.67 ? 201 COA A O5P 1 
HETATM 1272 N  N4P A COA B 2 .   ? 4.225   -13.028 4.684   0.50 32.97 ? 201 COA A N4P 1 
HETATM 1273 N  N4P B COA B 2 .   ? 3.657   -7.617  3.724   0.50 35.09 ? 201 COA A N4P 1 
HETATM 1274 C  C3P A COA B 2 .   ? 3.997   -14.457 4.662   0.50 30.07 ? 201 COA A C3P 1 
HETATM 1275 C  C3P B COA B 2 .   ? 2.718   -7.009  2.802   0.50 34.53 ? 201 COA A C3P 1 
HETATM 1276 C  C2P A COA B 2 .   ? 3.748   -15.029 6.057   0.50 34.62 ? 201 COA A C2P 1 
HETATM 1277 C  C2P B COA B 2 .   ? 3.286   -6.702  1.415   0.50 34.10 ? 201 COA A C2P 1 
HETATM 1278 S  S1P A COA B 2 .   ? 5.047   -14.673 7.268   0.50 33.78 ? 201 COA A S1P 1 
HETATM 1279 S  S1P B COA B 2 .   ? 4.235   -5.161  1.358   0.50 36.94 ? 201 COA A S1P 1 
HETATM 1280 S  S   . SO4 C 3 .   ? -6.257  2.198   19.773  0.50 11.63 ? 202 SO4 A S   1 
HETATM 1281 O  O1  . SO4 C 3 .   ? -7.098  1.348   20.605  0.50 11.80 ? 202 SO4 A O1  1 
HETATM 1282 O  O2  . SO4 C 3 .   ? -7.095  2.955   18.855  0.50 14.53 ? 202 SO4 A O2  1 
HETATM 1283 O  O3  . SO4 C 3 .   ? -5.343  1.357   19.010  0.50 11.80 ? 202 SO4 A O3  1 
HETATM 1284 O  O4  . SO4 C 3 .   ? -5.495  3.125   20.602  0.50 13.29 ? 202 SO4 A O4  1 
HETATM 1285 S  S   . SO4 D 3 .   ? 10.962  -3.923  5.020   1.00 50.00 ? 203 SO4 A S   1 
HETATM 1286 O  O1  . SO4 D 3 .   ? 11.877  -4.789  5.767   1.00 57.91 ? 203 SO4 A O1  1 
HETATM 1287 O  O2  . SO4 D 3 .   ? 9.585   -4.117  5.466   1.00 46.44 ? 203 SO4 A O2  1 
HETATM 1288 O  O3  . SO4 D 3 .   ? 11.070  -4.208  3.590   1.00 60.80 ? 203 SO4 A O3  1 
HETATM 1289 O  O4  . SO4 D 3 .   ? 11.361  -2.541  5.267   1.00 58.33 ? 203 SO4 A O4  1 
HETATM 1290 S  S   A SO4 E 3 .   ? 8.015   0.191   -0.077  0.50 12.57 ? 204 SO4 A S   1 
HETATM 1291 S  S   B SO4 E 3 .   ? 9.787   0.345   -1.014  0.50 16.09 ? 204 SO4 A S   1 
HETATM 1292 O  O1  A SO4 E 3 .   ? 6.995   -0.400  0.794   0.50 8.64  ? 204 SO4 A O1  1 
HETATM 1293 O  O1  B SO4 E 3 .   ? 9.295   -0.296  0.199   0.50 22.96 ? 204 SO4 A O1  1 
HETATM 1294 O  O2  A SO4 E 3 .   ? 9.017   0.907   0.705   0.50 13.14 ? 204 SO4 A O2  1 
HETATM 1295 O  O2  B SO4 E 3 .   ? 10.891  1.243   -0.677  0.50 24.46 ? 204 SO4 A O2  1 
HETATM 1296 O  O3  A SO4 E 3 .   ? 7.392   1.093   -1.032  0.50 10.31 ? 204 SO4 A O3  1 
HETATM 1297 O  O3  B SO4 E 3 .   ? 8.677   1.013   -1.685  0.50 15.77 ? 204 SO4 A O3  1 
HETATM 1298 O  O4  A SO4 E 3 .   ? 8.675   -0.869  -0.852  0.50 12.60 ? 204 SO4 A O4  1 
HETATM 1299 O  O4  B SO4 E 3 .   ? 10.318  -0.657  -1.929  0.50 19.75 ? 204 SO4 A O4  1 
HETATM 1300 S  S   . SO4 F 3 .   ? 11.627  5.279   2.775   0.50 23.18 ? 205 SO4 A S   1 
HETATM 1301 O  O1  . SO4 F 3 .   ? 11.347  3.843   2.756   0.50 21.89 ? 205 SO4 A O1  1 
HETATM 1302 O  O2  . SO4 F 3 .   ? 10.610  5.919   3.606   0.50 18.25 ? 205 SO4 A O2  1 
HETATM 1303 O  O3  . SO4 F 3 .   ? 11.662  5.775   1.390   0.50 16.01 ? 205 SO4 A O3  1 
HETATM 1304 O  O4  . SO4 F 3 .   ? 12.924  5.515   3.392   0.50 26.93 ? 205 SO4 A O4  1 
HETATM 1305 C  C1  . GOL G 4 .   ? -11.228 10.436  0.993   1.00 35.55 ? 206 GOL A C1  1 
HETATM 1306 O  O1  . GOL G 4 .   ? -11.426 10.977  -0.288  1.00 43.17 ? 206 GOL A O1  1 
HETATM 1307 C  C2  . GOL G 4 .   ? -11.569 8.962   0.928   1.00 35.90 ? 206 GOL A C2  1 
HETATM 1308 O  O2  . GOL G 4 .   ? -10.497 8.276   0.338   1.00 40.67 ? 206 GOL A O2  1 
HETATM 1309 C  C3  . GOL G 4 .   ? -11.810 8.420   2.320   1.00 40.04 ? 206 GOL A C3  1 
HETATM 1310 O  O3  . GOL G 4 .   ? -10.756 8.840   3.149   1.00 28.18 ? 206 GOL A O3  1 
HETATM 1311 C  C1  . GOL H 4 .   ? 6.152   14.976  -0.772  1.00 25.71 ? 207 GOL A C1  1 
HETATM 1312 O  O1  . GOL H 4 .   ? 5.278   14.047  -0.140  1.00 19.06 ? 207 GOL A O1  1 
HETATM 1313 C  C2  . GOL H 4 .   ? 6.849   14.441  -2.030  1.00 24.36 ? 207 GOL A C2  1 
HETATM 1314 O  O2  . GOL H 4 .   ? 5.920   14.034  -3.011  1.00 22.34 ? 207 GOL A O2  1 
HETATM 1315 C  C3  . GOL H 4 .   ? 7.852   13.336  -1.735  1.00 28.54 ? 207 GOL A C3  1 
HETATM 1316 O  O3  . GOL H 4 .   ? 8.564   13.018  -2.917  1.00 26.04 ? 207 GOL A O3  1 
HETATM 1317 O  O   . HOH I 5 .   ? 4.817   11.453  -5.266  1.00 14.72 ? 208 HOH A O   1 
HETATM 1318 O  O   . HOH I 5 .   ? 6.971   8.471   4.519   1.00 11.58 ? 209 HOH A O   1 
HETATM 1319 O  O   . HOH I 5 .   ? 4.907   10.957  -0.187  1.00 12.23 ? 210 HOH A O   1 
HETATM 1320 O  O   . HOH I 5 .   ? 7.775   -1.514  10.262  1.00 13.98 ? 211 HOH A O   1 
HETATM 1321 O  O   . HOH I 5 .   ? -9.409  -1.545  -8.267  1.00 16.98 ? 212 HOH A O   1 
HETATM 1322 O  O   . HOH I 5 .   ? -4.746  1.586   16.401  1.00 12.21 ? 213 HOH A O   1 
HETATM 1323 O  O   . HOH I 5 .   ? -10.233 -3.633  16.241  1.00 14.54 ? 214 HOH A O   1 
HETATM 1324 O  O   . HOH I 5 .   ? -7.791  -3.236  22.114  1.00 15.53 ? 215 HOH A O   1 
HETATM 1325 O  O   . HOH I 5 .   ? -3.866  -1.004  15.742  1.00 14.52 ? 216 HOH A O   1 
HETATM 1326 O  O   . HOH I 5 .   ? -11.662 1.342   -10.913 1.00 16.42 ? 217 HOH A O   1 
HETATM 1327 O  O   . HOH I 5 .   ? -4.367  9.471   -8.361  1.00 18.47 ? 218 HOH A O   1 
HETATM 1328 O  O   . HOH I 5 .   ? -10.187 6.692   -3.523  1.00 16.71 ? 219 HOH A O   1 
HETATM 1329 O  O   . HOH I 5 .   ? -6.267  10.099  -15.959 1.00 14.30 ? 220 HOH A O   1 
HETATM 1330 O  O   . HOH I 5 .   ? 8.103   6.822   2.710   1.00 15.78 ? 221 HOH A O   1 
HETATM 1331 O  O   . HOH I 5 .   ? -6.335  11.574  8.589   1.00 13.70 ? 222 HOH A O   1 
HETATM 1332 O  O   . HOH I 5 .   ? -1.535  0.596   14.886  1.00 13.39 ? 223 HOH A O   1 
HETATM 1333 O  O   . HOH I 5 .   ? -10.846 5.266   -7.521  1.00 14.83 ? 224 HOH A O   1 
HETATM 1334 O  O   . HOH I 5 .   ? -10.132 4.365   -5.075  1.00 13.95 ? 225 HOH A O   1 
HETATM 1335 O  O   . HOH I 5 .   ? 0.078   6.201   20.260  1.00 23.46 ? 226 HOH A O   1 
HETATM 1336 O  O   . HOH I 5 .   ? 3.113   14.357  11.354  1.00 20.02 ? 227 HOH A O   1 
HETATM 1337 O  O   . HOH I 5 .   ? 3.363   -12.946 -13.394 1.00 22.34 ? 228 HOH A O   1 
HETATM 1338 O  O   . HOH I 5 .   ? -2.833  10.659  1.999   1.00 10.86 ? 229 HOH A O   1 
HETATM 1339 O  O   . HOH I 5 .   ? -13.654 -4.467  12.360  1.00 20.05 ? 230 HOH A O   1 
HETATM 1340 O  O   . HOH I 5 .   ? 6.803   -1.295  -3.004  1.00 19.13 ? 231 HOH A O   1 
HETATM 1341 O  O   . HOH I 5 .   ? 10.168  12.927  8.585   1.00 16.94 ? 232 HOH A O   1 
HETATM 1342 O  O   . HOH I 5 .   ? -11.780 -1.165  -1.658  1.00 18.59 ? 233 HOH A O   1 
HETATM 1343 O  O   . HOH I 5 .   ? -4.954  -11.706 -4.509  1.00 21.59 ? 234 HOH A O   1 
HETATM 1344 O  O   . HOH I 5 .   ? 6.589   8.631   -12.645 1.00 24.28 ? 235 HOH A O   1 
HETATM 1345 O  O   . HOH I 5 .   ? 11.499  13.222  6.505   1.00 22.70 ? 236 HOH A O   1 
HETATM 1346 O  O   . HOH I 5 .   ? -7.449  -10.666 -3.753  1.00 20.23 ? 237 HOH A O   1 
HETATM 1347 O  O   . HOH I 5 .   ? 1.999   10.636  15.645  1.00 16.34 ? 238 HOH A O   1 
HETATM 1348 O  O   . HOH I 5 .   ? -4.032  12.014  -0.545  1.00 25.15 ? 239 HOH A O   1 
HETATM 1349 O  O   . HOH I 5 .   ? 3.811   15.218  7.100   1.00 25.53 ? 240 HOH A O   1 
HETATM 1350 O  O   . HOH I 5 .   ? 0.488   -5.361  -16.878 1.00 22.57 ? 241 HOH A O   1 
HETATM 1351 O  O   . HOH I 5 .   ? 0.139   14.429  9.219   1.00 22.51 ? 242 HOH A O   1 
HETATM 1352 O  O   . HOH I 5 .   ? -1.526  -9.119  15.067  1.00 22.10 ? 243 HOH A O   1 
HETATM 1353 O  O   . HOH I 5 .   ? -2.054  3.771   -20.426 1.00 24.77 ? 244 HOH A O   1 
HETATM 1354 O  O   . HOH I 5 .   ? 9.086   10.165  -6.368  1.00 22.89 ? 245 HOH A O   1 
HETATM 1355 O  O   . HOH I 5 .   ? -12.060 -7.457  0.233   1.00 19.98 ? 246 HOH A O   1 
HETATM 1356 O  O   . HOH I 5 .   ? -14.436 1.520   10.745  1.00 30.05 ? 247 HOH A O   1 
HETATM 1357 O  O   . HOH I 5 .   ? -11.959 -4.051  19.209  1.00 26.98 ? 248 HOH A O   1 
HETATM 1358 O  O   . HOH I 5 .   ? 3.468   13.044  -6.978  1.00 24.20 ? 249 HOH A O   1 
HETATM 1359 O  O   . HOH I 5 .   ? -2.720  13.366  -9.213  1.00 21.20 ? 250 HOH A O   1 
HETATM 1360 O  O   . HOH I 5 .   ? 16.125  -6.349  -4.181  0.50 26.76 ? 251 HOH A O   1 
HETATM 1361 O  O   . HOH I 5 .   ? 5.311   -0.199  18.872  1.00 23.49 ? 252 HOH A O   1 
HETATM 1362 O  O   . HOH I 5 .   ? 6.295   11.023  -15.375 1.00 34.05 ? 253 HOH A O   1 
HETATM 1363 O  O   . HOH I 5 .   ? -17.791 -0.015  17.827  1.00 23.46 ? 254 HOH A O   1 
HETATM 1364 O  O   . HOH I 5 .   ? -5.940  4.663   16.329  1.00 20.72 ? 255 HOH A O   1 
HETATM 1365 O  O   . HOH I 5 .   ? 9.554   5.314   15.742  1.00 29.93 ? 256 HOH A O   1 
HETATM 1366 O  O   . HOH I 5 .   ? 10.690  11.488  -2.384  1.00 25.41 ? 257 HOH A O   1 
HETATM 1367 O  O   . HOH I 5 .   ? -11.996 -14.649 11.473  1.00 29.06 ? 258 HOH A O   1 
HETATM 1368 O  O   . HOH I 5 .   ? 0.690   18.866  -4.606  1.00 28.71 ? 259 HOH A O   1 
HETATM 1369 O  O   . HOH I 5 .   ? -3.240  7.855   -16.100 1.00 31.82 ? 260 HOH A O   1 
HETATM 1370 O  O   . HOH I 5 .   ? -5.257  15.007  15.631  1.00 30.85 ? 261 HOH A O   1 
HETATM 1371 O  O   . HOH I 5 .   ? -0.349  15.767  11.541  1.00 27.90 ? 262 HOH A O   1 
HETATM 1372 O  O   . HOH I 5 .   ? 6.282   -13.961 -2.574  1.00 30.60 ? 263 HOH A O   1 
HETATM 1373 O  O   . HOH I 5 .   ? -3.333  13.729  -2.900  1.00 28.90 ? 264 HOH A O   1 
HETATM 1374 O  O   . HOH I 5 .   ? -5.936  -5.689  -12.368 1.00 25.60 ? 265 HOH A O   1 
HETATM 1375 O  O   . HOH I 5 .   ? 3.131   12.322  -9.650  1.00 26.42 ? 266 HOH A O   1 
HETATM 1376 O  O   . HOH I 5 .   ? 7.724   -11.877 -4.700  1.00 28.23 ? 267 HOH A O   1 
HETATM 1377 O  O   . HOH I 5 .   ? 4.249   -9.437  14.860  1.00 29.91 ? 268 HOH A O   1 
HETATM 1378 O  O   . HOH I 5 .   ? 4.330   3.892   -18.330 1.00 37.86 ? 269 HOH A O   1 
HETATM 1379 O  O   . HOH I 5 .   ? -13.413 -4.034  15.977  1.00 31.47 ? 270 HOH A O   1 
HETATM 1380 O  O   . HOH I 5 .   ? -13.142 -2.957  -5.767  1.00 32.51 ? 271 HOH A O   1 
HETATM 1381 O  O   . HOH I 5 .   ? 9.275   -7.474  0.860   1.00 38.95 ? 272 HOH A O   1 
HETATM 1382 O  O   . HOH I 5 .   ? -0.192  9.415   16.162  1.00 26.74 ? 273 HOH A O   1 
HETATM 1383 O  O   . HOH I 5 .   ? 4.365   -13.331 12.091  1.00 29.80 ? 274 HOH A O   1 
HETATM 1384 O  O   . HOH I 5 .   ? 4.683   -17.271 -5.424  1.00 39.46 ? 275 HOH A O   1 
HETATM 1385 O  O   . HOH I 5 .   ? 1.709   -16.328 -7.715  1.00 42.46 ? 276 HOH A O   1 
HETATM 1386 O  O   . HOH I 5 .   ? 7.960   2.310   -15.804 1.00 34.08 ? 277 HOH A O   1 
HETATM 1387 O  O   . HOH I 5 .   ? 13.295  1.210   10.342  1.00 40.25 ? 278 HOH A O   1 
HETATM 1388 O  O   . HOH I 5 .   ? -1.217  -11.799 -12.468 1.00 44.29 ? 279 HOH A O   1 
HETATM 1389 O  O   . HOH I 5 .   ? -9.660  -4.855  20.528  1.00 30.20 ? 280 HOH A O   1 
HETATM 1390 O  O   . HOH I 5 .   ? 10.508  5.486   -5.905  1.00 26.28 ? 281 HOH A O   1 
HETATM 1391 O  O   . HOH I 5 .   ? -14.068 1.798   3.149   1.00 34.07 ? 282 HOH A O   1 
HETATM 1392 O  O   . HOH I 5 .   ? 8.458   6.091   -4.534  1.00 23.14 ? 283 HOH A O   1 
HETATM 1393 O  O   . HOH I 5 .   ? 2.793   16.337  -6.474  1.00 35.63 ? 284 HOH A O   1 
HETATM 1394 O  O   . HOH I 5 .   ? 5.665   -13.899 -14.369 0.50 23.44 ? 285 HOH A O   1 
HETATM 1395 O  O   . HOH I 5 .   ? 5.018   -17.104 -9.089  1.00 27.03 ? 286 HOH A O   1 
HETATM 1396 O  O   . HOH I 5 .   ? -6.734  -4.905  16.949  1.00 45.60 ? 287 HOH A O   1 
HETATM 1397 O  O   . HOH I 5 .   ? -3.619  14.206  17.660  1.00 32.52 ? 288 HOH A O   1 
HETATM 1398 O  O   . HOH I 5 .   ? -2.010  -4.113  -21.675 1.00 44.73 ? 289 HOH A O   1 
HETATM 1399 O  O   . HOH I 5 .   ? -6.069  -14.090 10.485  1.00 38.44 ? 290 HOH A O   1 
HETATM 1400 O  O   . HOH I 5 .   ? 7.481   12.227  -5.361  1.00 18.95 ? 291 HOH A O   1 
HETATM 1401 O  O   . HOH I 5 .   ? -8.815  13.821  9.010   1.00 34.33 ? 292 HOH A O   1 
HETATM 1402 O  O   . HOH I 5 .   ? -11.490 -1.355  -10.106 1.00 24.75 ? 293 HOH A O   1 
HETATM 1403 O  O   . HOH I 5 .   ? -6.445  5.858   19.264  0.50 19.33 ? 294 HOH A O   1 
HETATM 1404 O  O   . HOH I 5 .   ? 2.498   -15.518 0.686   1.00 45.00 ? 295 HOH A O   1 
HETATM 1405 O  O   . HOH I 5 .   ? -3.330  -8.364  -15.309 1.00 36.38 ? 296 HOH A O   1 
HETATM 1406 O  O   . HOH I 5 .   ? -9.515  11.004  6.310   1.00 36.77 ? 297 HOH A O   1 
HETATM 1407 O  O   . HOH I 5 .   ? -3.694  13.448  -6.648  1.00 27.34 ? 298 HOH A O   1 
HETATM 1408 O  O   . HOH I 5 .   ? 5.355   16.039  -4.639  1.00 35.79 ? 299 HOH A O   1 
HETATM 1409 O  O   . HOH I 5 .   ? -11.754 7.930   -1.998  1.00 37.80 ? 300 HOH A O   1 
HETATM 1410 O  O   . HOH I 5 .   ? -0.508  14.479  -10.073 1.00 33.25 ? 301 HOH A O   1 
HETATM 1411 O  O   . HOH I 5 .   ? 3.318   17.519  1.959   1.00 35.95 ? 302 HOH A O   1 
HETATM 1412 O  O   . HOH I 5 .   ? -14.990 -4.361  5.058   1.00 40.36 ? 303 HOH A O   1 
HETATM 1413 O  O   . HOH I 5 .   ? -4.684  4.128   -22.081 1.00 39.63 ? 304 HOH A O   1 
HETATM 1414 O  O   . HOH I 5 .   ? -12.684 4.552   -3.405  1.00 27.90 ? 305 HOH A O   1 
HETATM 1415 O  O   . HOH I 5 .   ? 7.660   11.552  -17.862 1.00 35.73 ? 306 HOH A O   1 
HETATM 1416 O  O   . HOH I 5 .   ? -8.531  -4.915  -11.063 1.00 43.65 ? 307 HOH A O   1 
HETATM 1417 O  O   . HOH I 5 .   ? -0.967  1.397   -19.814 1.00 31.28 ? 308 HOH A O   1 
HETATM 1418 O  O   . HOH I 5 .   ? 0.524   -13.837 -0.782  1.00 31.16 ? 309 HOH A O   1 
HETATM 1419 O  O   . HOH I 5 .   ? 10.374  -11.723 -6.604  1.00 39.93 ? 310 HOH A O   1 
HETATM 1420 O  O   . HOH I 5 .   ? 3.769   -10.760 21.111  1.00 42.47 ? 311 HOH A O   1 
HETATM 1421 O  O   . HOH I 5 .   ? 8.458   -4.919  18.343  1.00 37.38 ? 312 HOH A O   1 
HETATM 1422 O  O   . HOH I 5 .   ? -5.050  -14.386 -4.629  1.00 32.16 ? 313 HOH A O   1 
HETATM 1423 O  O   . HOH I 5 .   ? -5.383  6.509   -21.524 1.00 37.83 ? 314 HOH A O   1 
HETATM 1424 O  O   . HOH I 5 .   ? 7.962   -11.033 -16.125 1.00 30.32 ? 315 HOH A O   1 
HETATM 1425 O  O   . HOH I 5 .   ? -16.180 6.158   14.347  1.00 33.21 ? 316 HOH A O   1 
HETATM 1426 O  O   . HOH I 5 .   ? -12.858 -2.980  -8.310  1.00 47.79 ? 317 HOH A O   1 
HETATM 1427 O  O   . HOH I 5 .   ? 13.241  -1.479  -4.219  1.00 41.15 ? 318 HOH A O   1 
HETATM 1428 O  O   . HOH I 5 .   ? -13.052 3.441   1.024   1.00 36.98 ? 319 HOH A O   1 
HETATM 1429 O  O   . HOH I 5 .   ? 3.900   -4.377  -1.146  1.00 42.36 ? 320 HOH A O   1 
HETATM 1430 O  O   . HOH I 5 .   ? 9.809   2.803   16.194  1.00 41.64 ? 321 HOH A O   1 
HETATM 1431 O  O   . HOH I 5 .   ? -9.041  -13.611 2.418   1.00 28.25 ? 322 HOH A O   1 
HETATM 1432 O  O   . HOH I 5 .   ? -7.557  -15.651 1.975   1.00 44.64 ? 323 HOH A O   1 
HETATM 1433 O  O   . HOH I 5 .   ? 2.922   -5.659  -16.859 1.00 41.58 ? 324 HOH A O   1 
HETATM 1434 O  O   . HOH I 5 .   ? 3.857   -3.173  -16.485 1.00 30.12 ? 325 HOH A O   1 
HETATM 1435 O  O   . HOH I 5 .   ? -13.054 1.228   -0.273  1.00 32.63 ? 326 HOH A O   1 
HETATM 1436 O  O   . HOH I 5 .   ? -0.041  -4.510  -20.273 1.00 48.70 ? 327 HOH A O   1 
HETATM 1437 O  O   . HOH I 5 .   ? -14.114 -1.471  3.155   1.00 45.62 ? 328 HOH A O   1 
HETATM 1438 O  O   . HOH I 5 .   ? -12.614 -5.787  -1.870  1.00 35.01 ? 329 HOH A O   1 
HETATM 1439 O  O   . HOH I 5 .   ? -8.081  5.630   14.673  1.00 29.20 ? 330 HOH A O   1 
HETATM 1440 O  O   . HOH I 5 .   ? 10.312  -2.563  0.931   1.00 31.82 ? 331 HOH A O   1 
HETATM 1441 O  O   . HOH I 5 .   ? 12.043  2.657   -2.429  1.00 31.64 ? 332 HOH A O   1 
HETATM 1442 O  O   . HOH I 5 .   ? -12.432 -6.903  5.052   1.00 37.78 ? 333 HOH A O   1 
HETATM 1443 O  O   . HOH I 5 .   ? -13.240 -5.570  3.242   1.00 43.70 ? 334 HOH A O   1 
HETATM 1444 O  O   . HOH I 5 .   ? 7.896   -0.902  17.814  1.00 34.27 ? 335 HOH A O   1 
HETATM 1445 O  O   . HOH I 5 .   ? 11.334  9.991   -4.857  1.00 38.29 ? 336 HOH A O   1 
HETATM 1446 O  O   . HOH I 5 .   ? 7.543   14.291  -7.239  1.00 38.16 ? 337 HOH A O   1 
HETATM 1447 O  O   . HOH I 5 .   ? 4.085   -2.026  -0.391  1.00 25.16 ? 338 HOH A O   1 
HETATM 1448 O  O   . HOH I 5 .   ? -1.498  -14.103 10.600  1.00 38.59 ? 339 HOH A O   1 
HETATM 1449 O  O   . HOH I 5 .   ? -11.814 -13.219 3.148   1.00 39.26 ? 340 HOH A O   1 
HETATM 1450 O  O   . HOH I 5 .   ? -9.826  -16.358 7.607   1.00 43.33 ? 341 HOH A O   1 
HETATM 1451 O  O   . HOH I 5 .   ? -4.093  12.054  -4.606  1.00 32.86 ? 342 HOH A O   1 
HETATM 1452 O  O   . HOH I 5 .   ? 11.398  -11.207 -9.006  1.00 46.45 ? 343 HOH A O   1 
HETATM 1453 O  O   . HOH I 5 .   ? -7.577  -9.312  5.865   1.00 12.28 ? 344 HOH A O   1 
# 
